data_8YON
#
_entry.id   8YON
#
loop_
_entity.id
_entity.type
_entity.pdbx_description
1 polymer 'DNA topoisomerase medium subunit'
2 polymer 'DNA topoisomerase (ATP-hydrolyzing)'
3 polymer 'DNA (50-MER)'
4 polymer 'DNA (50-MER)'
5 non-polymer 'PHOSPHOAMINOPHOSPHONIC ACID-ADENYLATE ESTER'
#
loop_
_entity_poly.entity_id
_entity_poly.type
_entity_poly.pdbx_seq_one_letter_code
_entity_poly.pdbx_strand_id
1 'polypeptide(L)'
;MQLNNRDLKSIIDNEALAYAMYTVENRAIPNMIDGFKPVQRFVIARALDLARGNKDKFHKLASIAGGVADLGYHHGENSA
QDAGALMANTWNNNFPLLDGQGNFGSRTVQKAAASRYIFARVSKNFYNVYKDTEYAPVHQDKEHIPPAFYLPIIPTVLLN
GVSGIATGYATYILPHSVSSVKKAVLQALQGKKVTKPKVEFPEFRGEVVEIDGQYEIRGTYKFTSRTQMHITEIPYKYDR
ETYVSKILDPLENKGFITWDDACGEHGFGFKVKFRKEYSLSDNEEERHAKIMKDFGLIERRSQNITVINEKGKLQVYDNV
VDLIKDFVEVRKTYVQKRIDNKIKETESAFRLAFAKAHFIKKVISGEIVVQGKTRKELTEELSKIDMYSSYVDKLVGMNI
FHMTSDEAKKLAEEAKAKKEENEYWKTTDVVTEYTKDLEEIKHHHHHHHHHH
;
A,B
2 'polypeptide(L)'
;MIKNEIKILSDIEHIKKRSGMYIGSSANEMHERFLFGKWESVQYVPGLVKLIDEIIDNSVDEGIRTKFKFANKINVTIKN
NQVTVEDNGRGIPQAMVKTPTGEEIPGPVAAWTIPKAGGNFGDDKERVTGGMNGVGSSLTNIFSVMFVGETGDGQNNIVV
RCSNGMENKSWETIPGKWKGTRVTFIPDFMSFETNELSQVYLDITLDRLQTLAVVYPDIQFTFNGKKVQGNFKKYARQYD
EHAIVQEQENCSIAVGRSPDGFRQLTYVNNIHTKNGGHHIDCVMDDICEDLIPQIKRKFKIDVTKARVKECLTIVMFVRD
MKNMRFDSQTKERLTSPFGEIRSHIQLDAKKISRAILNNEAILMPIIEAALARKLAAEKAAETKAAKKASKAKVHKHIKA
NLCGKDADTTLFLTEGDSAIGYLIDVRDKELHGGYPLRGKVLNSWGMSYADMLKNKELFDICAITGLVLGEKAENLNYHN
IAIMTDADHDGLGSIYPSLLGFFSNWPELFEQGRIRFVKTPVIIAHVGKKQEWFYTVAEYESAKDALPKHSIRYIKGLGS
LEKSEYREMIQNPVYDVVKLPENWKELFEMLMGDNADLRKEWMSQHHHHHH
;
C,D
3 'polydeoxyribonucleotide'
;(DA)(DT)(DG)(DC)(DA)(DT)(DA)(DT)(DA)(DT)(DA)(DT)(DG)(DT)(DA)(DT)(DA)(DT)(DG)(DT)
(DA)(DT)(DG)(DT)(DG)(DT)(DG)(DT)(DA)(DT)(DA)(DT)(DA)(DT)(DA)(DC)(DA)(DC)(DA)(DT)
(DA)(DT)(DA)(DT)(DA)(DT)(DA)(DT)(DA)(DT)(DA)(DT)
;
E
4 'polydeoxyribonucleotide'
;(DA)(DT)(DA)(DT)(DA)(DT)(DA)(DT)(DA)(DT)(DA)(DT)(DA)(DT)(DG)(DT)(DG)(DT)(DA)(DT)
(DA)(DT)(DA)(DT)(DA)(DC)(DA)(DC)(DA)(DC)(DA)(DT)(DA)(DC)(DA)(DT)(DA)(DT)(DA)(DC)
(DA)(DT)(DA)(DT)(DA)(DT)(DA)(DT)(DG)(DC)(DA)(DT)
;
F
#
# COMPACT_ATOMS: atom_id res chain seq x y z
N MET A 1 22.04 -11.88 -42.32
CA MET A 1 22.30 -10.62 -43.00
C MET A 1 21.44 -10.49 -44.24
N GLN A 2 20.14 -10.30 -44.05
CA GLN A 2 19.20 -10.16 -45.16
C GLN A 2 18.48 -8.83 -45.03
N LEU A 3 18.33 -8.13 -46.16
CA LEU A 3 17.65 -6.83 -46.20
C LEU A 3 16.78 -6.81 -47.44
N ASN A 4 15.47 -6.70 -47.25
CA ASN A 4 14.52 -6.68 -48.36
C ASN A 4 13.53 -5.55 -48.14
N ASN A 5 13.32 -4.74 -49.18
CA ASN A 5 12.32 -3.68 -49.12
C ASN A 5 10.91 -4.27 -49.08
N ARG A 6 10.10 -3.80 -48.14
CA ARG A 6 8.82 -4.42 -47.83
C ARG A 6 7.74 -3.35 -47.85
N ASP A 7 6.87 -3.42 -48.85
CA ASP A 7 5.86 -2.38 -49.05
C ASP A 7 4.59 -2.70 -48.26
N LEU A 8 3.87 -1.64 -47.90
CA LEU A 8 2.74 -1.75 -46.97
C LEU A 8 1.53 -2.43 -47.60
N LYS A 9 1.35 -2.28 -48.92
CA LYS A 9 0.19 -2.85 -49.61
C LYS A 9 0.24 -4.38 -49.61
N SER A 10 1.41 -4.95 -49.90
CA SER A 10 1.54 -6.40 -49.89
C SER A 10 1.58 -6.93 -48.46
N ILE A 11 2.05 -6.11 -47.51
CA ILE A 11 1.94 -6.42 -46.08
C ILE A 11 0.47 -6.58 -45.69
N ILE A 12 -0.37 -5.65 -46.13
CA ILE A 12 -1.82 -5.71 -45.86
C ILE A 12 -2.42 -6.94 -46.52
N ASP A 13 -2.16 -7.11 -47.83
CA ASP A 13 -2.81 -8.15 -48.63
C ASP A 13 -2.33 -9.56 -48.28
N ASN A 14 -1.18 -9.69 -47.63
CA ASN A 14 -0.80 -11.01 -47.10
C ASN A 14 -1.24 -11.16 -45.65
N GLU A 15 -0.64 -10.41 -44.73
CA GLU A 15 -0.82 -10.80 -43.35
C GLU A 15 -2.01 -10.13 -42.67
N ALA A 16 -2.42 -8.93 -43.10
CA ALA A 16 -3.63 -8.35 -42.51
C ALA A 16 -4.86 -9.10 -43.01
N LEU A 17 -4.82 -9.51 -44.29
CA LEU A 17 -5.89 -10.35 -44.84
C LEU A 17 -5.91 -11.73 -44.20
N ALA A 18 -4.72 -12.28 -43.90
CA ALA A 18 -4.63 -13.55 -43.18
C ALA A 18 -5.17 -13.43 -41.76
N TYR A 19 -4.88 -12.32 -41.08
CA TYR A 19 -5.44 -12.06 -39.75
C TYR A 19 -6.96 -11.90 -39.81
N ALA A 20 -7.46 -11.25 -40.87
CA ALA A 20 -8.90 -11.05 -41.04
C ALA A 20 -9.62 -12.37 -41.24
N MET A 21 -9.11 -13.21 -42.16
CA MET A 21 -9.76 -14.50 -42.41
C MET A 21 -9.55 -15.46 -41.24
N TYR A 22 -8.44 -15.32 -40.51
CA TYR A 22 -8.21 -16.14 -39.33
C TYR A 22 -9.19 -15.79 -38.22
N THR A 23 -9.45 -14.49 -38.03
CA THR A 23 -10.45 -14.07 -37.05
C THR A 23 -11.86 -14.46 -37.48
N VAL A 24 -12.09 -14.55 -38.79
CA VAL A 24 -13.40 -14.98 -39.27
C VAL A 24 -13.62 -16.47 -39.01
N GLU A 25 -12.76 -17.34 -39.59
CA GLU A 25 -13.10 -18.76 -39.46
C GLU A 25 -12.51 -19.40 -38.21
N ASN A 26 -11.25 -19.12 -37.88
CA ASN A 26 -10.63 -19.89 -36.82
C ASN A 26 -10.71 -19.23 -35.45
N ARG A 27 -11.39 -18.09 -35.31
CA ARG A 27 -11.44 -17.48 -33.99
C ARG A 27 -12.85 -17.15 -33.53
N ALA A 28 -13.70 -16.62 -34.42
CA ALA A 28 -15.02 -16.14 -34.00
C ALA A 28 -16.19 -16.95 -34.53
N ILE A 29 -16.33 -17.08 -35.85
CA ILE A 29 -17.59 -17.55 -36.43
C ILE A 29 -17.58 -19.07 -36.57
N PRO A 30 -18.57 -19.77 -36.01
CA PRO A 30 -18.67 -21.21 -36.21
C PRO A 30 -19.23 -21.58 -37.57
N ASN A 31 -18.98 -22.83 -37.96
CA ASN A 31 -19.57 -23.41 -39.16
C ASN A 31 -21.05 -23.68 -38.93
N MET A 32 -21.88 -23.48 -39.98
CA MET A 32 -23.33 -23.45 -39.79
C MET A 32 -23.92 -24.83 -39.50
N ILE A 33 -23.24 -25.90 -39.90
CA ILE A 33 -23.81 -27.24 -39.80
C ILE A 33 -23.84 -27.70 -38.35
N ASP A 34 -22.74 -27.54 -37.63
CA ASP A 34 -22.64 -28.01 -36.26
C ASP A 34 -22.57 -26.91 -35.21
N GLY A 35 -22.17 -25.69 -35.57
CA GLY A 35 -22.19 -24.60 -34.61
C GLY A 35 -21.03 -24.58 -33.64
N PHE A 36 -19.94 -25.27 -33.94
CA PHE A 36 -18.77 -25.27 -33.06
C PHE A 36 -17.72 -24.28 -33.53
N LYS A 37 -17.06 -23.64 -32.56
CA LYS A 37 -15.80 -22.96 -32.79
C LYS A 37 -14.72 -24.02 -32.97
N PRO A 38 -13.62 -23.71 -33.68
CA PRO A 38 -12.48 -24.65 -33.73
C PRO A 38 -11.87 -24.96 -32.38
N VAL A 39 -11.77 -23.96 -31.49
CA VAL A 39 -11.33 -24.18 -30.12
C VAL A 39 -12.38 -25.00 -29.35
N GLN A 40 -13.66 -24.83 -29.71
CA GLN A 40 -14.71 -25.63 -29.10
C GLN A 40 -14.65 -27.07 -29.59
N ARG A 41 -14.29 -27.29 -30.88
CA ARG A 41 -14.02 -28.63 -31.37
C ARG A 41 -12.82 -29.25 -30.66
N PHE A 42 -11.82 -28.45 -30.30
CA PHE A 42 -10.71 -28.92 -29.49
C PHE A 42 -11.19 -29.35 -28.09
N VAL A 43 -12.14 -28.60 -27.52
CA VAL A 43 -12.65 -28.89 -26.17
C VAL A 43 -13.42 -30.21 -26.14
N ILE A 44 -14.38 -30.38 -27.06
CA ILE A 44 -15.12 -31.65 -27.09
C ILE A 44 -14.27 -32.81 -27.66
N ALA A 45 -13.23 -32.54 -28.46
CA ALA A 45 -12.30 -33.59 -28.86
C ALA A 45 -11.45 -34.07 -27.68
N ARG A 46 -11.03 -33.15 -26.83
CA ARG A 46 -10.34 -33.53 -25.60
C ARG A 46 -11.29 -34.23 -24.63
N ALA A 47 -12.58 -33.89 -24.68
CA ALA A 47 -13.58 -34.61 -23.88
C ALA A 47 -13.72 -36.06 -24.34
N LEU A 48 -13.68 -36.28 -25.66
CA LEU A 48 -13.66 -37.64 -26.20
C LEU A 48 -12.40 -38.41 -25.79
N ASP A 49 -11.25 -37.75 -25.86
CA ASP A 49 -9.99 -38.43 -25.53
C ASP A 49 -9.88 -38.68 -24.02
N LEU A 50 -10.50 -37.84 -23.21
CA LEU A 50 -10.51 -38.06 -21.77
C LEU A 50 -11.51 -39.13 -21.37
N ALA A 51 -12.71 -39.13 -21.97
CA ALA A 51 -13.75 -40.08 -21.65
C ALA A 51 -13.79 -41.26 -22.60
N ARG A 52 -12.67 -41.58 -23.26
CA ARG A 52 -12.56 -42.84 -24.00
C ARG A 52 -12.69 -44.04 -23.08
N GLY A 53 -12.14 -43.97 -21.87
CA GLY A 53 -12.27 -45.04 -20.90
C GLY A 53 -13.67 -45.18 -20.31
N ASN A 54 -14.11 -44.15 -19.57
CA ASN A 54 -15.41 -44.17 -18.92
C ASN A 54 -16.12 -42.84 -19.16
N LYS A 55 -17.43 -42.94 -19.41
CA LYS A 55 -18.27 -41.76 -19.55
C LYS A 55 -18.47 -41.05 -18.21
N ASP A 56 -18.57 -41.82 -17.12
CA ASP A 56 -19.06 -41.27 -15.86
C ASP A 56 -17.97 -40.66 -15.00
N LYS A 57 -16.70 -40.80 -15.36
CA LYS A 57 -15.64 -40.20 -14.57
C LYS A 57 -15.58 -38.69 -14.85
N PHE A 58 -15.34 -37.92 -13.79
CA PHE A 58 -15.35 -36.47 -13.88
C PHE A 58 -13.91 -35.98 -14.05
N HIS A 59 -13.67 -35.24 -15.13
CA HIS A 59 -12.35 -34.69 -15.39
C HIS A 59 -12.30 -33.23 -14.97
N LYS A 60 -11.09 -32.78 -14.63
CA LYS A 60 -10.83 -31.41 -14.22
C LYS A 60 -10.88 -30.51 -15.45
N LEU A 61 -11.19 -29.23 -15.24
CA LEU A 61 -11.14 -28.28 -16.35
C LEU A 61 -9.69 -27.99 -16.74
N ALA A 62 -8.77 -28.11 -15.77
CA ALA A 62 -7.35 -28.16 -16.12
C ALA A 62 -7.02 -29.43 -16.90
N SER A 63 -7.72 -30.52 -16.63
CA SER A 63 -7.50 -31.75 -17.37
C SER A 63 -8.10 -31.68 -18.77
N ILE A 64 -9.14 -30.86 -18.96
CA ILE A 64 -9.69 -30.70 -20.31
C ILE A 64 -8.82 -29.68 -21.05
N ALA A 65 -8.01 -28.89 -20.31
CA ALA A 65 -7.09 -27.95 -20.94
C ALA A 65 -5.67 -28.51 -21.11
N GLY A 66 -5.36 -29.67 -20.54
CA GLY A 66 -3.98 -30.13 -20.50
C GLY A 66 -3.32 -30.57 -21.80
N GLY A 67 -3.77 -31.70 -22.36
CA GLY A 67 -3.18 -32.24 -23.57
C GLY A 67 -3.86 -31.80 -24.85
N VAL A 68 -3.69 -30.54 -25.24
CA VAL A 68 -4.47 -29.96 -26.32
C VAL A 68 -3.62 -29.70 -27.55
N ALA A 69 -2.29 -29.58 -27.40
CA ALA A 69 -1.44 -29.21 -28.52
C ALA A 69 -1.18 -30.38 -29.46
N ASP A 70 -1.27 -31.62 -28.97
CA ASP A 70 -1.06 -32.79 -29.81
C ASP A 70 -2.19 -33.02 -30.81
N LEU A 71 -3.36 -32.47 -30.55
CA LEU A 71 -4.49 -32.56 -31.48
C LEU A 71 -4.54 -31.39 -32.45
N GLY A 72 -3.64 -30.41 -32.33
CA GLY A 72 -3.54 -29.36 -33.31
C GLY A 72 -3.87 -27.98 -32.82
N TYR A 73 -4.06 -27.80 -31.52
CA TYR A 73 -4.20 -26.46 -30.96
C TYR A 73 -2.81 -25.84 -30.85
N HIS A 74 -2.73 -24.56 -31.19
CA HIS A 74 -1.42 -23.91 -31.31
C HIS A 74 -1.47 -22.50 -30.74
N HIS A 75 -2.45 -22.22 -29.88
CA HIS A 75 -2.69 -20.85 -29.47
C HIS A 75 -2.88 -20.84 -27.94
N GLY A 76 -3.35 -19.72 -27.42
CA GLY A 76 -3.45 -19.54 -25.98
C GLY A 76 -4.53 -20.42 -25.37
N GLU A 77 -4.12 -21.31 -24.46
CA GLU A 77 -5.03 -22.32 -23.94
C GLU A 77 -6.00 -21.74 -22.92
N ASN A 78 -5.70 -20.56 -22.38
CA ASN A 78 -6.53 -19.94 -21.34
C ASN A 78 -7.90 -19.60 -21.91
N SER A 79 -7.93 -19.21 -23.18
CA SER A 79 -9.19 -19.07 -23.89
C SER A 79 -9.89 -20.41 -24.07
N ALA A 80 -9.14 -21.52 -24.16
CA ALA A 80 -9.78 -22.81 -24.30
C ALA A 80 -10.44 -23.27 -23.00
N GLN A 81 -9.79 -23.09 -21.83
CA GLN A 81 -10.57 -23.45 -20.64
C GLN A 81 -11.63 -22.41 -20.29
N ASP A 82 -11.50 -21.15 -20.73
CA ASP A 82 -12.61 -20.22 -20.49
C ASP A 82 -13.78 -20.48 -21.43
N ALA A 83 -13.50 -20.91 -22.66
CA ALA A 83 -14.56 -21.31 -23.58
C ALA A 83 -15.22 -22.61 -23.13
N GLY A 84 -14.43 -23.51 -22.54
CA GLY A 84 -15.01 -24.68 -21.91
C GLY A 84 -15.85 -24.34 -20.68
N ALA A 85 -15.41 -23.33 -19.92
CA ALA A 85 -16.16 -22.88 -18.75
C ALA A 85 -17.43 -22.12 -19.13
N LEU A 86 -17.52 -21.59 -20.35
CA LEU A 86 -18.72 -20.89 -20.79
C LEU A 86 -19.64 -21.78 -21.62
N MET A 87 -19.63 -23.09 -21.38
CA MET A 87 -20.60 -23.99 -22.03
C MET A 87 -21.29 -24.97 -21.10
N ALA A 88 -20.67 -25.38 -19.99
CA ALA A 88 -21.21 -26.46 -19.16
C ALA A 88 -22.18 -25.95 -18.09
N ASN A 89 -22.67 -24.73 -18.24
CA ASN A 89 -23.66 -24.13 -17.37
C ASN A 89 -25.05 -24.67 -17.66
N THR A 90 -25.94 -24.52 -16.69
CA THR A 90 -27.35 -24.84 -16.86
C THR A 90 -28.21 -23.60 -17.11
N TRP A 91 -27.60 -22.42 -17.12
CA TRP A 91 -28.32 -21.14 -17.09
C TRP A 91 -28.03 -20.23 -18.26
N ASN A 92 -26.81 -20.22 -18.79
CA ASN A 92 -26.52 -19.43 -19.99
C ASN A 92 -26.91 -20.18 -21.25
N ASN A 93 -26.92 -21.51 -21.20
CA ASN A 93 -27.23 -22.35 -22.36
C ASN A 93 -28.42 -23.23 -22.04
N ASN A 94 -29.38 -23.31 -22.97
CA ASN A 94 -30.48 -24.28 -22.86
C ASN A 94 -29.96 -25.70 -22.92
N PHE A 95 -28.97 -25.96 -23.76
CA PHE A 95 -28.61 -27.31 -24.18
C PHE A 95 -27.13 -27.54 -23.89
N PRO A 96 -26.79 -27.98 -22.68
CA PRO A 96 -25.39 -28.32 -22.39
C PRO A 96 -25.00 -29.62 -23.07
N LEU A 97 -23.69 -29.73 -23.34
CA LEU A 97 -23.11 -30.97 -23.83
C LEU A 97 -22.19 -31.59 -22.79
N LEU A 98 -21.99 -30.93 -21.65
CA LEU A 98 -21.05 -31.36 -20.63
C LEU A 98 -21.74 -31.27 -19.28
N ASP A 99 -21.76 -32.38 -18.53
CA ASP A 99 -22.16 -32.31 -17.13
C ASP A 99 -21.07 -31.63 -16.32
N GLY A 100 -21.49 -30.74 -15.43
CA GLY A 100 -20.57 -30.03 -14.56
C GLY A 100 -20.55 -30.60 -13.16
N GLN A 101 -19.57 -30.12 -12.37
CA GLN A 101 -19.43 -30.54 -10.98
C GLN A 101 -18.74 -29.39 -10.24
N GLY A 102 -19.55 -28.62 -9.51
CA GLY A 102 -19.11 -27.40 -8.85
C GLY A 102 -20.10 -26.30 -9.13
N ASN A 103 -19.87 -25.14 -8.51
CA ASN A 103 -20.66 -23.94 -8.81
C ASN A 103 -20.17 -23.37 -10.13
N PHE A 104 -20.76 -23.87 -11.22
CA PHE A 104 -20.61 -23.25 -12.53
C PHE A 104 -21.40 -21.96 -12.63
N GLY A 105 -22.39 -21.77 -11.77
CA GLY A 105 -23.08 -20.51 -11.64
C GLY A 105 -24.58 -20.65 -11.82
N SER A 106 -25.24 -19.51 -11.67
CA SER A 106 -26.64 -19.33 -11.98
C SER A 106 -26.75 -18.03 -12.76
N ARG A 107 -27.96 -17.52 -12.92
CA ARG A 107 -28.12 -16.22 -13.58
C ARG A 107 -27.64 -15.08 -12.68
N THR A 108 -27.59 -15.32 -11.36
CA THR A 108 -27.17 -14.32 -10.39
C THR A 108 -25.65 -14.11 -10.36
N VAL A 109 -24.85 -15.02 -10.91
CA VAL A 109 -23.42 -14.76 -11.13
C VAL A 109 -23.05 -14.97 -12.61
N GLN A 110 -22.59 -13.91 -13.26
CA GLN A 110 -22.21 -14.01 -14.67
C GLN A 110 -20.81 -14.57 -14.85
N LYS A 111 -19.99 -14.57 -13.80
CA LYS A 111 -18.60 -14.96 -13.94
C LYS A 111 -18.44 -16.47 -14.05
N ALA A 112 -17.55 -16.90 -14.93
CA ALA A 112 -17.20 -18.31 -15.01
C ALA A 112 -16.33 -18.70 -13.83
N ALA A 113 -16.36 -19.98 -13.49
CA ALA A 113 -15.56 -20.47 -12.38
C ALA A 113 -14.11 -20.66 -12.82
N ALA A 114 -13.25 -20.91 -11.83
CA ALA A 114 -11.83 -21.00 -12.08
C ALA A 114 -11.46 -22.36 -12.68
N SER A 115 -10.18 -22.52 -12.99
CA SER A 115 -9.68 -23.79 -13.51
C SER A 115 -9.08 -24.63 -12.38
N ARG A 116 -9.33 -24.21 -11.14
CA ARG A 116 -8.77 -24.88 -9.97
C ARG A 116 -9.82 -25.55 -9.10
N TYR A 117 -11.10 -25.50 -9.48
CA TYR A 117 -12.15 -25.95 -8.56
C TYR A 117 -13.21 -26.88 -9.15
N ILE A 118 -13.45 -26.91 -10.45
CA ILE A 118 -14.64 -27.53 -11.01
C ILE A 118 -14.26 -28.75 -11.84
N PHE A 119 -14.98 -29.85 -11.62
CA PHE A 119 -14.86 -31.01 -12.49
C PHE A 119 -15.93 -30.99 -13.57
N ALA A 120 -15.76 -31.83 -14.58
CA ALA A 120 -16.73 -31.95 -15.66
C ALA A 120 -16.58 -33.32 -16.30
N ARG A 121 -17.68 -33.78 -16.89
CA ARG A 121 -17.66 -34.94 -17.78
C ARG A 121 -18.55 -34.61 -18.95
N VAL A 122 -18.59 -35.50 -19.94
CA VAL A 122 -19.49 -35.29 -21.07
C VAL A 122 -20.91 -35.65 -20.64
N SER A 123 -21.88 -35.02 -21.27
CA SER A 123 -23.28 -35.30 -20.97
C SER A 123 -23.78 -36.47 -21.81
N LYS A 124 -25.03 -36.85 -21.56
CA LYS A 124 -25.71 -37.82 -22.41
C LYS A 124 -26.06 -37.21 -23.77
N ASN A 125 -26.14 -35.87 -23.84
CA ASN A 125 -26.59 -35.16 -25.03
C ASN A 125 -25.64 -35.36 -26.22
N PHE A 126 -24.36 -35.60 -25.93
CA PHE A 126 -23.42 -36.03 -26.96
C PHE A 126 -23.84 -37.38 -27.53
N TYR A 127 -24.34 -38.27 -26.66
CA TYR A 127 -24.80 -39.58 -27.11
C TYR A 127 -26.24 -39.54 -27.59
N ASN A 128 -26.89 -38.38 -27.53
CA ASN A 128 -28.21 -38.26 -28.13
C ASN A 128 -28.16 -37.64 -29.50
N VAL A 129 -27.25 -36.69 -29.72
CA VAL A 129 -27.27 -35.92 -30.95
C VAL A 129 -26.18 -36.36 -31.92
N TYR A 130 -24.98 -36.62 -31.43
CA TYR A 130 -23.78 -36.69 -32.27
C TYR A 130 -23.44 -38.16 -32.53
N LYS A 131 -23.82 -38.63 -33.72
CA LYS A 131 -23.76 -40.05 -34.07
C LYS A 131 -22.88 -40.28 -35.28
N ASP A 132 -22.36 -41.51 -35.35
CA ASP A 132 -21.57 -42.06 -36.45
C ASP A 132 -20.32 -41.24 -36.74
N THR A 133 -19.67 -40.76 -35.68
CA THR A 133 -18.61 -39.75 -35.76
C THR A 133 -17.31 -40.36 -36.31
N GLU A 134 -17.24 -41.68 -36.43
CA GLU A 134 -16.22 -42.33 -37.25
C GLU A 134 -16.32 -41.97 -38.73
N TYR A 135 -17.49 -41.53 -39.21
CA TYR A 135 -17.68 -41.07 -40.57
C TYR A 135 -17.58 -39.55 -40.70
N ALA A 136 -16.93 -38.87 -39.74
CA ALA A 136 -16.75 -37.43 -39.84
C ALA A 136 -15.74 -37.10 -40.94
N PRO A 137 -15.93 -35.98 -41.65
CA PRO A 137 -15.01 -35.64 -42.75
C PRO A 137 -13.63 -35.23 -42.24
N VAL A 138 -12.61 -35.86 -42.83
CA VAL A 138 -11.23 -35.73 -42.37
C VAL A 138 -10.71 -34.35 -42.75
N HIS A 139 -10.17 -33.63 -41.76
CA HIS A 139 -9.59 -32.31 -41.99
C HIS A 139 -8.33 -32.41 -42.84
N GLN A 140 -8.05 -31.35 -43.60
CA GLN A 140 -6.94 -31.34 -44.55
C GLN A 140 -5.58 -31.37 -43.85
N ASP A 141 -5.51 -30.86 -42.63
CA ASP A 141 -4.28 -30.90 -41.85
C ASP A 141 -4.15 -32.24 -41.14
N LYS A 142 -2.97 -32.86 -41.27
CA LYS A 142 -2.71 -34.14 -40.60
C LYS A 142 -2.61 -33.95 -39.08
N GLU A 143 -2.07 -32.80 -38.65
CA GLU A 143 -1.99 -32.46 -37.24
C GLU A 143 -3.38 -32.20 -36.64
N HIS A 144 -4.37 -31.86 -37.47
CA HIS A 144 -5.75 -31.64 -37.02
C HIS A 144 -6.39 -32.99 -36.74
N ILE A 145 -6.19 -33.46 -35.49
CA ILE A 145 -6.78 -34.75 -35.08
C ILE A 145 -8.30 -34.67 -34.89
N PRO A 146 -8.90 -33.58 -34.42
CA PRO A 146 -10.34 -33.41 -34.63
C PRO A 146 -10.65 -33.24 -36.11
N PRO A 147 -11.86 -33.62 -36.55
CA PRO A 147 -12.19 -33.57 -37.99
C PRO A 147 -12.39 -32.17 -38.54
N ALA A 148 -12.76 -32.10 -39.83
CA ALA A 148 -13.10 -30.82 -40.45
C ALA A 148 -14.33 -30.20 -39.79
N PHE A 149 -15.36 -31.01 -39.56
CA PHE A 149 -16.48 -30.66 -38.70
C PHE A 149 -17.10 -31.95 -38.16
N TYR A 150 -17.87 -31.81 -37.09
CA TYR A 150 -18.50 -32.96 -36.47
C TYR A 150 -19.81 -33.30 -37.18
N LEU A 151 -20.55 -34.25 -36.64
CA LEU A 151 -21.74 -34.81 -37.28
C LEU A 151 -22.97 -34.61 -36.39
N PRO A 152 -23.70 -33.51 -36.57
CA PRO A 152 -24.94 -33.32 -35.82
C PRO A 152 -26.16 -33.84 -36.56
N ILE A 153 -27.19 -34.19 -35.78
CA ILE A 153 -28.50 -34.47 -36.35
C ILE A 153 -29.43 -33.27 -36.22
N ILE A 154 -28.99 -32.20 -35.58
CA ILE A 154 -29.82 -31.02 -35.34
C ILE A 154 -28.99 -29.79 -35.67
N PRO A 155 -29.65 -28.67 -36.03
CA PRO A 155 -28.92 -27.40 -35.96
C PRO A 155 -28.71 -26.99 -34.51
N THR A 156 -27.48 -27.20 -34.02
CA THR A 156 -27.14 -27.01 -32.62
C THR A 156 -26.96 -25.52 -32.28
N VAL A 157 -26.57 -24.72 -33.26
CA VAL A 157 -26.22 -23.32 -33.06
C VAL A 157 -27.45 -22.49 -32.68
N LEU A 158 -28.64 -22.94 -33.06
CA LEU A 158 -29.88 -22.28 -32.66
C LEU A 158 -30.24 -22.53 -31.21
N LEU A 159 -29.68 -23.57 -30.59
CA LEU A 159 -30.17 -24.03 -29.29
C LEU A 159 -29.59 -23.27 -28.11
N ASN A 160 -28.44 -22.61 -28.26
CA ASN A 160 -27.82 -21.97 -27.11
C ASN A 160 -27.37 -20.54 -27.38
N GLY A 161 -27.39 -20.07 -28.62
CA GLY A 161 -26.99 -18.71 -28.92
C GLY A 161 -25.49 -18.54 -29.08
N VAL A 162 -25.09 -17.88 -30.17
CA VAL A 162 -23.68 -17.68 -30.51
C VAL A 162 -23.49 -16.22 -30.91
N SER A 163 -22.54 -15.54 -30.26
CA SER A 163 -22.16 -14.18 -30.62
C SER A 163 -20.76 -14.22 -31.23
N GLY A 164 -20.69 -14.15 -32.56
CA GLY A 164 -19.42 -14.14 -33.27
C GLY A 164 -19.10 -12.73 -33.73
N ILE A 165 -17.85 -12.34 -33.53
CA ILE A 165 -17.40 -10.98 -33.80
C ILE A 165 -15.96 -10.99 -34.30
N ALA A 166 -15.76 -10.53 -35.53
CA ALA A 166 -14.47 -10.60 -36.20
C ALA A 166 -14.26 -9.33 -37.02
N THR A 167 -13.26 -9.41 -37.91
CA THR A 167 -12.65 -8.25 -38.56
C THR A 167 -13.62 -7.61 -39.53
N GLY A 168 -14.36 -6.62 -39.05
CA GLY A 168 -15.39 -5.98 -39.83
C GLY A 168 -16.70 -6.72 -39.91
N TYR A 169 -16.85 -7.82 -39.18
CA TYR A 169 -18.04 -8.65 -39.34
C TYR A 169 -18.62 -9.05 -37.99
N ALA A 170 -19.94 -9.19 -37.97
CA ALA A 170 -20.65 -9.55 -36.77
C ALA A 170 -21.71 -10.58 -37.13
N THR A 171 -22.03 -11.43 -36.16
CA THR A 171 -23.14 -12.37 -36.25
C THR A 171 -23.63 -12.71 -34.85
N TYR A 172 -24.94 -12.90 -34.74
CA TYR A 172 -25.52 -13.32 -33.48
C TYR A 172 -26.75 -14.17 -33.73
N ILE A 173 -26.76 -15.35 -33.11
CA ILE A 173 -27.94 -16.19 -33.06
C ILE A 173 -28.26 -16.39 -31.58
N LEU A 174 -29.53 -16.69 -31.31
CA LEU A 174 -30.09 -16.67 -29.96
C LEU A 174 -30.64 -18.04 -29.64
N PRO A 175 -30.73 -18.41 -28.35
CA PRO A 175 -31.24 -19.74 -28.01
C PRO A 175 -32.73 -19.91 -28.27
N HIS A 176 -33.13 -21.17 -28.40
CA HIS A 176 -34.52 -21.51 -28.75
C HIS A 176 -35.06 -22.62 -27.86
N SER A 177 -36.23 -23.16 -28.22
CA SER A 177 -36.90 -24.19 -27.44
C SER A 177 -36.72 -25.54 -28.12
N VAL A 178 -36.53 -26.60 -27.31
CA VAL A 178 -36.08 -27.89 -27.83
C VAL A 178 -37.18 -28.58 -28.65
N SER A 179 -38.44 -28.48 -28.20
CA SER A 179 -39.53 -29.13 -28.93
C SER A 179 -39.91 -28.36 -30.19
N SER A 180 -39.64 -27.04 -30.18
CA SER A 180 -39.92 -26.23 -31.36
C SER A 180 -38.95 -26.52 -32.49
N VAL A 181 -37.66 -26.62 -32.17
CA VAL A 181 -36.66 -27.02 -33.17
C VAL A 181 -36.88 -28.47 -33.59
N LYS A 182 -37.34 -29.32 -32.65
CA LYS A 182 -37.64 -30.72 -32.94
C LYS A 182 -38.79 -30.87 -33.94
N LYS A 183 -39.90 -30.14 -33.75
CA LYS A 183 -40.99 -30.24 -34.74
C LYS A 183 -40.65 -29.48 -36.01
N ALA A 184 -39.77 -28.46 -35.93
CA ALA A 184 -39.33 -27.76 -37.13
C ALA A 184 -38.50 -28.67 -38.03
N VAL A 185 -37.59 -29.46 -37.47
CA VAL A 185 -36.83 -30.39 -38.30
C VAL A 185 -37.66 -31.63 -38.63
N LEU A 186 -38.74 -31.89 -37.88
CA LEU A 186 -39.69 -32.93 -38.28
C LEU A 186 -40.46 -32.50 -39.52
N GLN A 187 -40.88 -31.24 -39.58
CA GLN A 187 -41.52 -30.71 -40.79
C GLN A 187 -40.52 -30.58 -41.93
N ALA A 188 -39.26 -30.29 -41.60
CA ALA A 188 -38.23 -30.15 -42.63
C ALA A 188 -37.80 -31.50 -43.19
N LEU A 189 -38.00 -32.58 -42.43
CA LEU A 189 -37.82 -33.92 -42.97
C LEU A 189 -38.86 -34.21 -44.04
N GLN A 190 -40.13 -33.93 -43.73
CA GLN A 190 -41.24 -34.39 -44.54
C GLN A 190 -41.65 -33.40 -45.62
N GLY A 191 -40.89 -32.31 -45.78
CA GLY A 191 -41.19 -31.33 -46.81
C GLY A 191 -42.41 -30.48 -46.53
N LYS A 192 -42.83 -30.41 -45.27
CA LYS A 192 -44.04 -29.71 -44.89
C LYS A 192 -43.76 -28.23 -44.65
N LYS A 193 -44.76 -27.54 -44.11
CA LYS A 193 -44.61 -26.14 -43.73
C LYS A 193 -43.75 -26.11 -42.46
N VAL A 194 -42.61 -25.43 -42.53
CA VAL A 194 -41.68 -25.37 -41.41
C VAL A 194 -41.91 -24.08 -40.64
N THR A 195 -42.24 -24.23 -39.36
CA THR A 195 -42.46 -23.09 -38.47
C THR A 195 -41.12 -22.68 -37.88
N LYS A 196 -40.86 -21.37 -37.86
CA LYS A 196 -39.69 -20.85 -37.18
C LYS A 196 -39.79 -21.11 -35.68
N PRO A 197 -38.75 -21.65 -35.05
CA PRO A 197 -38.87 -22.16 -33.67
C PRO A 197 -39.02 -21.05 -32.64
N LYS A 198 -39.65 -21.42 -31.52
CA LYS A 198 -39.89 -20.49 -30.42
C LYS A 198 -38.58 -20.26 -29.65
N VAL A 199 -38.36 -19.03 -29.25
CA VAL A 199 -37.15 -18.64 -28.53
C VAL A 199 -37.34 -18.93 -27.05
N GLU A 200 -36.42 -19.72 -26.48
CA GLU A 200 -36.42 -20.03 -25.06
C GLU A 200 -35.05 -19.74 -24.48
N PHE A 201 -35.02 -19.08 -23.32
CA PHE A 201 -33.81 -18.87 -22.56
C PHE A 201 -33.98 -19.60 -21.23
N PRO A 202 -32.99 -20.36 -20.75
CA PRO A 202 -33.19 -21.15 -19.54
C PRO A 202 -33.13 -20.30 -18.28
N GLU A 203 -33.85 -20.79 -17.25
CA GLU A 203 -34.07 -20.11 -15.96
C GLU A 203 -34.65 -18.70 -16.15
N PHE A 204 -35.55 -18.56 -17.11
CA PHE A 204 -36.18 -17.29 -17.46
C PHE A 204 -37.69 -17.48 -17.38
N ARG A 205 -38.29 -16.97 -16.30
CA ARG A 205 -39.72 -17.10 -16.10
C ARG A 205 -40.51 -15.96 -16.74
N GLY A 206 -39.83 -15.02 -17.40
CA GLY A 206 -40.48 -14.04 -18.25
C GLY A 206 -40.66 -14.57 -19.65
N GLU A 207 -40.71 -13.66 -20.62
CA GLU A 207 -40.94 -14.08 -21.99
C GLU A 207 -40.15 -13.20 -22.95
N VAL A 208 -39.95 -13.73 -24.16
CA VAL A 208 -39.32 -13.04 -25.27
C VAL A 208 -40.33 -12.91 -26.39
N VAL A 209 -40.58 -11.68 -26.82
CA VAL A 209 -41.52 -11.36 -27.89
C VAL A 209 -40.75 -10.78 -29.06
N GLU A 210 -41.01 -11.29 -30.26
CA GLU A 210 -40.37 -10.77 -31.46
C GLU A 210 -41.21 -9.62 -32.02
N ILE A 211 -40.61 -8.42 -32.10
CA ILE A 211 -41.25 -7.25 -32.68
C ILE A 211 -40.32 -6.75 -33.77
N ASP A 212 -40.78 -6.85 -35.04
CA ASP A 212 -40.16 -6.45 -36.34
C ASP A 212 -38.63 -6.59 -36.40
N GLY A 213 -38.12 -7.77 -36.02
CA GLY A 213 -36.69 -8.04 -36.08
C GLY A 213 -36.02 -7.89 -34.73
N GLN A 214 -36.45 -6.88 -33.99
CA GLN A 214 -36.11 -6.73 -32.58
C GLN A 214 -36.69 -7.90 -31.77
N TYR A 215 -35.95 -8.29 -30.74
CA TYR A 215 -36.45 -9.23 -29.75
C TYR A 215 -36.45 -8.56 -28.39
N GLU A 216 -37.62 -8.56 -27.75
CA GLU A 216 -37.85 -7.98 -26.44
C GLU A 216 -37.84 -9.10 -25.41
N ILE A 217 -36.87 -9.06 -24.51
CA ILE A 217 -36.72 -10.03 -23.43
C ILE A 217 -37.13 -9.32 -22.14
N ARG A 218 -38.22 -9.80 -21.53
CA ARG A 218 -39.00 -8.98 -20.60
C ARG A 218 -38.74 -9.38 -19.15
N GLY A 219 -38.34 -8.41 -18.33
CA GLY A 219 -38.32 -8.62 -16.91
C GLY A 219 -39.69 -8.41 -16.28
N THR A 220 -39.94 -9.11 -15.18
CA THR A 220 -41.26 -9.15 -14.56
C THR A 220 -41.25 -8.45 -13.21
N TYR A 221 -42.33 -7.70 -12.95
CA TYR A 221 -42.53 -6.98 -11.71
C TYR A 221 -43.99 -7.10 -11.32
N LYS A 222 -44.27 -6.86 -10.04
CA LYS A 222 -45.65 -6.90 -9.56
C LYS A 222 -45.84 -5.90 -8.43
N PHE A 223 -47.02 -5.28 -8.42
CA PHE A 223 -47.35 -4.25 -7.43
C PHE A 223 -47.68 -4.94 -6.11
N THR A 224 -46.76 -4.83 -5.15
CA THR A 224 -47.04 -5.32 -3.80
C THR A 224 -48.07 -4.43 -3.10
N SER A 225 -47.96 -3.12 -3.29
CA SER A 225 -48.99 -2.17 -2.88
C SER A 225 -48.94 -1.00 -3.85
N ARG A 226 -49.54 0.13 -3.44
CA ARG A 226 -49.46 1.35 -4.25
C ARG A 226 -48.04 1.89 -4.31
N THR A 227 -47.31 1.82 -3.20
CA THR A 227 -45.93 2.29 -3.14
C THR A 227 -44.91 1.16 -3.03
N GLN A 228 -45.35 -0.08 -2.79
CA GLN A 228 -44.46 -1.23 -2.67
C GLN A 228 -44.59 -2.08 -3.92
N MET A 229 -43.48 -2.71 -4.32
CA MET A 229 -43.42 -3.44 -5.57
C MET A 229 -42.33 -4.50 -5.43
N HIS A 230 -42.46 -5.58 -6.19
CA HIS A 230 -41.50 -6.68 -6.15
C HIS A 230 -41.09 -7.03 -7.57
N ILE A 231 -39.81 -6.91 -7.87
CA ILE A 231 -39.24 -7.38 -9.13
C ILE A 231 -38.90 -8.85 -8.95
N THR A 232 -39.37 -9.69 -9.87
CA THR A 232 -39.25 -11.13 -9.72
C THR A 232 -38.41 -11.75 -10.82
N GLU A 233 -38.45 -11.22 -12.04
CA GLU A 233 -37.52 -11.58 -13.10
C GLU A 233 -36.96 -10.31 -13.71
N ILE A 234 -35.69 -10.37 -14.10
CA ILE A 234 -35.03 -9.29 -14.84
C ILE A 234 -34.46 -9.89 -16.12
N PRO A 235 -34.15 -9.07 -17.13
CA PRO A 235 -33.43 -9.59 -18.30
C PRO A 235 -32.02 -10.08 -17.98
N TYR A 236 -31.53 -10.99 -18.84
CA TYR A 236 -30.30 -11.72 -18.52
C TYR A 236 -29.06 -10.86 -18.70
N LYS A 237 -29.16 -9.81 -19.53
CA LYS A 237 -28.02 -8.90 -19.74
C LYS A 237 -27.74 -8.04 -18.52
N TYR A 238 -28.68 -7.94 -17.59
CA TYR A 238 -28.43 -7.39 -16.27
C TYR A 238 -28.22 -8.54 -15.30
N ASP A 239 -27.08 -8.54 -14.62
CA ASP A 239 -26.79 -9.44 -13.52
C ASP A 239 -27.36 -8.81 -12.24
N ARG A 240 -27.04 -9.39 -11.08
CA ARG A 240 -27.43 -8.80 -9.80
C ARG A 240 -26.72 -7.45 -9.60
N GLU A 241 -25.39 -7.46 -9.68
CA GLU A 241 -24.62 -6.24 -9.50
C GLU A 241 -24.79 -5.29 -10.68
N THR A 242 -25.09 -5.83 -11.86
CA THR A 242 -25.30 -4.96 -13.02
C THR A 242 -26.66 -4.25 -12.94
N TYR A 243 -27.69 -4.94 -12.47
CA TYR A 243 -28.98 -4.30 -12.21
C TYR A 243 -28.89 -3.34 -11.04
N VAL A 244 -27.99 -3.61 -10.08
CA VAL A 244 -27.79 -2.70 -8.96
C VAL A 244 -27.09 -1.43 -9.44
N SER A 245 -25.94 -1.58 -10.12
CA SER A 245 -25.10 -0.44 -10.46
C SER A 245 -25.57 0.31 -11.70
N LYS A 246 -26.45 -0.28 -12.51
CA LYS A 246 -26.97 0.40 -13.68
C LYS A 246 -28.39 0.93 -13.52
N ILE A 247 -29.15 0.41 -12.56
CA ILE A 247 -30.51 0.86 -12.34
C ILE A 247 -30.67 1.30 -10.89
N LEU A 248 -30.36 0.40 -9.95
CA LEU A 248 -30.72 0.62 -8.55
C LEU A 248 -29.80 1.65 -7.88
N ASP A 249 -28.50 1.59 -8.15
CA ASP A 249 -27.60 2.65 -7.68
C ASP A 249 -27.84 4.00 -8.36
N PRO A 250 -28.08 4.12 -9.72
CA PRO A 250 -28.56 5.42 -10.20
C PRO A 250 -30.07 5.61 -10.11
N LEU A 251 -30.66 5.22 -8.98
CA LEU A 251 -32.01 5.65 -8.60
C LEU A 251 -32.13 6.03 -7.13
N GLU A 252 -31.28 5.53 -6.23
CA GLU A 252 -31.26 5.99 -4.86
C GLU A 252 -30.40 7.23 -4.66
N ASN A 253 -29.49 7.52 -5.59
CA ASN A 253 -28.73 8.76 -5.53
C ASN A 253 -29.60 9.97 -5.79
N LYS A 254 -30.61 9.81 -6.65
CA LYS A 254 -31.57 10.86 -6.96
C LYS A 254 -32.79 10.80 -6.05
N GLY A 255 -32.83 9.87 -5.11
CA GLY A 255 -33.94 9.76 -4.16
C GLY A 255 -35.25 9.31 -4.77
N PHE A 256 -35.20 8.36 -5.69
CA PHE A 256 -36.41 7.92 -6.39
C PHE A 256 -37.05 6.69 -5.73
N ILE A 257 -36.29 5.60 -5.60
CA ILE A 257 -36.80 4.33 -5.10
C ILE A 257 -35.98 3.89 -3.89
N THR A 258 -36.33 2.70 -3.37
CA THR A 258 -35.61 2.07 -2.26
C THR A 258 -35.69 0.56 -2.45
N TRP A 259 -34.54 -0.13 -2.47
CA TRP A 259 -34.53 -1.53 -2.85
C TRP A 259 -33.89 -2.39 -1.77
N ASP A 260 -34.30 -3.67 -1.75
CA ASP A 260 -33.74 -4.66 -0.83
C ASP A 260 -33.87 -6.05 -1.44
N ASP A 261 -33.12 -6.99 -0.86
CA ASP A 261 -33.03 -8.34 -1.38
C ASP A 261 -34.28 -9.14 -1.06
N ALA A 262 -34.80 -9.84 -2.07
CA ALA A 262 -35.82 -10.86 -1.90
C ALA A 262 -35.61 -12.03 -2.86
N CYS A 263 -34.35 -12.33 -3.19
CA CYS A 263 -34.02 -13.31 -4.22
C CYS A 263 -34.26 -14.72 -3.70
N GLY A 264 -35.42 -15.27 -4.05
CA GLY A 264 -35.76 -16.62 -3.68
C GLY A 264 -35.07 -17.64 -4.57
N GLU A 265 -35.53 -18.89 -4.43
CA GLU A 265 -34.97 -19.99 -5.21
C GLU A 265 -35.31 -19.91 -6.70
N HIS A 266 -36.34 -19.14 -7.06
CA HIS A 266 -36.69 -18.98 -8.47
C HIS A 266 -35.69 -18.08 -9.18
N GLY A 267 -35.28 -16.98 -8.56
CA GLY A 267 -34.32 -16.10 -9.19
C GLY A 267 -34.21 -14.68 -8.66
N PHE A 268 -34.29 -13.71 -9.58
CA PHE A 268 -33.92 -12.32 -9.29
C PHE A 268 -35.03 -11.61 -8.53
N GLY A 269 -35.03 -11.73 -7.21
CA GLY A 269 -36.05 -11.06 -6.41
C GLY A 269 -35.56 -9.82 -5.69
N PHE A 270 -36.19 -8.69 -5.97
CA PHE A 270 -35.91 -7.45 -5.27
C PHE A 270 -37.24 -6.84 -4.82
N LYS A 271 -37.21 -6.12 -3.71
CA LYS A 271 -38.39 -5.41 -3.22
C LYS A 271 -38.08 -3.92 -3.18
N VAL A 272 -38.96 -3.13 -3.80
CA VAL A 272 -38.74 -1.72 -4.07
C VAL A 272 -39.91 -0.94 -3.49
N LYS A 273 -39.60 0.00 -2.61
CA LYS A 273 -40.54 0.99 -2.11
C LYS A 273 -40.33 2.29 -2.88
N PHE A 274 -41.40 2.80 -3.48
CA PHE A 274 -41.34 4.06 -4.21
C PHE A 274 -41.46 5.22 -3.23
N ARG A 275 -40.54 6.18 -3.34
CA ARG A 275 -40.55 7.32 -2.45
C ARG A 275 -41.59 8.35 -2.90
N LYS A 276 -41.80 9.35 -2.04
CA LYS A 276 -42.82 10.36 -2.31
C LYS A 276 -42.38 11.34 -3.40
N GLU A 277 -41.07 11.44 -3.66
CA GLU A 277 -40.61 12.30 -4.75
C GLU A 277 -40.90 11.67 -6.11
N TYR A 278 -40.72 10.36 -6.22
CA TYR A 278 -41.04 9.64 -7.44
C TYR A 278 -42.55 9.41 -7.50
N SER A 279 -43.25 10.27 -8.22
CA SER A 279 -44.71 10.21 -8.31
C SER A 279 -45.12 9.28 -9.43
N LEU A 280 -46.25 8.61 -9.25
CA LEU A 280 -46.77 7.67 -10.23
C LEU A 280 -48.16 8.11 -10.68
N SER A 281 -48.50 7.79 -11.92
CA SER A 281 -49.79 8.17 -12.48
C SER A 281 -50.91 7.32 -11.89
N ASP A 282 -52.12 7.87 -11.91
CA ASP A 282 -53.29 7.12 -11.44
C ASP A 282 -53.68 6.05 -12.45
N ASN A 283 -53.63 6.37 -13.73
CA ASN A 283 -53.86 5.37 -14.77
C ASN A 283 -52.67 4.42 -14.85
N GLU A 284 -52.96 3.12 -14.94
CA GLU A 284 -51.94 2.12 -14.75
C GLU A 284 -51.10 1.85 -15.99
N GLU A 285 -51.52 2.30 -17.17
CA GLU A 285 -50.80 1.92 -18.38
C GLU A 285 -49.55 2.78 -18.59
N GLU A 286 -49.66 4.10 -18.40
CA GLU A 286 -48.46 4.93 -18.53
C GLU A 286 -47.58 4.83 -17.28
N ARG A 287 -48.18 4.53 -16.13
CA ARG A 287 -47.42 4.22 -14.92
C ARG A 287 -46.62 2.92 -15.10
N HIS A 288 -47.27 1.91 -15.72
CA HIS A 288 -46.63 0.63 -16.00
C HIS A 288 -45.50 0.80 -17.02
N ALA A 289 -45.73 1.60 -18.07
CA ALA A 289 -44.69 1.85 -19.06
C ALA A 289 -43.55 2.68 -18.50
N LYS A 290 -43.85 3.62 -17.60
CA LYS A 290 -42.83 4.44 -16.95
C LYS A 290 -41.95 3.60 -16.03
N ILE A 291 -42.55 2.69 -15.26
CA ILE A 291 -41.79 1.78 -14.41
C ILE A 291 -41.01 0.79 -15.27
N MET A 292 -41.60 0.36 -16.40
CA MET A 292 -40.99 -0.62 -17.28
C MET A 292 -39.78 -0.05 -18.00
N LYS A 293 -39.81 1.26 -18.28
CA LYS A 293 -38.66 1.93 -18.90
C LYS A 293 -37.62 2.34 -17.87
N ASP A 294 -38.05 2.82 -16.70
CA ASP A 294 -37.11 3.34 -15.71
C ASP A 294 -36.32 2.22 -15.04
N PHE A 295 -36.97 1.08 -14.80
CA PHE A 295 -36.28 -0.04 -14.17
C PHE A 295 -35.45 -0.85 -15.15
N GLY A 296 -35.57 -0.59 -16.46
CA GLY A 296 -34.76 -1.28 -17.45
C GLY A 296 -35.07 -2.75 -17.59
N LEU A 297 -36.34 -3.13 -17.48
CA LEU A 297 -36.73 -4.54 -17.59
C LEU A 297 -36.96 -4.97 -19.03
N ILE A 298 -36.74 -4.06 -20.00
CA ILE A 298 -36.73 -4.38 -21.42
C ILE A 298 -35.31 -4.74 -21.81
N GLU A 299 -35.12 -5.88 -22.48
CA GLU A 299 -33.89 -6.15 -23.20
C GLU A 299 -34.21 -6.18 -24.68
N ARG A 300 -33.76 -5.15 -25.39
CA ARG A 300 -33.78 -5.13 -26.83
C ARG A 300 -32.65 -5.99 -27.37
N ARG A 301 -32.90 -6.67 -28.48
CA ARG A 301 -31.88 -7.41 -29.21
C ARG A 301 -32.14 -7.34 -30.70
N SER A 302 -31.06 -7.42 -31.49
CA SER A 302 -31.11 -7.49 -32.94
C SER A 302 -30.29 -8.68 -33.42
N GLN A 303 -30.64 -9.21 -34.59
CA GLN A 303 -30.02 -10.40 -35.13
C GLN A 303 -29.03 -10.05 -36.24
N ASN A 304 -28.10 -10.98 -36.49
CA ASN A 304 -27.15 -10.90 -37.59
C ASN A 304 -26.67 -12.31 -37.86
N ILE A 305 -26.67 -12.72 -39.13
CA ILE A 305 -26.24 -14.06 -39.54
C ILE A 305 -25.20 -13.86 -40.64
N THR A 306 -23.93 -14.10 -40.30
CA THR A 306 -22.83 -14.18 -41.27
C THR A 306 -22.06 -15.42 -40.83
N VAL A 307 -22.39 -16.56 -41.43
CA VAL A 307 -21.96 -17.86 -40.89
C VAL A 307 -21.20 -18.58 -42.01
N ILE A 308 -20.63 -19.76 -41.72
CA ILE A 308 -19.61 -20.38 -42.56
C ILE A 308 -20.12 -21.72 -43.07
N ASN A 309 -20.01 -21.94 -44.38
CA ASN A 309 -20.43 -23.18 -45.03
C ASN A 309 -19.32 -24.24 -44.94
N GLU A 310 -19.55 -25.35 -45.63
CA GLU A 310 -18.59 -26.44 -45.72
C GLU A 310 -17.53 -26.20 -46.78
N LYS A 311 -17.67 -25.16 -47.60
CA LYS A 311 -16.73 -24.86 -48.67
C LYS A 311 -15.70 -23.82 -48.25
N GLY A 312 -15.62 -23.49 -46.97
CA GLY A 312 -14.64 -22.55 -46.46
C GLY A 312 -14.82 -21.11 -46.87
N LYS A 313 -16.05 -20.61 -46.88
CA LYS A 313 -16.32 -19.21 -47.17
C LYS A 313 -17.59 -18.79 -46.44
N LEU A 314 -17.92 -17.51 -46.54
CA LEU A 314 -19.04 -16.96 -45.80
C LEU A 314 -20.36 -17.22 -46.52
N GLN A 315 -21.45 -17.04 -45.78
CA GLN A 315 -22.81 -17.16 -46.29
C GLN A 315 -23.71 -16.41 -45.33
N VAL A 316 -24.59 -15.56 -45.86
CA VAL A 316 -25.48 -14.72 -45.06
C VAL A 316 -26.91 -15.21 -45.25
N TYR A 317 -27.57 -15.57 -44.16
CA TYR A 317 -28.96 -16.01 -44.18
C TYR A 317 -29.85 -14.94 -43.55
N ASP A 318 -31.05 -14.78 -44.12
CA ASP A 318 -32.01 -13.84 -43.54
C ASP A 318 -32.69 -14.42 -42.31
N ASN A 319 -32.92 -15.73 -42.29
CA ASN A 319 -33.78 -16.33 -41.27
C ASN A 319 -33.23 -17.69 -40.86
N VAL A 320 -34.08 -18.45 -40.17
CA VAL A 320 -33.74 -19.73 -39.59
C VAL A 320 -33.99 -20.89 -40.56
N VAL A 321 -35.08 -20.77 -41.34
CA VAL A 321 -35.64 -21.90 -42.08
C VAL A 321 -34.74 -22.30 -43.25
N ASP A 322 -34.08 -21.32 -43.88
CA ASP A 322 -33.18 -21.61 -45.00
C ASP A 322 -31.94 -22.38 -44.52
N LEU A 323 -31.40 -21.99 -43.37
CA LEU A 323 -30.29 -22.72 -42.76
C LEU A 323 -30.74 -24.11 -42.31
N ILE A 324 -31.99 -24.23 -41.87
CA ILE A 324 -32.55 -25.53 -41.48
C ILE A 324 -32.63 -26.47 -42.69
N LYS A 325 -33.15 -25.99 -43.81
CA LYS A 325 -33.31 -26.87 -44.97
C LYS A 325 -31.97 -27.15 -45.66
N ASP A 326 -31.02 -26.22 -45.57
CA ASP A 326 -29.66 -26.51 -46.03
C ASP A 326 -29.00 -27.58 -45.16
N PHE A 327 -29.23 -27.54 -43.85
CA PHE A 327 -28.78 -28.60 -42.96
C PHE A 327 -29.45 -29.93 -43.28
N VAL A 328 -30.74 -29.90 -43.63
CA VAL A 328 -31.48 -31.12 -43.98
C VAL A 328 -30.91 -31.76 -45.24
N GLU A 329 -30.61 -30.96 -46.26
CA GLU A 329 -30.11 -31.56 -47.50
C GLU A 329 -28.66 -32.05 -47.35
N VAL A 330 -27.81 -31.34 -46.60
CA VAL A 330 -26.45 -31.84 -46.42
C VAL A 330 -26.45 -33.06 -45.49
N ARG A 331 -27.38 -33.13 -44.55
CA ARG A 331 -27.51 -34.30 -43.68
C ARG A 331 -28.03 -35.50 -44.45
N LYS A 332 -28.95 -35.28 -45.39
CA LYS A 332 -29.45 -36.37 -46.22
C LYS A 332 -28.38 -36.93 -47.14
N THR A 333 -27.55 -36.05 -47.74
CA THR A 333 -26.45 -36.50 -48.58
C THR A 333 -25.40 -37.27 -47.79
N TYR A 334 -24.99 -36.75 -46.62
CA TYR A 334 -23.93 -37.45 -45.88
C TYR A 334 -24.45 -38.70 -45.16
N VAL A 335 -25.74 -38.75 -44.80
CA VAL A 335 -26.30 -39.98 -44.25
C VAL A 335 -26.45 -41.03 -45.35
N GLN A 336 -26.75 -40.61 -46.59
CA GLN A 336 -26.76 -41.53 -47.72
C GLN A 336 -25.36 -42.10 -48.00
N LYS A 337 -24.33 -41.24 -47.90
CA LYS A 337 -22.95 -41.72 -48.03
C LYS A 337 -22.57 -42.67 -46.91
N ARG A 338 -23.01 -42.39 -45.68
CA ARG A 338 -22.63 -43.24 -44.56
C ARG A 338 -23.37 -44.58 -44.58
N ILE A 339 -24.58 -44.64 -45.16
CA ILE A 339 -25.24 -45.93 -45.23
C ILE A 339 -24.72 -46.75 -46.41
N ASP A 340 -24.22 -46.06 -47.45
CA ASP A 340 -23.57 -46.80 -48.55
C ASP A 340 -22.27 -47.39 -48.02
N ASN A 341 -21.55 -46.62 -47.20
CA ASN A 341 -20.29 -47.12 -46.57
C ASN A 341 -20.61 -48.27 -45.62
N LYS A 342 -21.71 -48.17 -44.88
CA LYS A 342 -22.12 -49.27 -43.97
C LYS A 342 -22.41 -50.51 -44.80
N ILE A 343 -23.04 -50.35 -45.98
CA ILE A 343 -23.28 -51.51 -46.88
C ILE A 343 -21.93 -52.14 -47.23
N LYS A 344 -20.92 -51.31 -47.53
CA LYS A 344 -19.58 -51.82 -47.90
C LYS A 344 -18.98 -52.61 -46.74
N GLU A 345 -19.15 -52.14 -45.51
CA GLU A 345 -18.49 -52.84 -44.35
C GLU A 345 -19.34 -54.03 -43.91
N THR A 346 -20.68 -53.92 -44.01
CA THR A 346 -21.57 -55.03 -43.59
C THR A 346 -21.37 -56.23 -44.51
N GLU A 347 -21.01 -56.00 -45.78
CA GLU A 347 -20.72 -57.14 -46.66
C GLU A 347 -19.29 -57.65 -46.44
N SER A 348 -18.36 -56.76 -46.05
CA SER A 348 -17.00 -57.22 -45.73
C SER A 348 -16.96 -58.09 -44.48
N ALA A 349 -17.71 -57.72 -43.46
CA ALA A 349 -17.73 -58.50 -42.23
C ALA A 349 -18.55 -59.78 -42.38
N PHE A 350 -19.59 -59.76 -43.25
CA PHE A 350 -20.18 -61.02 -43.74
C PHE A 350 -19.15 -61.93 -44.39
N ARG A 351 -18.32 -61.38 -45.27
CA ARG A 351 -17.35 -62.21 -45.99
C ARG A 351 -16.33 -62.81 -45.03
N LEU A 352 -15.91 -62.03 -44.03
CA LEU A 352 -14.98 -62.53 -43.03
C LEU A 352 -15.64 -63.54 -42.09
N ALA A 353 -16.93 -63.34 -41.73
CA ALA A 353 -17.61 -64.26 -40.82
C ALA A 353 -17.90 -65.60 -41.48
N PHE A 354 -18.32 -65.58 -42.75
CA PHE A 354 -18.55 -66.83 -43.46
C PHE A 354 -17.24 -67.55 -43.74
N ALA A 355 -16.16 -66.79 -43.99
CA ALA A 355 -14.85 -67.40 -44.19
C ALA A 355 -14.32 -68.07 -42.93
N LYS A 356 -14.49 -67.42 -41.77
CA LYS A 356 -14.01 -68.04 -40.53
C LYS A 356 -14.89 -69.20 -40.09
N ALA A 357 -16.20 -69.15 -40.41
CA ALA A 357 -17.08 -70.28 -40.10
C ALA A 357 -16.78 -71.50 -40.97
N HIS A 358 -16.58 -71.30 -42.27
CA HIS A 358 -16.23 -72.42 -43.16
C HIS A 358 -14.83 -72.95 -42.87
N PHE A 359 -13.92 -72.05 -42.48
CA PHE A 359 -12.58 -72.47 -42.10
C PHE A 359 -12.59 -73.33 -40.84
N ILE A 360 -13.36 -72.93 -39.84
CA ILE A 360 -13.46 -73.72 -38.61
C ILE A 360 -14.14 -75.06 -38.88
N LYS A 361 -15.17 -75.05 -39.74
CA LYS A 361 -15.86 -76.30 -40.09
C LYS A 361 -14.99 -77.25 -40.90
N LYS A 362 -14.00 -76.73 -41.64
CA LYS A 362 -13.05 -77.65 -42.27
C LYS A 362 -11.90 -78.03 -41.35
N VAL A 363 -11.56 -77.18 -40.37
CA VAL A 363 -10.50 -77.51 -39.43
C VAL A 363 -10.95 -78.62 -38.47
N ILE A 364 -12.20 -78.54 -37.99
CA ILE A 364 -12.76 -79.61 -37.14
C ILE A 364 -12.90 -80.91 -37.92
N SER A 365 -13.53 -80.84 -39.10
CA SER A 365 -13.81 -82.02 -39.91
C SER A 365 -13.34 -81.75 -41.34
N GLY A 366 -12.18 -82.29 -41.68
CA GLY A 366 -11.65 -82.13 -43.02
C GLY A 366 -10.17 -82.48 -43.06
N GLU A 367 -9.52 -82.14 -44.18
CA GLU A 367 -8.08 -82.43 -44.34
C GLU A 367 -7.27 -81.19 -43.93
N ILE A 368 -7.96 -80.08 -43.67
CA ILE A 368 -7.26 -78.81 -43.32
C ILE A 368 -6.90 -78.83 -41.83
N VAL A 369 -5.72 -79.36 -41.49
CA VAL A 369 -5.28 -79.43 -40.07
C VAL A 369 -3.78 -79.08 -40.00
N VAL A 370 -3.30 -78.68 -38.82
CA VAL A 370 -1.85 -78.34 -38.64
C VAL A 370 -1.25 -79.31 -37.62
N GLN A 371 -0.07 -79.86 -37.92
CA GLN A 371 0.60 -80.82 -36.99
C GLN A 371 2.12 -80.74 -37.20
N GLY A 372 2.82 -79.96 -36.39
CA GLY A 372 4.30 -79.88 -36.47
C GLY A 372 4.76 -79.66 -37.91
N LYS A 373 4.08 -78.79 -38.65
CA LYS A 373 4.46 -78.51 -40.06
C LYS A 373 5.24 -77.19 -40.12
N THR A 374 5.24 -76.51 -41.27
CA THR A 374 5.89 -75.18 -41.35
C THR A 374 4.82 -74.11 -41.50
N ARG A 375 4.63 -73.28 -40.46
CA ARG A 375 3.62 -72.23 -40.48
C ARG A 375 3.48 -71.56 -41.86
N LYS A 376 4.60 -71.35 -42.56
CA LYS A 376 4.59 -70.55 -43.79
C LYS A 376 3.94 -71.29 -44.94
N GLU A 377 4.25 -72.59 -45.11
CA GLU A 377 3.64 -73.36 -46.18
C GLU A 377 2.18 -73.66 -45.87
N LEU A 378 1.81 -73.69 -44.59
CA LEU A 378 0.40 -73.78 -44.21
C LEU A 378 -0.37 -72.53 -44.63
N THR A 379 0.22 -71.35 -44.43
CA THR A 379 -0.42 -70.11 -44.88
C THR A 379 -0.46 -70.01 -46.40
N GLU A 380 0.55 -70.56 -47.08
CA GLU A 380 0.51 -70.59 -48.54
C GLU A 380 -0.54 -71.59 -49.05
N GLU A 381 -0.72 -72.69 -48.32
CA GLU A 381 -1.79 -73.66 -48.63
C GLU A 381 -3.16 -73.04 -48.44
N LEU A 382 -3.33 -72.22 -47.40
CA LEU A 382 -4.57 -71.44 -47.26
C LEU A 382 -4.68 -70.36 -48.33
N SER A 383 -3.55 -69.87 -48.84
CA SER A 383 -3.58 -68.88 -49.92
C SER A 383 -3.93 -69.52 -51.26
N LYS A 384 -3.78 -70.85 -51.38
CA LYS A 384 -4.31 -71.54 -52.57
C LYS A 384 -5.84 -71.47 -52.62
N ILE A 385 -6.49 -71.52 -51.46
CA ILE A 385 -7.95 -71.45 -51.41
C ILE A 385 -8.40 -70.02 -51.67
N ASP A 386 -9.39 -69.86 -52.56
CA ASP A 386 -9.83 -68.53 -52.98
C ASP A 386 -10.59 -67.82 -51.87
N MET A 387 -11.39 -68.54 -51.09
CA MET A 387 -12.15 -67.93 -50.02
C MET A 387 -11.51 -68.11 -48.65
N TYR A 388 -10.31 -68.68 -48.59
CA TYR A 388 -9.40 -68.44 -47.47
C TYR A 388 -8.34 -67.39 -47.79
N SER A 389 -8.35 -66.87 -49.02
CA SER A 389 -7.37 -65.86 -49.42
C SER A 389 -7.69 -64.52 -48.75
N SER A 390 -6.62 -63.74 -48.51
CA SER A 390 -6.54 -62.41 -47.90
C SER A 390 -6.89 -62.39 -46.40
N TYR A 391 -7.28 -63.53 -45.85
CA TYR A 391 -7.45 -63.74 -44.40
C TYR A 391 -6.66 -65.02 -44.11
N VAL A 392 -5.38 -64.87 -43.81
CA VAL A 392 -4.54 -65.99 -43.40
C VAL A 392 -3.76 -65.63 -42.14
N ASP A 393 -3.68 -64.32 -41.85
CA ASP A 393 -2.78 -63.86 -40.79
C ASP A 393 -3.38 -64.07 -39.40
N LYS A 394 -4.66 -63.79 -39.23
CA LYS A 394 -5.28 -64.04 -37.92
C LYS A 394 -5.75 -65.48 -37.76
N LEU A 395 -5.72 -66.27 -38.82
CA LEU A 395 -6.20 -67.66 -38.73
C LEU A 395 -5.18 -68.54 -38.02
N VAL A 396 -3.89 -68.29 -38.25
CA VAL A 396 -2.87 -69.00 -37.47
C VAL A 396 -2.83 -68.48 -36.04
N GLY A 397 -3.09 -67.19 -35.84
CA GLY A 397 -3.20 -66.66 -34.50
C GLY A 397 -4.64 -66.65 -34.02
N MET A 398 -5.22 -67.84 -33.90
CA MET A 398 -6.61 -67.99 -33.51
C MET A 398 -6.64 -69.13 -32.50
N ASN A 399 -7.48 -69.00 -31.47
CA ASN A 399 -7.29 -69.74 -30.22
C ASN A 399 -7.71 -71.21 -30.34
N ILE A 400 -7.22 -72.02 -29.40
CA ILE A 400 -7.46 -73.46 -29.47
C ILE A 400 -8.83 -73.82 -28.93
N PHE A 401 -9.46 -72.92 -28.17
CA PHE A 401 -10.77 -73.29 -27.62
C PHE A 401 -11.89 -73.13 -28.64
N HIS A 402 -11.62 -72.52 -29.80
CA HIS A 402 -12.54 -72.64 -30.92
C HIS A 402 -12.50 -74.06 -31.50
N MET A 403 -11.40 -74.77 -31.25
CA MET A 403 -11.22 -76.17 -31.64
C MET A 403 -12.21 -77.08 -30.92
N THR A 404 -12.67 -76.69 -29.73
CA THR A 404 -13.79 -77.38 -29.10
C THR A 404 -15.08 -77.10 -29.87
N SER A 405 -16.00 -78.06 -29.81
CA SER A 405 -17.21 -77.98 -30.62
C SER A 405 -18.27 -77.05 -30.05
N ASP A 406 -18.04 -76.47 -28.87
CA ASP A 406 -18.97 -75.50 -28.33
C ASP A 406 -18.97 -74.19 -29.12
N GLU A 407 -17.82 -73.82 -29.67
CA GLU A 407 -17.66 -72.57 -30.39
C GLU A 407 -17.65 -72.72 -31.92
N ALA A 408 -17.53 -73.96 -32.40
CA ALA A 408 -17.59 -74.20 -33.84
C ALA A 408 -19.00 -73.95 -34.37
N LYS A 409 -20.01 -74.19 -33.55
CA LYS A 409 -21.35 -73.74 -33.88
C LYS A 409 -21.54 -72.25 -33.59
N LYS A 410 -20.81 -71.72 -32.58
CA LYS A 410 -20.98 -70.33 -32.17
C LYS A 410 -20.56 -69.36 -33.26
N LEU A 411 -19.46 -69.69 -33.96
CA LEU A 411 -19.01 -68.92 -35.13
C LEU A 411 -20.06 -68.92 -36.23
N ALA A 412 -20.74 -70.06 -36.39
CA ALA A 412 -21.76 -70.17 -37.46
C ALA A 412 -22.99 -69.32 -37.10
N GLU A 413 -23.47 -69.40 -35.86
CA GLU A 413 -24.69 -68.65 -35.47
C GLU A 413 -24.41 -67.14 -35.51
N GLU A 414 -23.20 -66.72 -35.13
CA GLU A 414 -22.83 -65.28 -35.22
C GLU A 414 -22.77 -64.87 -36.68
N ALA A 415 -22.35 -65.78 -37.57
CA ALA A 415 -22.34 -65.48 -39.02
C ALA A 415 -23.79 -65.31 -39.49
N LYS A 416 -24.72 -66.10 -38.94
CA LYS A 416 -26.16 -65.95 -39.29
C LYS A 416 -26.64 -64.59 -38.77
N ALA A 417 -26.16 -64.18 -37.59
CA ALA A 417 -26.53 -62.84 -37.07
C ALA A 417 -26.00 -61.77 -38.04
N LYS A 418 -24.79 -61.98 -38.58
CA LYS A 418 -24.25 -61.03 -39.59
C LYS A 418 -25.20 -61.03 -40.80
N LYS A 419 -25.60 -62.21 -41.28
CA LYS A 419 -26.54 -62.32 -42.40
C LYS A 419 -27.76 -61.41 -42.20
N GLU A 420 -28.41 -61.54 -41.03
CA GLU A 420 -29.63 -60.77 -40.80
C GLU A 420 -29.33 -59.28 -40.64
N GLU A 421 -28.16 -58.91 -40.11
CA GLU A 421 -27.78 -57.50 -40.10
C GLU A 421 -27.36 -57.00 -41.48
N ASN A 422 -26.81 -57.87 -42.32
CA ASN A 422 -26.37 -57.49 -43.66
C ASN A 422 -27.56 -57.16 -44.54
N GLU A 423 -28.47 -58.12 -44.73
CA GLU A 423 -29.69 -57.79 -45.47
C GLU A 423 -30.76 -57.11 -44.62
N TYR A 424 -30.45 -56.71 -43.38
CA TYR A 424 -31.24 -55.67 -42.74
C TYR A 424 -30.77 -54.29 -43.16
N TRP A 425 -29.45 -54.06 -43.22
CA TRP A 425 -28.94 -52.76 -43.63
C TRP A 425 -28.85 -52.60 -45.15
N LYS A 426 -29.18 -53.62 -45.92
CA LYS A 426 -29.31 -53.47 -47.37
C LYS A 426 -30.65 -52.87 -47.79
N THR A 427 -31.61 -52.75 -46.87
CA THR A 427 -32.95 -52.27 -47.19
C THR A 427 -33.27 -50.91 -46.60
N THR A 428 -32.47 -50.43 -45.64
CA THR A 428 -32.79 -49.19 -44.95
C THR A 428 -32.48 -47.98 -45.81
N ASP A 429 -33.05 -46.84 -45.43
CA ASP A 429 -32.88 -45.59 -46.16
C ASP A 429 -32.44 -44.50 -45.19
N VAL A 430 -32.35 -43.27 -45.71
CA VAL A 430 -32.00 -42.11 -44.88
C VAL A 430 -33.12 -41.80 -43.90
N VAL A 431 -34.36 -41.81 -44.40
CA VAL A 431 -35.46 -41.12 -43.72
C VAL A 431 -35.95 -41.90 -42.50
N THR A 432 -35.98 -43.23 -42.57
CA THR A 432 -36.50 -44.00 -41.44
C THR A 432 -35.47 -44.10 -40.31
N GLU A 433 -34.18 -44.12 -40.64
CA GLU A 433 -33.15 -44.14 -39.61
C GLU A 433 -33.01 -42.78 -38.96
N TYR A 434 -33.19 -41.70 -39.73
CA TYR A 434 -33.13 -40.38 -39.12
C TYR A 434 -34.43 -40.07 -38.38
N THR A 435 -35.53 -40.74 -38.74
CA THR A 435 -36.76 -40.71 -37.94
C THR A 435 -36.54 -41.41 -36.59
N LYS A 436 -35.81 -42.52 -36.60
CA LYS A 436 -35.38 -43.18 -35.36
C LYS A 436 -34.49 -42.27 -34.52
N ASP A 437 -33.61 -41.52 -35.20
CA ASP A 437 -32.73 -40.55 -34.54
C ASP A 437 -33.52 -39.41 -33.89
N LEU A 438 -34.59 -38.94 -34.54
CA LEU A 438 -35.38 -37.90 -33.88
C LEU A 438 -36.27 -38.46 -32.78
N GLU A 439 -36.73 -39.72 -32.88
CA GLU A 439 -37.54 -40.24 -31.78
C GLU A 439 -36.70 -40.83 -30.66
N GLU A 440 -35.37 -40.80 -30.78
CA GLU A 440 -34.52 -41.13 -29.63
C GLU A 440 -34.65 -40.12 -28.48
N ILE A 441 -35.06 -38.89 -28.77
CA ILE A 441 -35.30 -37.90 -27.72
C ILE A 441 -36.61 -38.26 -27.01
N MET B 1 -26.98 -30.26 15.36
CA MET B 1 -26.91 -28.80 15.36
C MET B 1 -25.52 -28.51 15.92
N GLN B 2 -25.25 -29.16 17.07
CA GLN B 2 -23.91 -29.33 17.67
C GLN B 2 -23.24 -27.99 18.03
N LEU B 3 -23.81 -27.33 19.04
CA LEU B 3 -23.16 -26.17 19.65
C LEU B 3 -22.10 -26.67 20.63
N ASN B 4 -20.96 -27.08 20.08
CA ASN B 4 -19.90 -27.69 20.87
C ASN B 4 -18.80 -26.69 21.17
N ASN B 5 -18.23 -26.80 22.35
CA ASN B 5 -17.07 -26.00 22.74
C ASN B 5 -15.83 -26.72 22.22
N ARG B 6 -15.15 -26.10 21.26
CA ARG B 6 -13.87 -26.60 20.76
C ARG B 6 -12.79 -25.69 21.33
N ASP B 7 -12.13 -26.14 22.38
CA ASP B 7 -11.19 -25.31 23.13
C ASP B 7 -9.89 -25.18 22.36
N LEU B 8 -9.08 -24.17 22.75
CA LEU B 8 -7.92 -23.79 21.94
C LEU B 8 -6.78 -24.79 22.05
N LYS B 9 -6.64 -25.49 23.18
CA LYS B 9 -5.66 -26.60 23.26
C LYS B 9 -6.01 -27.71 22.28
N SER B 10 -7.30 -28.03 22.17
CA SER B 10 -7.77 -29.00 21.18
C SER B 10 -7.52 -28.50 19.76
N ILE B 11 -7.81 -27.21 19.50
CA ILE B 11 -7.67 -26.59 18.18
C ILE B 11 -6.21 -26.63 17.73
N ILE B 12 -5.31 -26.21 18.62
CA ILE B 12 -3.87 -26.17 18.32
C ILE B 12 -3.32 -27.58 18.18
N ASP B 13 -3.39 -28.38 19.25
CA ASP B 13 -2.70 -29.66 19.31
C ASP B 13 -3.34 -30.74 18.44
N ASN B 14 -4.54 -30.52 17.88
CA ASN B 14 -4.99 -31.38 16.81
C ASN B 14 -4.77 -30.75 15.44
N GLU B 15 -5.42 -29.61 15.15
CA GLU B 15 -5.48 -29.11 13.78
C GLU B 15 -4.16 -28.46 13.38
N ALA B 16 -3.62 -27.57 14.23
CA ALA B 16 -2.38 -26.90 13.86
C ALA B 16 -1.20 -27.86 13.93
N LEU B 17 -1.28 -28.86 14.81
CA LEU B 17 -0.25 -29.89 14.87
C LEU B 17 -0.28 -30.77 13.62
N ALA B 18 -1.47 -31.08 13.10
CA ALA B 18 -1.55 -31.82 11.84
C ALA B 18 -1.09 -30.97 10.66
N TYR B 19 -1.37 -29.66 10.69
CA TYR B 19 -0.88 -28.75 9.66
C TYR B 19 0.64 -28.65 9.69
N ALA B 20 1.22 -28.59 10.90
CA ALA B 20 2.66 -28.59 11.07
C ALA B 20 3.28 -29.89 10.60
N MET B 21 2.61 -31.01 10.88
CA MET B 21 3.05 -32.33 10.42
C MET B 21 3.04 -32.44 8.89
N TYR B 22 2.01 -31.87 8.26
CA TYR B 22 1.93 -31.84 6.80
C TYR B 22 3.04 -30.99 6.20
N THR B 23 3.36 -29.85 6.84
CA THR B 23 4.45 -29.02 6.33
C THR B 23 5.81 -29.71 6.48
N VAL B 24 6.06 -30.34 7.63
CA VAL B 24 7.39 -30.87 7.88
C VAL B 24 7.61 -32.20 7.17
N GLU B 25 6.54 -32.95 6.90
CA GLU B 25 6.76 -34.32 6.42
C GLU B 25 6.14 -34.60 5.05
N ASN B 26 5.30 -33.71 4.52
CA ASN B 26 4.65 -34.00 3.26
C ASN B 26 4.57 -32.77 2.36
N ARG B 27 5.24 -31.67 2.72
CA ARG B 27 5.27 -30.49 1.86
C ARG B 27 6.70 -30.07 1.54
N ALA B 28 7.57 -30.10 2.54
CA ALA B 28 8.87 -29.46 2.44
C ALA B 28 10.04 -30.43 2.27
N ILE B 29 9.99 -31.58 2.92
CA ILE B 29 11.19 -32.39 3.07
C ILE B 29 11.41 -33.21 1.80
N PRO B 30 12.63 -33.34 1.31
CA PRO B 30 12.99 -34.51 0.50
C PRO B 30 13.63 -35.61 1.33
N ASN B 31 13.34 -36.86 1.00
CA ASN B 31 13.99 -37.99 1.66
C ASN B 31 15.46 -38.07 1.24
N MET B 32 16.26 -38.75 2.06
CA MET B 32 17.68 -38.90 1.76
C MET B 32 17.90 -39.83 0.58
N ILE B 33 16.93 -40.68 0.27
CA ILE B 33 17.08 -41.66 -0.80
C ILE B 33 16.94 -40.98 -2.16
N ASP B 34 15.73 -40.50 -2.46
CA ASP B 34 15.42 -40.02 -3.80
C ASP B 34 15.71 -38.55 -4.01
N GLY B 35 15.84 -37.76 -2.93
CA GLY B 35 16.05 -36.34 -3.07
C GLY B 35 14.85 -35.55 -3.54
N PHE B 36 13.65 -36.14 -3.47
CA PHE B 36 12.44 -35.52 -3.98
C PHE B 36 11.49 -35.14 -2.86
N LYS B 37 10.98 -33.91 -2.92
CA LYS B 37 9.82 -33.53 -2.14
C LYS B 37 8.58 -34.21 -2.75
N PRO B 38 7.48 -34.36 -1.97
CA PRO B 38 6.29 -35.08 -2.50
C PRO B 38 5.64 -34.46 -3.74
N VAL B 39 5.71 -33.14 -3.91
CA VAL B 39 5.21 -32.54 -5.15
C VAL B 39 6.15 -32.84 -6.32
N GLN B 40 7.45 -32.97 -6.05
CA GLN B 40 8.40 -33.45 -7.06
C GLN B 40 8.12 -34.92 -7.38
N ARG B 41 7.76 -35.72 -6.37
CA ARG B 41 7.39 -37.11 -6.60
C ARG B 41 6.14 -37.22 -7.47
N PHE B 42 5.21 -36.28 -7.29
CA PHE B 42 4.02 -36.18 -8.15
C PHE B 42 4.42 -35.84 -9.59
N VAL B 43 5.39 -34.92 -9.74
CA VAL B 43 5.80 -34.44 -11.07
C VAL B 43 6.48 -35.55 -11.87
N ILE B 44 7.50 -36.20 -11.29
CA ILE B 44 8.17 -37.31 -11.98
C ILE B 44 7.26 -38.55 -12.08
N ALA B 45 6.30 -38.72 -11.16
CA ALA B 45 5.35 -39.83 -11.28
C ALA B 45 4.41 -39.67 -12.47
N ARG B 46 3.90 -38.46 -12.68
CA ARG B 46 3.07 -38.26 -13.87
C ARG B 46 3.91 -38.10 -15.13
N ALA B 47 5.21 -37.76 -14.99
CA ALA B 47 6.13 -37.84 -16.12
C ALA B 47 6.33 -39.28 -16.57
N LEU B 48 6.36 -40.22 -15.61
CA LEU B 48 6.38 -41.64 -15.96
C LEU B 48 5.04 -42.10 -16.52
N ASP B 49 3.94 -41.49 -16.05
CA ASP B 49 2.62 -41.82 -16.60
C ASP B 49 2.50 -41.41 -18.07
N LEU B 50 3.05 -40.24 -18.41
CA LEU B 50 3.06 -39.80 -19.81
C LEU B 50 4.30 -40.21 -20.56
N ALA B 51 5.21 -40.96 -19.95
CA ALA B 51 6.39 -41.47 -20.65
C ALA B 51 6.10 -42.72 -21.47
N ARG B 52 4.91 -43.29 -21.35
CA ARG B 52 4.58 -44.52 -22.05
C ARG B 52 4.14 -44.24 -23.48
N GLY B 53 4.67 -45.03 -24.40
CA GLY B 53 4.40 -44.86 -25.82
C GLY B 53 5.64 -44.46 -26.58
N ASN B 54 6.40 -43.52 -26.03
CA ASN B 54 7.69 -43.11 -26.56
C ASN B 54 8.46 -42.42 -25.45
N LYS B 55 9.76 -42.64 -25.40
CA LYS B 55 10.63 -41.95 -24.46
C LYS B 55 11.23 -40.68 -25.05
N ASP B 56 10.88 -40.35 -26.30
CA ASP B 56 11.39 -39.14 -26.95
C ASP B 56 10.31 -38.16 -27.36
N LYS B 57 9.04 -38.47 -27.12
CA LYS B 57 7.98 -37.48 -27.34
C LYS B 57 8.03 -36.42 -26.27
N PHE B 58 7.72 -35.18 -26.64
CA PHE B 58 7.78 -34.05 -25.72
C PHE B 58 6.36 -33.71 -25.28
N HIS B 59 6.20 -33.35 -24.01
CA HIS B 59 4.88 -33.19 -23.43
C HIS B 59 4.76 -31.85 -22.70
N LYS B 60 3.51 -31.39 -22.60
CA LYS B 60 3.18 -30.12 -21.98
C LYS B 60 3.16 -30.28 -20.46
N LEU B 61 3.65 -29.26 -19.74
CA LEU B 61 3.59 -29.26 -18.27
C LEU B 61 2.16 -29.22 -17.76
N ALA B 62 1.27 -28.57 -18.51
CA ALA B 62 -0.15 -28.58 -18.16
C ALA B 62 -0.78 -29.95 -18.38
N SER B 63 -0.20 -30.76 -19.27
CA SER B 63 -0.67 -32.14 -19.41
C SER B 63 -0.31 -33.00 -18.20
N ILE B 64 0.81 -32.69 -17.53
CA ILE B 64 1.05 -33.26 -16.20
C ILE B 64 0.09 -32.63 -15.18
N ALA B 65 -0.13 -31.31 -15.28
CA ALA B 65 -0.92 -30.61 -14.26
C ALA B 65 -2.42 -30.93 -14.34
N GLY B 66 -2.88 -31.51 -15.44
CA GLY B 66 -4.25 -31.93 -15.58
C GLY B 66 -4.71 -33.03 -14.65
N GLY B 67 -4.13 -34.22 -14.77
CA GLY B 67 -4.58 -35.37 -14.00
C GLY B 67 -3.64 -35.80 -12.90
N VAL B 68 -3.02 -34.83 -12.22
CA VAL B 68 -2.19 -35.13 -11.08
C VAL B 68 -3.05 -35.48 -9.86
N ALA B 69 -4.32 -35.05 -9.86
CA ALA B 69 -5.25 -35.38 -8.78
C ALA B 69 -5.74 -36.84 -8.85
N ASP B 70 -5.51 -37.53 -9.96
CA ASP B 70 -5.73 -38.97 -10.02
C ASP B 70 -4.81 -39.74 -9.08
N LEU B 71 -3.62 -39.22 -8.85
CA LEU B 71 -2.58 -39.90 -8.07
C LEU B 71 -2.68 -39.61 -6.58
N GLY B 72 -3.55 -38.69 -6.17
CA GLY B 72 -3.70 -38.33 -4.78
C GLY B 72 -3.36 -36.89 -4.44
N TYR B 73 -3.36 -35.99 -5.43
CA TYR B 73 -3.00 -34.60 -5.19
C TYR B 73 -4.26 -33.78 -4.97
N HIS B 74 -4.27 -32.95 -3.93
CA HIS B 74 -5.47 -32.23 -3.54
C HIS B 74 -5.13 -30.78 -3.21
N HIS B 75 -4.32 -30.15 -4.06
CA HIS B 75 -3.93 -28.76 -3.90
C HIS B 75 -3.92 -28.11 -5.28
N GLY B 76 -3.33 -26.93 -5.38
CA GLY B 76 -3.29 -26.21 -6.64
C GLY B 76 -2.16 -26.70 -7.54
N GLU B 77 -2.43 -26.77 -8.85
CA GLU B 77 -1.48 -27.35 -9.79
C GLU B 77 -0.38 -26.37 -10.18
N ASN B 78 -0.55 -25.08 -9.85
CA ASN B 78 0.39 -24.06 -10.27
C ASN B 78 1.74 -24.21 -9.56
N SER B 79 1.70 -24.57 -8.27
CA SER B 79 2.92 -24.87 -7.52
C SER B 79 3.62 -26.09 -8.07
N ALA B 80 2.84 -27.08 -8.54
CA ALA B 80 3.42 -28.29 -9.12
C ALA B 80 4.12 -28.01 -10.44
N GLN B 81 3.50 -27.20 -11.31
CA GLN B 81 4.16 -26.92 -12.59
C GLN B 81 5.31 -25.95 -12.43
N ASP B 82 5.29 -25.08 -11.40
CA ASP B 82 6.45 -24.22 -11.14
C ASP B 82 7.59 -25.02 -10.51
N ALA B 83 7.26 -26.05 -9.71
CA ALA B 83 8.27 -26.98 -9.22
C ALA B 83 8.93 -27.72 -10.38
N GLY B 84 8.12 -28.20 -11.32
CA GLY B 84 8.66 -28.85 -12.51
C GLY B 84 9.41 -27.90 -13.42
N ALA B 85 9.05 -26.61 -13.38
CA ALA B 85 9.84 -25.59 -14.07
C ALA B 85 11.22 -25.41 -13.44
N LEU B 86 11.32 -25.55 -12.11
CA LEU B 86 12.64 -25.57 -11.49
C LEU B 86 13.45 -26.80 -11.86
N MET B 87 12.81 -27.98 -11.95
CA MET B 87 13.59 -29.16 -12.35
C MET B 87 13.78 -29.21 -13.87
N ALA B 88 13.18 -28.26 -14.59
CA ALA B 88 13.45 -27.99 -15.99
C ALA B 88 14.55 -26.95 -16.21
N ASN B 89 15.35 -26.62 -15.19
CA ASN B 89 16.37 -25.60 -15.40
C ASN B 89 17.61 -26.16 -16.10
N THR B 90 18.28 -27.13 -15.47
CA THR B 90 19.64 -27.65 -15.73
C THR B 90 20.72 -26.58 -15.63
N TRP B 91 20.44 -25.47 -14.96
CA TRP B 91 21.42 -24.49 -14.52
C TRP B 91 21.34 -24.20 -13.03
N ASN B 92 20.14 -24.26 -12.45
CA ASN B 92 19.97 -24.35 -11.01
C ASN B 92 20.15 -25.77 -10.50
N ASN B 93 20.20 -26.74 -11.42
CA ASN B 93 20.35 -28.16 -11.07
C ASN B 93 21.54 -28.70 -11.84
N ASN B 94 22.48 -29.32 -11.13
CA ASN B 94 23.58 -30.02 -11.80
C ASN B 94 23.08 -31.28 -12.50
N PHE B 95 22.11 -31.97 -11.91
CA PHE B 95 21.65 -33.25 -12.43
C PHE B 95 20.39 -33.01 -13.27
N PRO B 96 20.44 -33.24 -14.59
CA PRO B 96 19.24 -33.04 -15.41
C PRO B 96 18.24 -34.17 -15.27
N LEU B 97 17.16 -33.88 -14.55
CA LEU B 97 16.05 -34.82 -14.36
C LEU B 97 15.16 -34.95 -15.58
N LEU B 98 14.94 -33.89 -16.35
CA LEU B 98 14.05 -33.97 -17.50
C LEU B 98 14.71 -33.28 -18.68
N ASP B 99 14.59 -33.89 -19.86
CA ASP B 99 14.90 -33.18 -21.09
C ASP B 99 13.77 -32.22 -21.42
N GLY B 100 14.11 -31.08 -22.00
CA GLY B 100 13.16 -30.02 -22.20
C GLY B 100 13.28 -29.38 -23.57
N GLN B 101 12.34 -28.48 -23.84
CA GLN B 101 12.22 -27.85 -25.15
C GLN B 101 11.43 -26.56 -24.98
N GLY B 102 12.12 -25.42 -25.07
CA GLY B 102 11.55 -24.12 -24.87
C GLY B 102 12.57 -23.19 -24.26
N ASN B 103 12.08 -22.04 -23.76
CA ASN B 103 12.92 -21.04 -23.10
C ASN B 103 12.96 -21.35 -21.61
N PHE B 104 14.16 -21.62 -21.08
CA PHE B 104 14.34 -22.05 -19.70
C PHE B 104 15.17 -21.07 -18.89
N GLY B 105 15.50 -19.92 -19.47
CA GLY B 105 16.35 -19.00 -18.75
C GLY B 105 17.81 -19.40 -18.77
N SER B 106 18.61 -18.62 -18.05
CA SER B 106 20.04 -18.78 -18.05
C SER B 106 20.55 -18.55 -16.63
N ARG B 107 21.83 -18.24 -16.51
CA ARG B 107 22.33 -17.73 -15.23
C ARG B 107 21.77 -16.34 -14.94
N THR B 108 21.54 -15.53 -15.99
CA THR B 108 21.26 -14.11 -15.80
C THR B 108 19.81 -13.84 -15.41
N VAL B 109 18.88 -14.72 -15.80
CA VAL B 109 17.48 -14.60 -15.41
C VAL B 109 17.07 -15.85 -14.64
N GLN B 110 16.19 -15.68 -13.66
CA GLN B 110 15.81 -16.77 -12.77
C GLN B 110 14.35 -17.14 -12.84
N LYS B 111 13.45 -16.21 -13.19
CA LYS B 111 12.02 -16.50 -13.24
C LYS B 111 11.76 -17.28 -14.52
N ALA B 112 11.31 -18.52 -14.37
CA ALA B 112 10.92 -19.32 -15.52
C ALA B 112 9.62 -18.80 -16.09
N ALA B 113 9.40 -19.05 -17.38
CA ALA B 113 8.18 -18.62 -18.02
C ALA B 113 7.02 -19.53 -17.61
N ALA B 114 5.83 -19.16 -18.07
CA ALA B 114 4.65 -19.97 -17.81
C ALA B 114 4.67 -21.27 -18.63
N SER B 115 3.72 -22.16 -18.34
CA SER B 115 3.67 -23.47 -18.99
C SER B 115 3.33 -23.40 -20.47
N ARG B 116 2.86 -22.26 -20.97
CA ARG B 116 2.20 -22.19 -22.27
C ARG B 116 3.14 -22.27 -23.46
N TYR B 117 4.45 -22.30 -23.19
CA TYR B 117 5.44 -22.33 -24.27
C TYR B 117 6.42 -23.48 -24.08
N ILE B 118 6.20 -24.37 -23.10
CA ILE B 118 7.23 -25.25 -22.57
C ILE B 118 6.84 -26.71 -22.84
N PHE B 119 7.75 -27.46 -23.45
CA PHE B 119 7.61 -28.90 -23.61
C PHE B 119 8.66 -29.62 -22.75
N ALA B 120 8.26 -30.76 -22.19
CA ALA B 120 9.14 -31.51 -21.30
C ALA B 120 8.96 -33.01 -21.52
N ARG B 121 10.01 -33.76 -21.19
CA ARG B 121 10.03 -35.21 -21.31
C ARG B 121 11.07 -35.75 -20.34
N VAL B 122 11.01 -37.06 -20.09
CA VAL B 122 11.95 -37.69 -19.17
C VAL B 122 13.35 -37.74 -19.78
N SER B 123 14.34 -37.40 -18.97
CA SER B 123 15.73 -37.44 -19.42
C SER B 123 16.29 -38.85 -19.32
N LYS B 124 17.44 -39.06 -19.98
CA LYS B 124 18.12 -40.34 -19.90
C LYS B 124 18.77 -40.57 -18.54
N ASN B 125 19.09 -39.49 -17.82
CA ASN B 125 19.84 -39.60 -16.56
C ASN B 125 18.97 -40.17 -15.45
N PHE B 126 17.65 -39.96 -15.55
CA PHE B 126 16.63 -40.71 -14.83
C PHE B 126 16.89 -42.20 -15.01
N TYR B 127 16.96 -42.65 -16.26
CA TYR B 127 17.16 -44.06 -16.54
C TYR B 127 18.55 -44.55 -16.18
N ASN B 128 19.53 -43.64 -16.10
CA ASN B 128 20.84 -44.02 -15.59
C ASN B 128 20.79 -44.30 -14.10
N VAL B 129 20.13 -43.44 -13.31
CA VAL B 129 20.17 -43.62 -11.86
C VAL B 129 18.90 -44.25 -11.25
N TYR B 130 17.73 -44.14 -11.88
CA TYR B 130 16.51 -44.81 -11.42
C TYR B 130 16.20 -45.98 -12.33
N LYS B 131 16.05 -47.16 -11.72
CA LYS B 131 15.75 -48.49 -12.28
C LYS B 131 15.00 -49.32 -11.26
N ASP B 132 14.35 -50.36 -11.79
CA ASP B 132 13.70 -51.45 -11.05
C ASP B 132 12.57 -50.92 -10.16
N THR B 133 11.67 -50.12 -10.75
CA THR B 133 10.76 -49.29 -9.96
C THR B 133 9.49 -50.02 -9.56
N GLU B 134 9.28 -51.26 -10.02
CA GLU B 134 8.12 -52.01 -9.56
C GLU B 134 8.30 -52.57 -8.15
N TYR B 135 9.51 -52.52 -7.60
CA TYR B 135 9.76 -52.92 -6.22
C TYR B 135 9.72 -51.75 -5.25
N ALA B 136 9.13 -50.64 -5.65
CA ALA B 136 9.10 -49.46 -4.80
C ALA B 136 8.11 -49.63 -3.66
N PRO B 137 8.45 -49.15 -2.44
CA PRO B 137 7.58 -49.40 -1.27
C PRO B 137 6.27 -48.63 -1.28
N VAL B 138 5.17 -49.38 -1.44
CA VAL B 138 3.85 -48.80 -1.69
C VAL B 138 3.34 -48.07 -0.45
N HIS B 139 2.87 -46.85 -0.64
CA HIS B 139 2.49 -45.94 0.43
C HIS B 139 1.29 -46.46 1.22
N GLN B 140 1.21 -46.03 2.49
CA GLN B 140 0.21 -46.56 3.41
C GLN B 140 -1.20 -46.07 3.08
N ASP B 141 -1.32 -44.91 2.43
CA ASP B 141 -2.61 -44.45 1.97
C ASP B 141 -2.95 -45.11 0.64
N LYS B 142 -4.21 -45.54 0.49
CA LYS B 142 -4.60 -46.31 -0.69
C LYS B 142 -4.70 -45.43 -1.93
N GLU B 143 -5.19 -44.20 -1.76
CA GLU B 143 -5.26 -43.27 -2.89
C GLU B 143 -3.95 -42.52 -3.10
N HIS B 144 -2.95 -42.76 -2.25
CA HIS B 144 -1.60 -42.32 -2.57
C HIS B 144 -1.06 -43.28 -3.63
N ILE B 145 -1.34 -42.97 -4.90
CA ILE B 145 -1.01 -43.90 -5.98
C ILE B 145 0.48 -44.00 -6.26
N PRO B 146 1.30 -42.95 -6.19
CA PRO B 146 2.75 -43.16 -6.13
C PRO B 146 3.14 -43.82 -4.82
N PRO B 147 4.30 -44.51 -4.80
CA PRO B 147 4.77 -45.15 -3.56
C PRO B 147 5.27 -44.21 -2.49
N ALA B 148 5.94 -44.74 -1.46
CA ALA B 148 6.62 -43.89 -0.50
C ALA B 148 7.75 -43.11 -1.15
N PHE B 149 8.57 -43.78 -1.95
CA PHE B 149 9.71 -43.23 -2.68
C PHE B 149 10.13 -44.26 -3.73
N TYR B 150 11.19 -43.96 -4.47
CA TYR B 150 11.61 -44.71 -5.65
C TYR B 150 13.00 -45.31 -5.42
N LEU B 151 13.63 -45.80 -6.49
CA LEU B 151 14.90 -46.51 -6.38
C LEU B 151 16.00 -45.78 -7.14
N PRO B 152 16.71 -44.85 -6.50
CA PRO B 152 17.99 -44.39 -7.06
C PRO B 152 19.16 -45.16 -6.49
N ILE B 153 20.25 -45.19 -7.28
CA ILE B 153 21.51 -45.70 -6.79
C ILE B 153 22.30 -44.65 -6.02
N ILE B 154 21.79 -43.42 -5.97
CA ILE B 154 22.52 -42.26 -5.45
C ILE B 154 21.59 -41.45 -4.57
N PRO B 155 22.16 -40.72 -3.60
CA PRO B 155 21.40 -39.65 -2.94
C PRO B 155 21.33 -38.40 -3.80
N THR B 156 20.15 -38.10 -4.34
CA THR B 156 19.98 -37.00 -5.28
C THR B 156 19.74 -35.67 -4.55
N VAL B 157 19.52 -35.72 -3.23
CA VAL B 157 19.30 -34.54 -2.38
C VAL B 157 20.52 -33.63 -2.36
N LEU B 158 21.71 -34.18 -2.56
CA LEU B 158 22.96 -33.45 -2.53
C LEU B 158 23.48 -33.09 -3.92
N LEU B 159 22.65 -33.24 -4.96
CA LEU B 159 23.14 -33.03 -6.31
C LEU B 159 22.70 -31.71 -6.93
N ASN B 160 21.64 -31.08 -6.42
CA ASN B 160 21.08 -29.92 -7.08
C ASN B 160 20.78 -28.75 -6.16
N GLY B 161 20.91 -28.91 -4.85
CA GLY B 161 20.61 -27.82 -3.95
C GLY B 161 19.19 -27.86 -3.40
N VAL B 162 19.07 -28.13 -2.11
CA VAL B 162 17.78 -28.22 -1.44
C VAL B 162 17.65 -27.08 -0.42
N SER B 163 16.62 -26.26 -0.57
CA SER B 163 16.13 -25.41 0.50
C SER B 163 14.78 -25.96 0.95
N GLY B 164 14.74 -26.54 2.15
CA GLY B 164 13.53 -27.12 2.66
C GLY B 164 13.01 -26.33 3.85
N ILE B 165 11.77 -25.84 3.75
CA ILE B 165 11.24 -24.89 4.72
C ILE B 165 9.80 -25.24 5.09
N ALA B 166 9.54 -25.32 6.40
CA ALA B 166 8.30 -25.83 6.94
C ALA B 166 8.03 -25.11 8.26
N THR B 167 7.12 -25.68 9.06
CA THR B 167 6.86 -25.14 10.40
C THR B 167 7.94 -25.60 11.37
N GLY B 168 8.71 -24.65 11.90
CA GLY B 168 9.73 -24.98 12.87
C GLY B 168 11.11 -25.23 12.28
N TYR B 169 11.27 -26.29 11.50
CA TYR B 169 12.59 -26.66 11.03
C TYR B 169 12.89 -26.04 9.66
N ALA B 170 14.17 -26.07 9.30
CA ALA B 170 14.65 -25.61 8.00
C ALA B 170 15.93 -26.38 7.68
N THR B 171 16.20 -26.52 6.38
CA THR B 171 17.37 -27.28 5.97
C THR B 171 17.87 -26.74 4.63
N TYR B 172 19.18 -26.87 4.41
CA TYR B 172 19.80 -26.41 3.18
C TYR B 172 21.00 -27.30 2.83
N ILE B 173 21.05 -27.71 1.56
CA ILE B 173 22.11 -28.57 1.02
C ILE B 173 22.55 -27.99 -0.32
N LEU B 174 23.89 -27.90 -0.53
CA LEU B 174 24.47 -27.47 -1.79
C LEU B 174 24.61 -28.62 -2.78
N PRO B 175 24.64 -28.32 -4.10
CA PRO B 175 24.93 -29.37 -5.10
C PRO B 175 26.37 -29.87 -5.09
N HIS B 176 26.66 -30.88 -5.91
CA HIS B 176 27.98 -31.50 -5.94
C HIS B 176 28.33 -31.88 -7.38
N SER B 177 29.40 -32.66 -7.55
CA SER B 177 29.94 -33.02 -8.85
C SER B 177 29.79 -34.52 -9.07
N VAL B 178 29.58 -34.91 -10.33
CA VAL B 178 29.11 -36.27 -10.66
C VAL B 178 30.22 -37.32 -10.45
N SER B 179 31.47 -36.99 -10.81
CA SER B 179 32.56 -37.94 -10.64
C SER B 179 32.97 -38.06 -9.18
N SER B 180 32.84 -36.96 -8.43
CA SER B 180 33.15 -36.95 -7.01
C SER B 180 32.17 -37.81 -6.22
N VAL B 181 30.87 -37.69 -6.52
CA VAL B 181 29.89 -38.50 -5.80
C VAL B 181 29.92 -39.94 -6.31
N LYS B 182 30.38 -40.15 -7.55
CA LYS B 182 30.48 -41.50 -8.10
C LYS B 182 31.62 -42.28 -7.43
N LYS B 183 32.78 -41.63 -7.27
CA LYS B 183 33.87 -42.24 -6.53
C LYS B 183 33.58 -42.28 -5.03
N ALA B 184 32.73 -41.38 -4.53
CA ALA B 184 32.28 -41.43 -3.14
C ALA B 184 31.44 -42.67 -2.87
N VAL B 185 30.54 -43.04 -3.79
CA VAL B 185 29.72 -44.22 -3.52
C VAL B 185 30.47 -45.51 -3.86
N LEU B 186 31.49 -45.44 -4.72
CA LEU B 186 32.49 -46.52 -4.77
C LEU B 186 33.17 -46.73 -3.43
N GLN B 187 33.65 -45.66 -2.81
CA GLN B 187 34.47 -45.81 -1.62
C GLN B 187 33.61 -46.16 -0.39
N ALA B 188 32.36 -45.68 -0.38
CA ALA B 188 31.43 -46.04 0.69
C ALA B 188 30.85 -47.44 0.49
N LEU B 189 30.81 -47.94 -0.75
CA LEU B 189 30.45 -49.35 -0.95
C LEU B 189 31.55 -50.26 -0.41
N GLN B 190 32.81 -49.93 -0.69
CA GLN B 190 33.96 -50.76 -0.33
C GLN B 190 34.30 -50.72 1.15
N GLY B 191 33.77 -49.77 1.91
CA GLY B 191 34.06 -49.70 3.33
C GLY B 191 35.37 -49.05 3.70
N LYS B 192 36.06 -48.40 2.76
CA LYS B 192 37.30 -47.70 3.06
C LYS B 192 37.00 -46.30 3.58
N LYS B 193 38.06 -45.50 3.75
CA LYS B 193 37.89 -44.14 4.24
C LYS B 193 37.35 -43.22 3.13
N VAL B 194 36.19 -42.63 3.40
CA VAL B 194 35.38 -42.02 2.35
C VAL B 194 35.76 -40.55 2.21
N THR B 195 36.00 -40.14 0.97
CA THR B 195 36.41 -38.77 0.66
C THR B 195 35.19 -37.88 0.43
N LYS B 196 35.36 -36.60 0.77
CA LYS B 196 34.30 -35.61 0.60
C LYS B 196 34.17 -35.24 -0.87
N PRO B 197 32.97 -35.30 -1.45
CA PRO B 197 32.79 -34.81 -2.83
C PRO B 197 32.92 -33.30 -2.93
N LYS B 198 33.21 -32.85 -4.15
CA LYS B 198 33.43 -31.45 -4.46
C LYS B 198 32.10 -30.79 -4.81
N VAL B 199 31.86 -29.61 -4.24
CA VAL B 199 30.65 -28.86 -4.55
C VAL B 199 30.81 -28.19 -5.91
N GLU B 200 29.92 -28.52 -6.84
CA GLU B 200 29.95 -27.98 -8.19
C GLU B 200 28.69 -27.15 -8.45
N PHE B 201 28.85 -26.09 -9.24
CA PHE B 201 27.76 -25.31 -9.78
C PHE B 201 27.77 -25.41 -11.30
N PRO B 202 26.61 -25.55 -11.96
CA PRO B 202 26.61 -25.56 -13.43
C PRO B 202 26.78 -24.16 -13.98
N GLU B 203 27.43 -24.10 -15.16
CA GLU B 203 27.58 -22.89 -15.98
C GLU B 203 28.26 -21.73 -15.24
N PHE B 204 29.24 -22.04 -14.40
CA PHE B 204 29.69 -21.15 -13.34
C PHE B 204 31.21 -21.24 -13.21
N ARG B 205 31.89 -20.12 -13.40
CA ARG B 205 33.34 -20.07 -13.30
C ARG B 205 33.85 -19.52 -11.97
N GLY B 206 32.97 -19.35 -10.99
CA GLY B 206 33.38 -18.93 -9.67
C GLY B 206 34.00 -20.07 -8.88
N GLU B 207 34.48 -19.74 -7.68
CA GLU B 207 35.28 -20.67 -6.90
C GLU B 207 34.66 -20.84 -5.52
N VAL B 208 34.49 -22.09 -5.09
CA VAL B 208 33.92 -22.39 -3.78
C VAL B 208 35.07 -22.74 -2.83
N VAL B 209 35.26 -21.89 -1.82
CA VAL B 209 36.33 -22.05 -0.84
C VAL B 209 35.71 -22.51 0.47
N GLU B 210 36.17 -23.64 0.98
CA GLU B 210 35.56 -24.30 2.13
C GLU B 210 36.39 -24.00 3.37
N ILE B 211 35.92 -23.07 4.20
CA ILE B 211 36.56 -22.76 5.47
C ILE B 211 35.52 -22.80 6.59
N ASP B 212 35.91 -23.41 7.73
CA ASP B 212 35.22 -23.60 9.01
C ASP B 212 33.71 -23.85 8.96
N GLY B 213 33.29 -24.84 8.17
CA GLY B 213 31.88 -25.10 7.97
C GLY B 213 31.17 -24.00 7.22
N GLN B 214 31.80 -23.50 6.16
CA GLN B 214 31.44 -22.24 5.53
C GLN B 214 31.89 -22.30 4.09
N TYR B 215 30.99 -21.93 3.18
CA TYR B 215 31.22 -22.03 1.75
C TYR B 215 31.28 -20.61 1.21
N GLU B 216 32.48 -20.20 0.75
CA GLU B 216 32.68 -18.90 0.13
C GLU B 216 32.64 -19.09 -1.38
N ILE B 217 31.49 -18.81 -1.97
CA ILE B 217 31.31 -18.83 -3.41
C ILE B 217 31.78 -17.49 -3.96
N ARG B 218 32.82 -17.51 -4.78
CA ARG B 218 33.53 -16.32 -5.18
C ARG B 218 33.32 -16.07 -6.66
N GLY B 219 32.73 -14.93 -6.99
CA GLY B 219 32.71 -14.48 -8.36
C GLY B 219 34.07 -13.97 -8.77
N THR B 220 34.29 -13.89 -10.08
CA THR B 220 35.58 -13.57 -10.65
C THR B 220 35.57 -12.18 -11.23
N TYR B 221 36.73 -11.54 -11.21
CA TYR B 221 36.92 -10.17 -11.66
C TYR B 221 38.36 -10.00 -12.11
N LYS B 222 38.59 -9.05 -13.00
CA LYS B 222 39.93 -8.84 -13.54
C LYS B 222 40.18 -7.36 -13.79
N PHE B 223 41.38 -6.91 -13.43
CA PHE B 223 41.79 -5.53 -13.71
C PHE B 223 42.32 -5.48 -15.13
N THR B 224 41.46 -5.06 -16.06
CA THR B 224 41.91 -4.80 -17.43
C THR B 224 42.85 -3.62 -17.50
N SER B 225 42.63 -2.61 -16.66
CA SER B 225 43.56 -1.51 -16.48
C SER B 225 43.54 -1.11 -15.01
N ARG B 226 44.09 0.07 -14.70
CA ARG B 226 44.01 0.61 -13.35
C ARG B 226 42.58 0.95 -12.96
N THR B 227 41.89 1.70 -13.81
CA THR B 227 40.58 2.23 -13.51
C THR B 227 39.45 1.43 -14.13
N GLN B 228 39.59 1.01 -15.38
CA GLN B 228 38.55 0.24 -16.06
C GLN B 228 38.53 -1.19 -15.52
N MET B 229 37.33 -1.75 -15.44
CA MET B 229 37.03 -2.91 -14.62
C MET B 229 36.24 -3.91 -15.44
N HIS B 230 36.45 -5.20 -15.18
CA HIS B 230 35.64 -6.25 -15.79
C HIS B 230 35.36 -7.34 -14.77
N ILE B 231 34.13 -7.37 -14.27
CA ILE B 231 33.64 -8.48 -13.47
C ILE B 231 33.07 -9.51 -14.42
N THR B 232 33.57 -10.74 -14.35
CA THR B 232 33.13 -11.79 -15.28
C THR B 232 32.17 -12.77 -14.65
N GLU B 233 32.23 -12.94 -13.33
CA GLU B 233 31.34 -13.85 -12.62
C GLU B 233 30.83 -13.14 -11.37
N ILE B 234 29.56 -13.35 -11.06
CA ILE B 234 28.95 -12.83 -9.84
C ILE B 234 28.54 -14.06 -9.02
N PRO B 235 28.39 -13.94 -7.68
CA PRO B 235 28.02 -15.13 -6.90
C PRO B 235 26.60 -15.62 -7.15
N TYR B 236 26.36 -16.87 -6.74
CA TYR B 236 25.27 -17.69 -7.28
C TYR B 236 23.89 -17.26 -6.80
N LYS B 237 23.81 -16.61 -5.62
CA LYS B 237 22.51 -16.16 -5.15
C LYS B 237 22.01 -14.93 -5.90
N TYR B 238 22.90 -14.26 -6.65
CA TYR B 238 22.55 -13.09 -7.43
C TYR B 238 22.50 -13.43 -8.92
N ASP B 239 21.52 -12.84 -9.60
CA ASP B 239 21.47 -12.83 -11.05
C ASP B 239 21.80 -11.42 -11.55
N ARG B 240 21.64 -11.22 -12.87
CA ARG B 240 22.01 -9.94 -13.49
C ARG B 240 21.10 -8.81 -13.02
N GLU B 241 19.83 -9.12 -12.76
CA GLU B 241 18.86 -8.10 -12.34
C GLU B 241 19.18 -7.55 -10.96
N THR B 242 19.42 -8.42 -9.98
CA THR B 242 19.70 -7.90 -8.65
C THR B 242 21.14 -7.43 -8.49
N TYR B 243 22.06 -7.88 -9.36
CA TYR B 243 23.40 -7.29 -9.39
C TYR B 243 23.34 -5.88 -9.95
N VAL B 244 22.44 -5.63 -10.91
CA VAL B 244 22.21 -4.26 -11.35
C VAL B 244 21.52 -3.45 -10.26
N SER B 245 20.46 -4.00 -9.65
CA SER B 245 19.55 -3.22 -8.84
C SER B 245 20.12 -2.94 -7.44
N LYS B 246 20.80 -3.92 -6.85
CA LYS B 246 21.27 -3.76 -5.48
C LYS B 246 22.78 -3.54 -5.38
N ILE B 247 23.52 -3.61 -6.48
CA ILE B 247 24.95 -3.38 -6.43
C ILE B 247 25.33 -2.30 -7.43
N LEU B 248 24.97 -2.49 -8.70
CA LEU B 248 25.45 -1.59 -9.75
C LEU B 248 24.74 -0.23 -9.73
N ASP B 249 23.41 -0.23 -9.58
CA ASP B 249 22.66 1.03 -9.41
C ASP B 249 22.93 1.81 -8.12
N PRO B 250 22.99 1.23 -6.89
CA PRO B 250 23.29 2.08 -5.72
C PRO B 250 24.69 2.65 -5.70
N LEU B 251 25.67 1.97 -6.29
CA LEU B 251 26.97 2.62 -6.44
C LEU B 251 27.03 3.51 -7.68
N GLU B 252 26.12 3.31 -8.63
CA GLU B 252 26.13 4.18 -9.80
C GLU B 252 25.51 5.54 -9.49
N ASN B 253 24.48 5.59 -8.65
CA ASN B 253 23.98 6.89 -8.21
C ASN B 253 24.64 7.35 -6.89
N LYS B 254 25.97 7.27 -6.89
CA LYS B 254 26.79 7.84 -5.82
C LYS B 254 28.05 8.48 -6.39
N GLY B 255 28.20 8.51 -7.71
CA GLY B 255 29.35 9.13 -8.34
C GLY B 255 30.64 8.35 -8.25
N PHE B 256 30.56 7.03 -8.09
CA PHE B 256 31.77 6.22 -7.98
C PHE B 256 31.98 5.28 -9.15
N ILE B 257 30.92 4.62 -9.64
CA ILE B 257 31.04 3.67 -10.74
C ILE B 257 30.15 4.12 -11.90
N THR B 258 30.50 3.63 -13.10
CA THR B 258 29.65 3.69 -14.28
C THR B 258 29.78 2.33 -14.97
N TRP B 259 28.72 1.52 -14.92
CA TRP B 259 28.79 0.14 -15.37
C TRP B 259 28.18 -0.01 -16.76
N ASP B 260 28.61 -1.05 -17.46
CA ASP B 260 28.14 -1.40 -18.79
C ASP B 260 28.26 -2.91 -18.98
N ASP B 261 27.78 -3.41 -20.11
CA ASP B 261 27.70 -4.83 -20.36
C ASP B 261 28.84 -5.30 -21.26
N ALA B 262 29.40 -6.48 -20.92
CA ALA B 262 30.36 -7.15 -21.79
C ALA B 262 30.20 -8.66 -21.73
N CYS B 263 28.96 -9.14 -21.84
CA CYS B 263 28.69 -10.57 -21.75
C CYS B 263 28.99 -11.25 -23.08
N GLY B 264 28.61 -12.52 -23.19
CA GLY B 264 28.93 -13.30 -24.36
C GLY B 264 28.43 -14.72 -24.27
N GLU B 265 29.32 -15.68 -24.54
CA GLU B 265 29.02 -17.09 -24.28
C GLU B 265 28.85 -17.37 -22.79
N HIS B 266 29.46 -16.56 -21.93
CA HIS B 266 29.20 -16.57 -20.50
C HIS B 266 28.50 -15.26 -20.12
N GLY B 267 27.57 -15.35 -19.18
CA GLY B 267 26.89 -14.18 -18.67
C GLY B 267 27.71 -13.47 -17.60
N PHE B 268 27.05 -12.46 -17.00
CA PHE B 268 27.58 -11.65 -15.89
C PHE B 268 28.89 -10.94 -16.24
N GLY B 269 28.99 -10.48 -17.47
CA GLY B 269 30.15 -9.70 -17.87
C GLY B 269 29.85 -8.22 -17.78
N PHE B 270 30.30 -7.57 -16.70
CA PHE B 270 30.07 -6.15 -16.49
C PHE B 270 31.40 -5.42 -16.57
N LYS B 271 31.48 -4.45 -17.49
CA LYS B 271 32.64 -3.59 -17.61
C LYS B 271 32.32 -2.26 -16.92
N VAL B 272 33.07 -1.97 -15.87
CA VAL B 272 32.78 -0.85 -14.97
C VAL B 272 33.92 0.15 -15.06
N LYS B 273 33.60 1.36 -15.50
CA LYS B 273 34.56 2.45 -15.45
C LYS B 273 34.39 3.13 -14.09
N PHE B 274 35.41 3.02 -13.24
CA PHE B 274 35.40 3.75 -11.99
C PHE B 274 35.59 5.24 -12.24
N ARG B 275 35.09 6.05 -11.32
CA ARG B 275 35.16 7.48 -11.46
C ARG B 275 36.39 8.03 -10.72
N LYS B 276 36.75 9.26 -11.08
CA LYS B 276 38.00 9.84 -10.61
C LYS B 276 37.95 10.27 -9.15
N GLU B 277 36.74 10.44 -8.59
CA GLU B 277 36.60 10.76 -7.18
C GLU B 277 36.50 9.53 -6.29
N TYR B 278 36.55 8.34 -6.86
CA TYR B 278 36.63 7.10 -6.09
C TYR B 278 38.09 6.68 -6.00
N SER B 279 38.51 6.27 -4.81
CA SER B 279 39.90 5.98 -4.53
C SER B 279 40.26 4.57 -4.98
N LEU B 280 41.29 4.46 -5.81
CA LEU B 280 41.88 3.18 -6.17
C LEU B 280 43.05 2.93 -5.24
N SER B 281 43.00 1.82 -4.50
CA SER B 281 44.05 1.51 -3.55
C SER B 281 45.26 0.94 -4.26
N ASP B 282 46.43 1.54 -4.00
CA ASP B 282 47.67 0.96 -4.50
C ASP B 282 48.07 -0.27 -3.69
N ASN B 283 47.60 -0.35 -2.44
CA ASN B 283 47.67 -1.59 -1.68
C ASN B 283 46.67 -2.57 -2.26
N GLU B 284 47.18 -3.61 -2.94
CA GLU B 284 46.31 -4.49 -3.72
C GLU B 284 45.53 -5.45 -2.83
N GLU B 285 46.06 -5.79 -1.66
CA GLU B 285 45.29 -6.61 -0.73
C GLU B 285 44.18 -5.82 -0.06
N GLU B 286 44.43 -4.52 0.19
CA GLU B 286 43.37 -3.64 0.67
C GLU B 286 42.34 -3.39 -0.42
N ARG B 287 42.79 -3.33 -1.68
CA ARG B 287 41.91 -3.28 -2.84
C ARG B 287 41.02 -4.53 -2.92
N HIS B 288 41.61 -5.70 -2.65
CA HIS B 288 40.87 -6.96 -2.69
C HIS B 288 39.85 -7.05 -1.55
N ALA B 289 40.25 -6.63 -0.35
CA ALA B 289 39.35 -6.64 0.80
C ALA B 289 38.20 -5.65 0.62
N LYS B 290 38.51 -4.48 0.04
CA LYS B 290 37.45 -3.48 -0.14
C LYS B 290 36.54 -3.83 -1.30
N ILE B 291 37.06 -4.50 -2.34
CA ILE B 291 36.20 -4.91 -3.45
C ILE B 291 35.34 -6.10 -3.02
N MET B 292 35.81 -6.90 -2.06
CA MET B 292 34.98 -7.95 -1.49
C MET B 292 33.92 -7.36 -0.56
N LYS B 293 34.27 -6.29 0.16
CA LYS B 293 33.33 -5.66 1.08
C LYS B 293 32.22 -4.91 0.32
N ASP B 294 32.59 -4.22 -0.76
CA ASP B 294 31.62 -3.39 -1.48
C ASP B 294 30.90 -4.16 -2.60
N PHE B 295 31.66 -4.78 -3.52
CA PHE B 295 31.02 -5.48 -4.62
C PHE B 295 30.39 -6.81 -4.19
N GLY B 296 30.84 -7.38 -3.08
CA GLY B 296 30.20 -8.55 -2.50
C GLY B 296 30.32 -9.81 -3.32
N LEU B 297 31.50 -10.04 -3.91
CA LEU B 297 31.70 -11.21 -4.75
C LEU B 297 31.82 -12.50 -3.95
N ILE B 298 32.11 -12.44 -2.66
CA ILE B 298 32.13 -13.62 -1.82
C ILE B 298 30.76 -13.78 -1.17
N GLU B 299 30.10 -14.88 -1.50
CA GLU B 299 28.84 -15.30 -0.92
C GLU B 299 29.14 -16.41 0.08
N ARG B 300 28.84 -16.19 1.34
CA ARG B 300 29.11 -17.23 2.32
C ARG B 300 27.80 -17.91 2.72
N ARG B 301 27.86 -19.25 2.73
CA ARG B 301 26.75 -20.18 2.90
C ARG B 301 27.07 -21.27 3.91
N SER B 302 26.14 -21.52 4.82
CA SER B 302 26.23 -22.60 5.79
C SER B 302 25.10 -23.58 5.55
N GLN B 303 25.42 -24.87 5.48
CA GLN B 303 24.42 -25.89 5.23
C GLN B 303 23.63 -26.20 6.50
N ASN B 304 22.58 -27.01 6.34
CA ASN B 304 21.72 -27.42 7.44
C ASN B 304 21.11 -28.75 7.05
N ILE B 305 21.38 -29.80 7.83
CA ILE B 305 20.92 -31.14 7.47
C ILE B 305 19.94 -31.69 8.49
N THR B 306 18.66 -31.54 8.21
CA THR B 306 17.59 -32.26 8.90
C THR B 306 16.76 -32.97 7.85
N VAL B 307 16.48 -34.25 8.07
CA VAL B 307 15.96 -35.12 7.03
C VAL B 307 14.93 -36.06 7.67
N ILE B 308 13.95 -36.48 6.88
CA ILE B 308 13.08 -37.60 7.21
C ILE B 308 13.71 -38.88 6.67
N ASN B 309 13.78 -39.90 7.52
CA ASN B 309 14.48 -41.13 7.20
C ASN B 309 13.64 -42.04 6.30
N GLU B 310 14.07 -43.31 6.22
CA GLU B 310 13.26 -44.34 5.57
C GLU B 310 12.09 -44.79 6.40
N LYS B 311 12.06 -44.46 7.70
CA LYS B 311 10.98 -44.88 8.59
C LYS B 311 9.91 -43.81 8.76
N GLY B 312 10.12 -42.59 8.26
CA GLY B 312 9.15 -41.54 8.38
C GLY B 312 9.35 -40.61 9.57
N LYS B 313 10.56 -40.48 10.09
CA LYS B 313 10.81 -39.70 11.30
C LYS B 313 12.03 -38.80 11.11
N LEU B 314 12.12 -37.77 11.95
CA LEU B 314 13.15 -36.75 11.80
C LEU B 314 14.50 -37.23 12.30
N GLN B 315 15.55 -36.78 11.62
CA GLN B 315 16.94 -37.11 11.92
C GLN B 315 17.81 -35.91 11.60
N VAL B 316 18.69 -35.55 12.53
CA VAL B 316 19.56 -34.39 12.36
C VAL B 316 20.99 -34.87 12.12
N TYR B 317 21.61 -34.37 11.05
CA TYR B 317 22.98 -34.75 10.71
C TYR B 317 23.83 -33.50 10.53
N ASP B 318 25.15 -33.73 10.48
CA ASP B 318 26.11 -32.67 10.27
C ASP B 318 27.06 -32.92 9.11
N ASN B 319 27.12 -34.15 8.60
CA ASN B 319 28.05 -34.49 7.52
C ASN B 319 27.32 -35.20 6.40
N VAL B 320 27.83 -35.02 5.19
CA VAL B 320 27.27 -35.63 3.98
C VAL B 320 27.69 -37.09 3.85
N VAL B 321 28.88 -37.44 4.37
CA VAL B 321 29.42 -38.80 4.32
C VAL B 321 28.54 -39.77 5.12
N ASP B 322 27.97 -39.28 6.23
CA ASP B 322 27.03 -40.08 7.01
C ASP B 322 25.74 -40.32 6.25
N LEU B 323 25.32 -39.35 5.41
CA LEU B 323 24.16 -39.57 4.56
C LEU B 323 24.44 -40.60 3.47
N ILE B 324 25.68 -40.61 2.93
CA ILE B 324 26.07 -41.63 1.95
C ILE B 324 26.07 -43.02 2.58
N LYS B 325 26.63 -43.14 3.80
CA LYS B 325 26.72 -44.44 4.47
C LYS B 325 25.35 -44.94 4.91
N ASP B 326 24.49 -44.02 5.37
CA ASP B 326 23.12 -44.36 5.72
C ASP B 326 22.32 -44.78 4.50
N PHE B 327 22.56 -44.13 3.35
CA PHE B 327 21.97 -44.52 2.08
C PHE B 327 22.36 -45.93 1.68
N VAL B 328 23.65 -46.28 1.88
CA VAL B 328 24.14 -47.60 1.51
C VAL B 328 23.52 -48.68 2.38
N GLU B 329 23.50 -48.47 3.72
CA GLU B 329 22.99 -49.51 4.61
C GLU B 329 21.47 -49.62 4.55
N VAL B 330 20.77 -48.52 4.22
CA VAL B 330 19.34 -48.61 3.98
C VAL B 330 19.06 -49.33 2.66
N ARG B 331 19.84 -49.02 1.61
CA ARG B 331 19.54 -49.50 0.27
C ARG B 331 19.80 -51.00 0.11
N LYS B 332 20.84 -51.53 0.77
CA LYS B 332 21.27 -52.91 0.54
C LYS B 332 20.23 -53.93 1.01
N THR B 333 19.40 -53.59 2.00
CA THR B 333 18.31 -54.46 2.44
C THR B 333 17.26 -54.65 1.35
N TYR B 334 16.87 -53.55 0.71
CA TYR B 334 15.89 -53.66 -0.38
C TYR B 334 16.50 -54.26 -1.64
N VAL B 335 17.82 -54.10 -1.84
CA VAL B 335 18.48 -54.82 -2.94
C VAL B 335 18.43 -56.33 -2.71
N GLN B 336 18.66 -56.76 -1.46
CA GLN B 336 18.58 -58.20 -1.14
C GLN B 336 17.13 -58.72 -1.24
N LYS B 337 16.16 -57.88 -0.87
CA LYS B 337 14.74 -58.22 -1.07
C LYS B 337 14.40 -58.39 -2.54
N ARG B 338 14.94 -57.49 -3.39
CA ARG B 338 14.74 -57.61 -4.83
C ARG B 338 15.38 -58.87 -5.39
N ILE B 339 16.56 -59.24 -4.86
CA ILE B 339 17.27 -60.44 -5.32
C ILE B 339 16.47 -61.71 -4.99
N ASP B 340 15.96 -61.80 -3.76
CA ASP B 340 15.19 -62.98 -3.34
C ASP B 340 13.85 -63.06 -4.08
N ASN B 341 13.15 -61.93 -4.21
CA ASN B 341 11.87 -61.92 -4.91
C ASN B 341 12.04 -62.21 -6.40
N LYS B 342 13.12 -61.69 -7.01
CA LYS B 342 13.44 -61.95 -8.42
C LYS B 342 13.75 -63.42 -8.66
N ILE B 343 14.44 -64.06 -7.69
CA ILE B 343 14.67 -65.51 -7.72
C ILE B 343 13.33 -66.25 -7.71
N LYS B 344 12.38 -65.79 -6.89
CA LYS B 344 11.06 -66.45 -6.82
C LYS B 344 10.38 -66.39 -8.18
N GLU B 345 10.22 -65.19 -8.73
CA GLU B 345 9.47 -65.03 -10.03
C GLU B 345 10.22 -65.75 -11.16
N THR B 346 11.55 -65.60 -11.23
CA THR B 346 12.30 -66.21 -12.37
C THR B 346 12.12 -67.72 -12.32
N GLU B 347 12.03 -68.30 -11.12
CA GLU B 347 11.77 -69.76 -10.99
C GLU B 347 10.35 -70.05 -11.49
N SER B 348 9.35 -69.34 -10.94
CA SER B 348 7.99 -69.52 -11.42
C SER B 348 7.89 -69.43 -12.94
N ALA B 349 8.66 -68.52 -13.54
CA ALA B 349 8.68 -68.36 -14.99
C ALA B 349 9.32 -69.56 -15.68
N PHE B 350 10.41 -70.10 -15.12
CA PHE B 350 11.05 -71.26 -15.72
C PHE B 350 10.17 -72.51 -15.63
N ARG B 351 9.49 -72.71 -14.49
CA ARG B 351 8.61 -73.87 -14.39
C ARG B 351 7.37 -73.70 -15.25
N LEU B 352 6.91 -72.45 -15.46
CA LEU B 352 5.84 -72.17 -16.41
C LEU B 352 6.26 -72.48 -17.85
N ALA B 353 7.47 -72.08 -18.24
CA ALA B 353 7.94 -72.28 -19.60
C ALA B 353 8.22 -73.75 -19.90
N PHE B 354 8.80 -74.45 -18.92
CA PHE B 354 9.04 -75.88 -19.08
C PHE B 354 7.72 -76.66 -19.10
N ALA B 355 6.73 -76.21 -18.31
CA ALA B 355 5.41 -76.83 -18.33
C ALA B 355 4.71 -76.65 -19.67
N LYS B 356 4.80 -75.45 -20.25
CA LYS B 356 4.12 -75.23 -21.53
C LYS B 356 4.87 -75.89 -22.69
N ALA B 357 6.20 -75.98 -22.61
CA ALA B 357 6.96 -76.65 -23.65
C ALA B 357 6.73 -78.16 -23.62
N HIS B 358 6.70 -78.74 -22.41
CA HIS B 358 6.43 -80.17 -22.31
C HIS B 358 4.95 -80.46 -22.52
N PHE B 359 4.09 -79.44 -22.38
CA PHE B 359 2.70 -79.58 -22.81
C PHE B 359 2.61 -79.72 -24.32
N ILE B 360 3.27 -78.83 -25.06
CA ILE B 360 3.21 -78.85 -26.52
C ILE B 360 3.89 -80.10 -27.08
N LYS B 361 4.92 -80.60 -26.40
CA LYS B 361 5.49 -81.89 -26.78
C LYS B 361 4.57 -83.07 -26.48
N LYS B 362 3.54 -82.87 -25.64
CA LYS B 362 2.51 -83.88 -25.44
C LYS B 362 1.20 -83.58 -26.16
N VAL B 363 1.17 -82.60 -27.07
CA VAL B 363 0.01 -82.33 -27.90
C VAL B 363 0.19 -82.84 -29.32
N ILE B 364 1.35 -82.62 -29.92
CA ILE B 364 1.61 -82.92 -31.33
C ILE B 364 1.72 -84.43 -31.50
N SER B 365 0.62 -85.04 -31.95
CA SER B 365 0.36 -86.49 -31.90
C SER B 365 0.59 -87.06 -30.50
N GLY B 366 0.12 -86.33 -29.48
CA GLY B 366 0.36 -86.70 -28.10
C GLY B 366 -0.89 -87.22 -27.40
N GLU B 367 -0.72 -87.53 -26.10
CA GLU B 367 -1.82 -88.11 -25.33
C GLU B 367 -2.84 -87.05 -24.92
N ILE B 368 -2.48 -85.78 -24.97
CA ILE B 368 -3.43 -84.71 -24.68
C ILE B 368 -4.16 -84.38 -25.98
N VAL B 369 -5.44 -84.73 -26.05
CA VAL B 369 -6.21 -84.67 -27.27
C VAL B 369 -7.33 -83.65 -27.08
N VAL B 370 -7.48 -82.76 -28.05
CA VAL B 370 -8.32 -81.58 -27.93
C VAL B 370 -9.59 -81.69 -28.78
N GLN B 371 -9.53 -82.39 -29.92
CA GLN B 371 -10.70 -82.49 -30.77
C GLN B 371 -11.65 -83.58 -30.28
N GLY B 372 -12.95 -83.33 -30.44
CA GLY B 372 -13.99 -84.24 -30.00
C GLY B 372 -14.39 -84.10 -28.54
N LYS B 373 -13.72 -83.24 -27.77
CA LYS B 373 -13.95 -83.13 -26.34
C LYS B 373 -14.12 -81.66 -25.96
N THR B 374 -14.86 -81.43 -24.89
CA THR B 374 -15.27 -80.08 -24.51
C THR B 374 -14.16 -79.37 -23.73
N ARG B 375 -14.47 -78.15 -23.29
CA ARG B 375 -13.51 -77.33 -22.53
C ARG B 375 -13.26 -77.91 -21.14
N LYS B 376 -14.34 -78.30 -20.45
CA LYS B 376 -14.27 -78.67 -19.03
C LYS B 376 -13.51 -79.98 -18.84
N GLU B 377 -13.59 -80.89 -19.83
CA GLU B 377 -12.88 -82.16 -19.79
C GLU B 377 -11.37 -81.93 -19.82
N LEU B 378 -10.90 -81.07 -20.73
CA LEU B 378 -9.46 -80.78 -20.81
C LEU B 378 -8.98 -79.99 -19.59
N THR B 379 -9.78 -79.05 -19.07
CA THR B 379 -9.35 -78.32 -17.87
C THR B 379 -9.25 -79.24 -16.66
N GLU B 380 -10.17 -80.21 -16.54
CA GLU B 380 -10.09 -81.16 -15.44
C GLU B 380 -8.93 -82.14 -15.60
N GLU B 381 -8.69 -82.66 -16.82
CA GLU B 381 -7.65 -83.68 -16.96
C GLU B 381 -6.26 -83.06 -16.92
N LEU B 382 -6.11 -81.80 -17.35
CA LEU B 382 -4.84 -81.12 -17.13
C LEU B 382 -4.71 -80.62 -15.69
N SER B 383 -5.84 -80.41 -15.00
CA SER B 383 -5.77 -79.98 -13.60
C SER B 383 -5.37 -81.14 -12.69
N LYS B 384 -5.70 -82.37 -13.07
CA LYS B 384 -5.26 -83.52 -12.29
C LYS B 384 -3.76 -83.78 -12.43
N ILE B 385 -3.13 -83.31 -13.51
CA ILE B 385 -1.69 -83.42 -13.67
C ILE B 385 -1.02 -82.33 -12.83
N ASP B 386 -0.04 -82.73 -12.01
CA ASP B 386 0.57 -81.80 -11.06
C ASP B 386 1.46 -80.77 -11.76
N MET B 387 2.06 -81.14 -12.88
CA MET B 387 2.90 -80.19 -13.59
C MET B 387 2.12 -79.34 -14.59
N TYR B 388 0.79 -79.41 -14.56
CA TYR B 388 -0.14 -78.36 -15.00
C TYR B 388 -1.13 -77.99 -13.90
N SER B 389 -0.62 -77.69 -12.69
CA SER B 389 -1.50 -77.50 -11.52
C SER B 389 -2.37 -76.25 -11.64
N SER B 390 -1.76 -75.09 -11.91
CA SER B 390 -2.49 -73.82 -11.88
C SER B 390 -2.21 -72.97 -13.11
N TYR B 391 -1.74 -73.59 -14.20
CA TYR B 391 -1.33 -72.83 -15.37
C TYR B 391 -2.27 -72.97 -16.55
N VAL B 392 -3.36 -73.76 -16.44
CA VAL B 392 -4.09 -74.26 -17.60
C VAL B 392 -4.92 -73.17 -18.28
N ASP B 393 -5.10 -72.02 -17.60
CA ASP B 393 -5.79 -70.88 -18.21
C ASP B 393 -4.99 -70.27 -19.35
N LYS B 394 -3.66 -70.20 -19.21
CA LYS B 394 -2.87 -69.66 -20.31
C LYS B 394 -2.45 -70.75 -21.29
N LEU B 395 -2.57 -72.03 -20.89
CA LEU B 395 -2.54 -73.10 -21.88
C LEU B 395 -3.77 -73.07 -22.77
N VAL B 396 -4.93 -72.71 -22.22
CA VAL B 396 -6.11 -72.69 -23.07
C VAL B 396 -6.23 -71.35 -23.80
N GLY B 397 -5.63 -70.28 -23.25
CA GLY B 397 -5.60 -69.01 -23.96
C GLY B 397 -4.58 -68.99 -25.09
N MET B 398 -3.65 -69.95 -25.06
CA MET B 398 -2.76 -70.25 -26.17
C MET B 398 -3.51 -70.61 -27.44
N ASN B 399 -2.90 -70.30 -28.60
CA ASN B 399 -3.52 -70.39 -29.91
C ASN B 399 -2.79 -71.37 -30.85
N ILE B 400 -3.35 -71.59 -32.05
CA ILE B 400 -3.05 -72.82 -32.79
C ILE B 400 -1.74 -72.72 -33.56
N PHE B 401 -1.07 -71.55 -33.54
CA PHE B 401 0.21 -71.51 -34.25
C PHE B 401 1.32 -72.00 -33.31
N HIS B 402 0.97 -72.28 -32.06
CA HIS B 402 1.79 -73.14 -31.20
C HIS B 402 1.45 -74.62 -31.45
N MET B 403 1.72 -75.06 -32.68
CA MET B 403 1.52 -76.45 -33.09
C MET B 403 2.69 -77.01 -33.91
N THR B 404 3.50 -76.15 -34.54
CA THR B 404 4.52 -76.59 -35.49
C THR B 404 5.76 -77.10 -34.76
N SER B 405 6.76 -77.52 -35.53
CA SER B 405 8.00 -77.98 -34.93
C SER B 405 8.87 -76.81 -34.46
N ASP B 406 8.85 -75.70 -35.23
CA ASP B 406 9.73 -74.57 -34.97
C ASP B 406 9.37 -73.86 -33.67
N GLU B 407 8.07 -73.77 -33.38
CA GLU B 407 7.65 -73.20 -32.10
C GLU B 407 7.96 -74.12 -30.94
N ALA B 408 8.01 -75.44 -31.17
CA ALA B 408 8.35 -76.38 -30.10
C ALA B 408 9.81 -76.23 -29.71
N LYS B 409 10.71 -76.12 -30.69
CA LYS B 409 12.09 -75.77 -30.38
C LYS B 409 12.23 -74.35 -29.85
N LYS B 410 11.34 -73.42 -30.23
CA LYS B 410 11.36 -72.06 -29.69
C LYS B 410 10.98 -72.04 -28.20
N LEU B 411 9.95 -72.79 -27.83
CA LEU B 411 9.55 -72.91 -26.43
C LEU B 411 10.62 -73.60 -25.61
N ALA B 412 11.29 -74.61 -26.21
CA ALA B 412 12.40 -75.27 -25.53
C ALA B 412 13.58 -74.32 -25.30
N GLU B 413 13.98 -73.55 -26.32
CA GLU B 413 15.15 -72.69 -26.16
C GLU B 413 14.84 -71.49 -25.27
N GLU B 414 13.59 -71.02 -25.27
CA GLU B 414 13.24 -69.93 -24.37
C GLU B 414 13.09 -70.41 -22.93
N ALA B 415 12.67 -71.68 -22.74
CA ALA B 415 12.66 -72.29 -21.41
C ALA B 415 14.07 -72.44 -20.86
N LYS B 416 15.02 -72.92 -21.68
CA LYS B 416 16.40 -72.95 -21.21
C LYS B 416 17.05 -71.57 -21.13
N ALA B 417 16.54 -70.58 -21.88
CA ALA B 417 17.04 -69.21 -21.77
C ALA B 417 16.67 -68.60 -20.43
N LYS B 418 15.42 -68.79 -19.99
CA LYS B 418 15.09 -68.29 -18.67
C LYS B 418 15.56 -69.24 -17.57
N LYS B 419 15.95 -70.47 -17.93
CA LYS B 419 16.68 -71.32 -16.99
C LYS B 419 18.08 -70.77 -16.69
N GLU B 420 18.81 -70.35 -17.73
CA GLU B 420 20.14 -69.80 -17.46
C GLU B 420 20.04 -68.41 -16.86
N GLU B 421 18.95 -67.68 -17.16
CA GLU B 421 18.68 -66.44 -16.42
C GLU B 421 18.33 -66.71 -14.96
N ASN B 422 17.61 -67.80 -14.69
CA ASN B 422 17.27 -68.23 -13.33
C ASN B 422 18.53 -68.55 -12.54
N GLU B 423 19.47 -69.29 -13.15
CA GLU B 423 20.69 -69.63 -12.45
C GLU B 423 21.62 -68.42 -12.32
N TYR B 424 21.64 -67.54 -13.33
CA TYR B 424 22.50 -66.36 -13.30
C TYR B 424 22.05 -65.35 -12.26
N TRP B 425 20.74 -65.15 -12.12
CA TRP B 425 20.26 -64.29 -11.05
C TRP B 425 20.18 -65.03 -9.72
N LYS B 426 20.30 -66.36 -9.72
CA LYS B 426 20.38 -67.11 -8.48
C LYS B 426 21.76 -67.04 -7.83
N THR B 427 22.84 -67.09 -8.61
CA THR B 427 24.20 -67.04 -8.06
C THR B 427 24.58 -65.70 -7.44
N THR B 428 24.16 -64.59 -8.04
CA THR B 428 24.74 -63.29 -7.73
C THR B 428 24.18 -62.71 -6.43
N ASP B 429 24.71 -61.54 -6.05
CA ASP B 429 24.45 -60.92 -4.76
C ASP B 429 24.31 -59.41 -4.96
N VAL B 430 24.39 -58.65 -3.87
CA VAL B 430 24.14 -57.21 -3.89
C VAL B 430 25.28 -56.47 -4.59
N VAL B 431 26.52 -56.82 -4.26
CA VAL B 431 27.67 -55.93 -4.46
C VAL B 431 28.05 -55.84 -5.93
N THR B 432 28.06 -56.97 -6.64
CA THR B 432 28.51 -56.95 -8.03
C THR B 432 27.47 -56.34 -8.97
N GLU B 433 26.18 -56.50 -8.67
CA GLU B 433 25.17 -55.80 -9.45
C GLU B 433 25.12 -54.32 -9.11
N TYR B 434 25.42 -53.95 -7.86
CA TYR B 434 25.51 -52.53 -7.52
C TYR B 434 26.70 -51.88 -8.22
N THR B 435 27.80 -52.64 -8.36
CA THR B 435 28.93 -52.20 -9.17
C THR B 435 28.54 -52.04 -10.63
N LYS B 436 27.73 -52.97 -11.15
CA LYS B 436 27.27 -52.91 -12.54
C LYS B 436 26.37 -51.69 -12.80
N ASP B 437 25.37 -51.47 -11.94
CA ASP B 437 24.47 -50.33 -12.15
C ASP B 437 25.15 -49.00 -11.83
N LEU B 438 26.27 -49.04 -11.11
CA LEU B 438 27.07 -47.82 -10.99
C LEU B 438 27.84 -47.58 -12.27
N GLU B 439 28.38 -48.64 -12.87
CA GLU B 439 29.24 -48.44 -14.02
C GLU B 439 28.45 -48.32 -15.32
N GLU B 440 27.11 -48.38 -15.25
CA GLU B 440 26.28 -48.06 -16.42
C GLU B 440 26.05 -46.56 -16.63
N ILE B 441 26.89 -45.67 -16.10
CA ILE B 441 26.85 -44.25 -16.47
C ILE B 441 27.31 -44.07 -17.92
N MET C 1 -7.15 38.88 60.65
CA MET C 1 -7.59 40.02 59.87
C MET C 1 -6.39 40.62 59.13
N ILE C 2 -6.63 41.10 57.91
CA ILE C 2 -5.56 41.67 57.10
C ILE C 2 -5.20 43.05 57.64
N LYS C 3 -3.93 43.26 57.93
CA LYS C 3 -3.48 44.53 58.50
C LYS C 3 -3.39 45.59 57.40
N ASN C 4 -3.76 46.81 57.75
CA ASN C 4 -3.77 47.94 56.81
C ASN C 4 -3.02 49.10 57.44
N GLU C 5 -1.70 49.15 57.21
CA GLU C 5 -0.85 50.24 57.65
C GLU C 5 -0.04 50.73 56.47
N ILE C 6 0.30 52.02 56.48
CA ILE C 6 1.03 52.63 55.37
C ILE C 6 2.50 52.74 55.73
N LYS C 7 3.35 52.10 54.94
CA LYS C 7 4.80 52.31 55.00
C LYS C 7 5.20 53.24 53.87
N ILE C 8 5.92 54.30 54.22
CA ILE C 8 6.54 55.19 53.24
C ILE C 8 8.03 54.90 53.24
N LEU C 9 8.53 54.32 52.15
CA LEU C 9 9.91 53.88 52.05
C LEU C 9 10.74 54.96 51.35
N SER C 10 12.06 54.75 51.35
CA SER C 10 12.95 55.56 50.54
C SER C 10 13.00 54.99 49.12
N ASP C 11 13.97 55.46 48.32
CA ASP C 11 14.14 54.91 46.98
C ASP C 11 14.74 53.51 47.03
N ILE C 12 15.66 53.29 47.98
CA ILE C 12 16.40 52.03 48.05
C ILE C 12 15.48 50.90 48.52
N GLU C 13 14.66 51.16 49.53
CA GLU C 13 13.74 50.14 50.05
C GLU C 13 12.60 49.87 49.07
N HIS C 14 12.14 50.90 48.34
CA HIS C 14 11.12 50.69 47.32
C HIS C 14 11.65 49.88 46.16
N ILE C 15 12.92 50.07 45.81
CA ILE C 15 13.52 49.26 44.75
C ILE C 15 13.73 47.82 45.23
N LYS C 16 14.27 47.65 46.44
CA LYS C 16 14.63 46.30 46.89
C LYS C 16 13.42 45.48 47.34
N LYS C 17 12.31 46.14 47.68
CA LYS C 17 11.11 45.39 48.04
C LYS C 17 10.25 45.09 46.81
N ARG C 18 10.40 45.89 45.74
CA ARG C 18 9.60 45.76 44.53
C ARG C 18 10.53 45.60 43.34
N SER C 19 11.43 44.61 43.42
CA SER C 19 12.50 44.42 42.44
C SER C 19 11.98 44.13 41.04
N GLY C 20 10.88 43.36 40.95
CA GLY C 20 10.36 42.96 39.64
C GLY C 20 9.75 44.11 38.84
N MET C 21 9.46 45.23 39.51
CA MET C 21 9.08 46.44 38.80
C MET C 21 10.25 47.04 38.02
N TYR C 22 11.49 46.92 38.52
CA TYR C 22 12.58 47.73 38.04
C TYR C 22 13.68 46.97 37.29
N ILE C 23 13.66 45.63 37.27
CA ILE C 23 14.65 44.89 36.50
C ILE C 23 13.94 43.94 35.54
N GLY C 24 12.62 44.03 35.49
CA GLY C 24 11.86 43.08 34.70
C GLY C 24 11.65 41.79 35.49
N SER C 25 11.96 40.66 34.86
CA SER C 25 11.78 39.38 35.53
C SER C 25 12.93 39.09 36.47
N SER C 26 12.59 38.66 37.68
CA SER C 26 13.56 38.21 38.67
C SER C 26 13.47 36.70 38.85
N ALA C 27 12.98 36.00 37.84
CA ALA C 27 12.79 34.56 37.88
C ALA C 27 13.39 33.92 36.64
N ASN C 28 13.87 32.69 36.80
CA ASN C 28 14.42 31.93 35.69
C ASN C 28 13.28 31.41 34.84
N GLU C 29 13.26 31.78 33.56
CA GLU C 29 12.13 31.45 32.69
C GLU C 29 12.63 31.14 31.30
N MET C 30 11.77 30.50 30.52
CA MET C 30 12.06 30.06 29.17
C MET C 30 11.46 31.04 28.16
N HIS C 31 12.21 31.29 27.08
CA HIS C 31 11.77 32.13 25.98
C HIS C 31 12.31 31.55 24.69
N GLU C 32 11.93 32.16 23.57
CA GLU C 32 12.46 31.82 22.25
C GLU C 32 13.19 33.04 21.71
N ARG C 33 14.52 32.94 21.63
CA ARG C 33 15.37 34.07 21.32
C ARG C 33 16.19 33.78 20.07
N PHE C 34 16.39 34.81 19.25
CA PHE C 34 17.37 34.77 18.19
C PHE C 34 18.77 34.88 18.80
N LEU C 35 19.50 33.77 18.80
CA LEU C 35 20.91 33.75 19.17
C LEU C 35 21.72 33.40 17.92
N PHE C 36 22.58 34.34 17.51
CA PHE C 36 23.49 34.23 16.35
C PHE C 36 22.73 33.92 15.05
N GLY C 37 21.55 34.50 14.91
CA GLY C 37 20.71 34.25 13.77
C GLY C 37 19.83 33.02 13.86
N LYS C 38 19.81 32.32 14.99
CA LYS C 38 19.05 31.08 15.14
C LYS C 38 17.93 31.26 16.15
N TRP C 39 16.73 30.82 15.77
CA TRP C 39 15.54 30.94 16.61
C TRP C 39 15.54 29.78 17.61
N GLU C 40 16.30 29.94 18.68
CA GLU C 40 16.53 28.87 19.64
C GLU C 40 15.82 29.15 20.95
N SER C 41 15.36 28.08 21.59
CA SER C 41 14.76 28.20 22.90
C SER C 41 15.84 28.37 23.96
N VAL C 42 15.72 29.45 24.75
CA VAL C 42 16.67 29.75 25.81
C VAL C 42 15.91 29.73 27.14
N GLN C 43 16.69 29.61 28.22
CA GLN C 43 16.14 29.64 29.58
C GLN C 43 17.13 30.39 30.45
N TYR C 44 16.70 31.53 30.99
CA TYR C 44 17.62 32.45 31.65
C TYR C 44 16.81 33.41 32.53
N VAL C 45 17.52 34.34 33.15
CA VAL C 45 16.93 35.40 33.97
C VAL C 45 17.07 36.71 33.22
N PRO C 46 15.99 37.38 32.83
CA PRO C 46 16.11 38.68 32.14
C PRO C 46 16.60 39.81 33.03
N GLY C 47 16.57 39.64 34.36
CA GLY C 47 17.06 40.70 35.24
C GLY C 47 18.56 40.91 35.16
N LEU C 48 19.33 39.82 35.15
CA LEU C 48 20.79 39.95 35.09
C LEU C 48 21.26 40.39 33.72
N VAL C 49 20.59 39.91 32.66
CA VAL C 49 20.84 40.39 31.30
C VAL C 49 20.50 41.87 31.19
N LYS C 50 19.42 42.30 31.84
CA LYS C 50 19.06 43.72 31.89
C LYS C 50 20.11 44.53 32.64
N LEU C 51 20.68 43.98 33.71
CA LEU C 51 21.72 44.67 34.47
C LEU C 51 23.00 44.81 33.66
N ILE C 52 23.34 43.80 32.85
CA ILE C 52 24.47 43.91 31.94
C ILE C 52 24.19 44.94 30.86
N ASP C 53 22.97 44.94 30.30
CA ASP C 53 22.61 45.84 29.22
C ASP C 53 22.46 47.28 29.67
N GLU C 54 22.24 47.53 30.97
CA GLU C 54 22.25 48.91 31.47
C GLU C 54 23.63 49.54 31.32
N ILE C 55 24.67 48.83 31.74
CA ILE C 55 26.04 49.34 31.63
C ILE C 55 26.48 49.35 30.17
N ILE C 56 26.04 48.35 29.39
CA ILE C 56 26.36 48.30 27.96
C ILE C 56 25.73 49.49 27.22
N ASP C 57 24.46 49.77 27.50
CA ASP C 57 23.76 50.89 26.86
C ASP C 57 24.26 52.23 27.37
N ASN C 58 24.75 52.29 28.61
CA ASN C 58 25.40 53.50 29.10
C ASN C 58 26.70 53.77 28.34
N SER C 59 27.48 52.71 28.06
CA SER C 59 28.72 52.88 27.29
C SER C 59 28.42 53.25 25.84
N VAL C 60 27.37 52.66 25.24
CA VAL C 60 27.01 53.01 23.87
C VAL C 60 26.49 54.45 23.79
N ASP C 61 25.63 54.85 24.75
CA ASP C 61 25.11 56.22 24.79
C ASP C 61 26.21 57.24 25.07
N GLU C 62 27.24 56.83 25.81
CA GLU C 62 28.49 57.60 25.87
C GLU C 62 29.15 57.67 24.50
N GLY C 63 28.98 56.62 23.68
CA GLY C 63 29.41 56.67 22.30
C GLY C 63 28.65 57.70 21.46
N ILE C 64 27.32 57.73 21.56
CA ILE C 64 26.52 58.69 20.76
C ILE C 64 26.77 60.13 21.21
N ARG C 65 26.85 60.37 22.54
CA ARG C 65 26.94 61.75 23.03
C ARG C 65 28.27 62.44 22.71
N THR C 66 29.29 61.69 22.31
CA THR C 66 30.53 62.26 21.78
C THR C 66 30.63 62.13 20.26
N LYS C 67 29.52 61.75 19.60
CA LYS C 67 29.43 61.50 18.14
C LYS C 67 30.45 60.46 17.67
N PHE C 68 30.60 59.39 18.44
CA PHE C 68 31.41 58.20 18.20
C PHE C 68 32.91 58.45 18.11
N LYS C 69 33.37 59.64 18.51
CA LYS C 69 34.81 59.84 18.67
C LYS C 69 35.30 59.18 19.95
N PHE C 70 34.55 59.31 21.03
CA PHE C 70 34.86 58.71 22.31
C PHE C 70 33.85 57.61 22.61
N ALA C 71 34.25 56.70 23.51
CA ALA C 71 33.60 55.40 23.76
C ALA C 71 33.45 54.61 22.46
N ASN C 72 34.48 54.64 21.63
CA ASN C 72 34.51 53.92 20.35
C ASN C 72 35.05 52.50 20.48
N LYS C 73 35.59 52.14 21.63
CA LYS C 73 35.87 50.75 21.97
C LYS C 73 35.16 50.45 23.29
N ILE C 74 34.43 49.35 23.34
CA ILE C 74 33.69 48.95 24.54
C ILE C 74 34.08 47.51 24.84
N ASN C 75 34.80 47.31 25.93
CA ASN C 75 35.20 45.98 26.38
C ASN C 75 34.19 45.49 27.40
N VAL C 76 33.43 44.47 27.05
CA VAL C 76 32.49 43.82 27.97
C VAL C 76 33.06 42.44 28.26
N THR C 77 33.71 42.29 29.41
CA THR C 77 34.32 41.04 29.80
C THR C 77 33.50 40.41 30.92
N ILE C 78 32.94 39.23 30.65
CA ILE C 78 32.13 38.51 31.61
C ILE C 78 32.83 37.19 31.90
N LYS C 79 33.42 37.09 33.09
CA LYS C 79 34.08 35.87 33.51
C LYS C 79 34.02 35.76 35.03
N ASN C 80 33.72 34.54 35.51
CA ASN C 80 33.69 34.17 36.93
C ASN C 80 32.72 35.02 37.75
N ASN C 81 31.52 35.21 37.20
CA ASN C 81 30.44 36.04 37.75
C ASN C 81 30.90 37.48 38.01
N GLN C 82 31.52 38.08 37.00
CA GLN C 82 32.08 39.41 37.12
C GLN C 82 32.06 40.08 35.76
N VAL C 83 31.42 41.24 35.69
CA VAL C 83 31.26 41.98 34.44
C VAL C 83 32.11 43.24 34.52
N THR C 84 33.04 43.39 33.58
CA THR C 84 33.90 44.57 33.46
C THR C 84 33.62 45.21 32.10
N VAL C 85 33.00 46.38 32.12
CA VAL C 85 32.73 47.14 30.90
C VAL C 85 33.59 48.39 30.94
N GLU C 86 34.49 48.51 29.97
CA GLU C 86 35.44 49.61 29.90
C GLU C 86 35.31 50.30 28.56
N ASP C 87 35.05 51.60 28.57
CA ASP C 87 35.05 52.40 27.36
C ASP C 87 35.95 53.62 27.57
N ASN C 88 36.38 54.19 26.44
CA ASN C 88 37.29 55.35 26.44
C ASN C 88 36.56 56.66 26.17
N GLY C 89 35.39 56.82 26.78
CA GLY C 89 34.62 58.05 26.69
C GLY C 89 35.26 59.21 27.41
N ARG C 90 34.60 60.37 27.34
CA ARG C 90 35.18 61.59 27.88
C ARG C 90 35.15 61.59 29.41
N GLY C 91 34.21 60.89 30.00
CA GLY C 91 34.20 60.74 31.45
C GLY C 91 32.94 61.29 32.10
N ILE C 92 32.49 60.59 33.12
CA ILE C 92 31.43 61.07 34.02
C ILE C 92 31.97 62.27 34.78
N PRO C 93 31.27 63.42 34.79
CA PRO C 93 31.91 64.69 35.19
C PRO C 93 32.22 64.78 36.68
N GLN C 94 33.35 65.43 36.97
CA GLN C 94 33.82 65.70 38.33
C GLN C 94 33.15 66.92 38.94
N ALA C 95 32.34 67.64 38.17
CA ALA C 95 31.76 68.90 38.61
C ALA C 95 30.69 68.69 39.67
N MET C 96 30.36 69.76 40.37
CA MET C 96 29.50 69.67 41.55
C MET C 96 28.05 69.57 41.12
N VAL C 97 27.39 68.49 41.51
CA VAL C 97 25.96 68.34 41.38
C VAL C 97 25.36 68.35 42.78
N LYS C 98 24.10 68.75 42.88
CA LYS C 98 23.46 68.99 44.16
C LYS C 98 22.26 68.07 44.35
N THR C 99 22.13 67.54 45.55
CA THR C 99 20.93 66.79 45.92
C THR C 99 19.84 67.77 46.35
N PRO C 100 18.56 67.39 46.19
CA PRO C 100 17.48 68.19 46.80
C PRO C 100 17.48 68.16 48.32
N THR C 101 18.09 67.15 48.94
CA THR C 101 18.19 67.06 50.39
C THR C 101 19.16 68.07 50.99
N GLY C 102 20.06 68.64 50.19
CA GLY C 102 21.05 69.58 50.67
C GLY C 102 22.44 69.02 50.80
N GLU C 103 22.60 67.70 50.70
CA GLU C 103 23.92 67.09 50.75
C GLU C 103 24.67 67.33 49.45
N GLU C 104 25.93 67.72 49.56
CA GLU C 104 26.76 68.04 48.40
C GLU C 104 27.54 66.79 48.01
N ILE C 105 27.09 66.12 46.95
CA ILE C 105 27.63 64.84 46.53
C ILE C 105 28.28 65.01 45.16
N PRO C 106 29.50 64.49 44.94
CA PRO C 106 30.15 64.63 43.63
C PRO C 106 29.47 63.80 42.54
N GLY C 107 29.96 63.98 41.32
CA GLY C 107 29.31 63.53 40.10
C GLY C 107 29.07 62.03 39.91
N PRO C 108 30.15 61.25 39.73
CA PRO C 108 29.95 59.80 39.47
C PRO C 108 29.38 59.03 40.65
N VAL C 109 29.64 59.46 41.88
CA VAL C 109 29.07 58.77 43.03
C VAL C 109 27.57 59.08 43.18
N ALA C 110 27.13 60.28 42.79
CA ALA C 110 25.70 60.55 42.77
C ALA C 110 25.04 59.86 41.58
N ALA C 111 25.80 59.63 40.51
CA ALA C 111 25.25 58.88 39.39
C ALA C 111 25.15 57.38 39.70
N TRP C 112 26.05 56.88 40.54
CA TRP C 112 26.19 55.44 40.75
C TRP C 112 25.69 54.94 42.10
N THR C 113 25.23 55.81 42.98
CA THR C 113 24.72 55.32 44.26
C THR C 113 23.23 55.58 44.44
N ILE C 114 22.79 56.82 44.34
CA ILE C 114 21.38 57.17 44.49
C ILE C 114 20.73 57.11 43.10
N PRO C 115 19.46 56.72 43.00
CA PRO C 115 18.79 56.72 41.69
C PRO C 115 18.23 58.09 41.34
N LYS C 116 17.49 58.14 40.22
CA LYS C 116 16.84 59.34 39.66
C LYS C 116 17.84 60.47 39.39
N ALA C 117 19.04 60.12 38.96
CA ALA C 117 20.09 61.08 38.69
C ALA C 117 20.82 60.70 37.41
N GLY C 118 21.04 61.68 36.54
CA GLY C 118 21.73 61.44 35.30
C GLY C 118 21.61 62.63 34.38
N GLY C 119 22.24 62.50 33.21
CA GLY C 119 22.29 63.58 32.25
C GLY C 119 21.37 63.38 31.06
N ASN C 120 20.18 62.86 31.30
CA ASN C 120 19.17 62.69 30.25
C ASN C 120 17.83 63.26 30.68
N PHE C 121 17.84 64.20 31.63
CA PHE C 121 16.64 64.91 32.04
C PHE C 121 16.50 66.26 31.36
N GLY C 122 17.17 66.46 30.22
CA GLY C 122 17.04 67.70 29.48
C GLY C 122 15.92 67.65 28.44
N ASP C 123 16.18 68.18 27.25
CA ASP C 123 15.20 68.13 26.18
C ASP C 123 15.10 66.73 25.60
N ASP C 124 13.88 66.32 25.28
CA ASP C 124 13.62 64.98 24.78
C ASP C 124 13.57 64.89 23.26
N LYS C 125 13.25 65.99 22.57
CA LYS C 125 13.12 65.96 21.12
C LYS C 125 14.46 65.94 20.41
N GLU C 126 15.53 66.38 21.08
CA GLU C 126 16.87 66.28 20.52
C GLU C 126 17.69 65.14 21.13
N ARG C 127 17.18 64.49 22.17
CA ARG C 127 17.90 63.40 22.81
C ARG C 127 17.80 62.14 21.98
N VAL C 128 18.93 61.69 21.44
CA VAL C 128 18.99 60.52 20.58
C VAL C 128 19.57 59.31 21.31
N THR C 129 19.69 59.38 22.63
CA THR C 129 20.28 58.29 23.39
C THR C 129 19.20 57.34 23.90
N GLY C 130 19.62 56.13 24.22
CA GLY C 130 18.69 55.12 24.71
C GLY C 130 18.31 55.24 26.17
N GLY C 131 18.90 56.17 26.91
CA GLY C 131 18.64 56.33 28.33
C GLY C 131 17.72 57.52 28.60
N MET C 132 16.72 57.29 29.43
CA MET C 132 15.76 58.32 29.84
C MET C 132 15.66 58.49 31.34
N ASN C 133 15.72 57.39 32.10
CA ASN C 133 15.11 57.38 33.43
C ASN C 133 16.07 57.82 34.53
N GLY C 134 17.37 57.68 34.32
CA GLY C 134 18.33 58.11 35.33
C GLY C 134 18.43 57.21 36.53
N VAL C 135 17.94 55.97 36.43
CA VAL C 135 17.96 55.02 37.53
C VAL C 135 18.78 53.78 37.23
N GLY C 136 19.32 53.65 36.02
CA GLY C 136 19.84 52.39 35.53
C GLY C 136 21.13 51.85 36.12
N SER C 137 22.19 52.67 36.13
CA SER C 137 23.45 52.21 36.69
C SER C 137 23.39 52.15 38.21
N SER C 138 22.55 52.98 38.82
CA SER C 138 22.26 52.82 40.24
C SER C 138 21.51 51.51 40.51
N LEU C 139 20.65 51.10 39.58
CA LEU C 139 19.99 49.79 39.69
C LEU C 139 20.98 48.66 39.50
N THR C 140 22.02 48.88 38.69
CA THR C 140 23.12 47.90 38.59
C THR C 140 23.90 47.84 39.91
N ASN C 141 24.10 48.99 40.55
CA ASN C 141 24.77 49.05 41.83
C ASN C 141 23.97 48.37 42.94
N ILE C 142 22.63 48.45 42.86
CA ILE C 142 21.77 47.93 43.92
C ILE C 142 21.81 46.40 43.96
N PHE C 143 21.73 45.75 42.79
CA PHE C 143 21.70 44.30 42.73
C PHE C 143 23.08 43.69 42.53
N SER C 144 24.13 44.34 43.02
CA SER C 144 25.49 43.84 42.95
C SER C 144 26.11 43.85 44.34
N VAL C 145 26.85 42.78 44.67
CA VAL C 145 27.50 42.70 45.97
C VAL C 145 28.82 43.46 45.95
N MET C 146 29.35 43.74 44.76
CA MET C 146 30.59 44.48 44.61
C MET C 146 30.50 45.31 43.35
N PHE C 147 30.80 46.61 43.46
CA PHE C 147 30.61 47.52 42.34
C PHE C 147 31.66 48.62 42.43
N VAL C 148 32.63 48.61 41.53
CA VAL C 148 33.59 49.70 41.44
C VAL C 148 33.45 50.40 40.10
N GLY C 149 33.41 51.73 40.15
CA GLY C 149 33.39 52.56 38.97
C GLY C 149 34.59 53.49 38.96
N GLU C 150 35.49 53.28 38.00
CA GLU C 150 36.70 54.08 37.87
C GLU C 150 36.50 55.04 36.70
N THR C 151 36.53 56.34 36.97
CA THR C 151 36.23 57.36 35.99
C THR C 151 37.41 58.30 35.82
N GLY C 152 37.86 58.46 34.59
CA GLY C 152 38.85 59.48 34.31
C GLY C 152 38.34 60.50 33.31
N ASP C 153 38.42 61.78 33.66
CA ASP C 153 38.09 62.87 32.75
C ASP C 153 39.31 63.44 32.07
N GLY C 154 40.50 62.87 32.34
CA GLY C 154 41.75 63.38 31.84
C GLY C 154 42.60 64.09 32.87
N GLN C 155 42.04 64.46 34.02
CA GLN C 155 42.79 65.18 35.04
C GLN C 155 42.75 64.46 36.39
N ASN C 156 41.67 63.72 36.66
CA ASN C 156 41.51 63.03 37.93
C ASN C 156 40.84 61.69 37.70
N ASN C 157 41.10 60.75 38.61
CA ASN C 157 40.45 59.44 38.60
C ASN C 157 39.55 59.34 39.84
N ILE C 158 38.26 59.25 39.60
CA ILE C 158 37.27 59.10 40.68
C ILE C 158 36.89 57.63 40.75
N VAL C 159 37.14 57.02 41.90
CA VAL C 159 36.80 55.63 42.17
C VAL C 159 35.60 55.65 43.10
N VAL C 160 34.50 55.07 42.64
CA VAL C 160 33.29 54.90 43.44
C VAL C 160 33.16 53.41 43.75
N ARG C 161 33.38 53.04 45.00
CA ARG C 161 33.35 51.64 45.41
C ARG C 161 32.18 51.40 46.36
N CYS C 162 31.35 50.42 46.02
CA CYS C 162 30.19 50.06 46.80
C CYS C 162 30.17 48.55 47.01
N SER C 163 29.65 48.15 48.17
CA SER C 163 29.67 46.76 48.61
C SER C 163 28.48 46.53 49.54
N ASN C 164 28.24 45.23 49.83
CA ASN C 164 27.15 44.73 50.68
C ASN C 164 25.77 45.14 50.15
N GLY C 165 25.61 45.10 48.83
CA GLY C 165 24.39 45.57 48.21
C GLY C 165 24.19 47.06 48.34
N MET C 166 25.21 47.85 47.94
CA MET C 166 25.42 49.30 48.03
C MET C 166 25.18 49.91 49.42
N GLU C 167 25.14 49.08 50.47
CA GLU C 167 24.98 49.61 51.83
C GLU C 167 26.28 50.22 52.32
N ASN C 168 27.41 49.77 51.78
CA ASN C 168 28.68 50.47 51.93
C ASN C 168 28.99 51.19 50.62
N LYS C 169 29.20 52.50 50.68
CA LYS C 169 29.54 53.29 49.51
C LYS C 169 30.59 54.32 49.88
N SER C 170 31.60 54.47 49.01
CA SER C 170 32.64 55.45 49.26
C SER C 170 33.22 55.94 47.95
N TRP C 171 33.43 57.25 47.85
CA TRP C 171 34.02 57.90 46.69
C TRP C 171 35.39 58.44 47.04
N GLU C 172 36.32 58.35 46.09
CA GLU C 172 37.69 58.77 46.33
C GLU C 172 38.30 59.29 45.04
N THR C 173 39.24 60.23 45.16
CA THR C 173 39.82 60.91 44.02
C THR C 173 41.34 60.79 44.05
N ILE C 174 41.92 60.34 42.94
CA ILE C 174 43.37 60.18 42.79
C ILE C 174 43.79 61.09 41.63
N PRO C 175 44.92 61.79 41.73
CA PRO C 175 45.48 62.46 40.54
C PRO C 175 45.94 61.43 39.51
N GLY C 176 45.45 61.60 38.28
CA GLY C 176 45.74 60.64 37.23
C GLY C 176 45.50 61.26 35.87
N LYS C 177 45.73 60.44 34.84
CA LYS C 177 45.65 60.91 33.46
C LYS C 177 44.77 60.05 32.55
N TRP C 178 44.01 59.11 33.09
CA TRP C 178 43.13 58.29 32.25
C TRP C 178 41.91 59.11 31.82
N LYS C 179 41.31 58.70 30.71
CA LYS C 179 40.08 59.31 30.22
C LYS C 179 39.16 58.20 29.73
N GLY C 180 38.20 57.83 30.56
CA GLY C 180 37.26 56.78 30.21
C GLY C 180 36.47 56.34 31.43
N THR C 181 35.71 55.26 31.25
CA THR C 181 34.90 54.70 32.31
C THR C 181 35.13 53.20 32.38
N ARG C 182 35.33 52.69 33.60
CA ARG C 182 35.43 51.24 33.83
C ARG C 182 34.46 50.88 34.94
N VAL C 183 33.44 50.09 34.60
CA VAL C 183 32.47 49.60 35.57
C VAL C 183 32.74 48.12 35.75
N THR C 184 33.17 47.73 36.95
CA THR C 184 33.46 46.34 37.28
C THR C 184 32.55 45.94 38.43
N PHE C 185 31.64 45.00 38.19
CA PHE C 185 30.67 44.62 39.20
C PHE C 185 30.47 43.12 39.21
N ILE C 186 30.24 42.60 40.41
CA ILE C 186 29.89 41.22 40.65
C ILE C 186 28.44 41.19 41.09
N PRO C 187 27.54 40.51 40.37
CA PRO C 187 26.11 40.58 40.68
C PRO C 187 25.74 39.83 41.95
N ASP C 188 24.66 40.29 42.59
CA ASP C 188 24.08 39.62 43.74
C ASP C 188 23.20 38.49 43.25
N PHE C 189 23.22 37.36 43.94
CA PHE C 189 22.43 36.20 43.57
C PHE C 189 21.39 35.83 44.63
N MET C 190 21.27 36.63 45.70
CA MET C 190 20.31 36.35 46.76
C MET C 190 18.87 36.61 46.33
N SER C 191 18.62 37.65 45.54
CA SER C 191 17.28 38.00 45.10
C SER C 191 16.91 37.36 43.76
N PHE C 192 17.89 37.21 42.87
CA PHE C 192 17.67 36.54 41.60
C PHE C 192 17.53 35.04 41.82
N GLU C 193 16.81 34.38 40.91
CA GLU C 193 16.59 32.93 40.98
C GLU C 193 17.66 32.20 40.17
N THR C 194 18.91 32.45 40.54
CA THR C 194 20.10 31.86 39.92
C THR C 194 21.25 32.02 40.92
N ASN C 195 22.36 31.38 40.60
CA ASN C 195 23.53 31.46 41.47
C ASN C 195 24.79 31.83 40.70
N GLU C 196 24.84 31.51 39.41
CA GLU C 196 26.01 31.78 38.59
C GLU C 196 25.57 32.28 37.22
N LEU C 197 26.50 32.95 36.54
CA LEU C 197 26.30 33.36 35.15
C LEU C 197 26.72 32.22 34.25
N SER C 198 25.75 31.54 33.66
CA SER C 198 26.04 30.41 32.78
C SER C 198 26.34 30.90 31.37
N GLN C 199 26.56 29.95 30.46
CA GLN C 199 27.01 30.27 29.11
C GLN C 199 25.92 30.91 28.24
N VAL C 200 24.65 30.74 28.61
CA VAL C 200 23.56 31.33 27.82
C VAL C 200 23.54 32.85 28.02
N TYR C 201 23.96 33.32 29.20
CA TYR C 201 24.02 34.76 29.45
C TYR C 201 25.14 35.41 28.67
N LEU C 202 26.30 34.75 28.60
CA LEU C 202 27.42 35.23 27.79
C LEU C 202 27.09 35.15 26.30
N ASP C 203 26.32 34.13 25.89
CA ASP C 203 25.91 34.03 24.49
C ASP C 203 24.92 35.12 24.11
N ILE C 204 24.00 35.46 25.02
CA ILE C 204 23.05 36.56 24.81
C ILE C 204 23.79 37.89 24.73
N THR C 205 24.77 38.09 25.62
CA THR C 205 25.58 39.32 25.61
C THR C 205 26.44 39.42 24.36
N LEU C 206 27.02 38.30 23.91
CA LEU C 206 27.84 38.30 22.69
C LEU C 206 27.00 38.53 21.44
N ASP C 207 25.80 37.96 21.40
CA ASP C 207 24.88 38.21 20.29
C ASP C 207 24.39 39.66 20.29
N ARG C 208 24.23 40.25 21.48
CA ARG C 208 23.85 41.66 21.57
C ARG C 208 24.99 42.56 21.11
N LEU C 209 26.23 42.21 21.44
CA LEU C 209 27.37 42.99 20.96
C LEU C 209 27.56 42.82 19.45
N GLN C 210 27.25 41.64 18.92
CA GLN C 210 27.27 41.44 17.48
C GLN C 210 26.20 42.27 16.78
N THR C 211 25.00 42.33 17.35
CA THR C 211 23.91 43.11 16.77
C THR C 211 24.18 44.60 16.89
N LEU C 212 24.82 45.03 17.98
CA LEU C 212 25.19 46.43 18.13
C LEU C 212 26.32 46.82 17.19
N ALA C 213 27.24 45.89 16.91
CA ALA C 213 28.29 46.15 15.93
C ALA C 213 27.73 46.15 14.51
N VAL C 214 26.63 45.42 14.29
CA VAL C 214 25.91 45.54 13.02
C VAL C 214 25.25 46.93 12.92
N VAL C 215 24.61 47.38 14.01
CA VAL C 215 23.97 48.69 14.02
C VAL C 215 25.02 49.80 14.00
N TYR C 216 26.05 49.68 14.83
CA TYR C 216 27.12 50.67 14.92
C TYR C 216 28.44 49.99 14.56
N PRO C 217 28.84 50.04 13.28
CA PRO C 217 30.13 49.44 12.91
C PRO C 217 31.34 50.24 13.36
N ASP C 218 31.15 51.51 13.73
CA ASP C 218 32.27 52.35 14.15
C ASP C 218 32.72 52.00 15.57
N ILE C 219 31.78 51.65 16.44
CA ILE C 219 32.14 51.26 17.80
C ILE C 219 32.64 49.83 17.79
N GLN C 220 33.87 49.62 18.26
CA GLN C 220 34.50 48.31 18.26
C GLN C 220 34.18 47.61 19.58
N PHE C 221 33.12 46.81 19.57
CA PHE C 221 32.75 46.02 20.74
C PHE C 221 33.67 44.81 20.84
N THR C 222 34.18 44.54 22.04
CA THR C 222 34.96 43.34 22.30
C THR C 222 34.35 42.59 23.48
N PHE C 223 34.32 41.27 23.37
CA PHE C 223 33.83 40.38 24.43
C PHE C 223 34.97 39.45 24.82
N ASN C 224 35.38 39.54 26.10
CA ASN C 224 36.46 38.74 26.71
C ASN C 224 37.78 38.86 25.95
N GLY C 225 38.07 40.08 25.48
CA GLY C 225 39.29 40.32 24.73
C GLY C 225 39.26 39.85 23.29
N LYS C 226 38.10 39.48 22.78
CA LYS C 226 37.95 39.02 21.41
C LYS C 226 37.12 40.04 20.63
N LYS C 227 37.63 40.46 19.47
CA LYS C 227 36.97 41.49 18.69
C LYS C 227 35.71 40.95 18.02
N VAL C 228 34.77 41.85 17.76
CA VAL C 228 33.48 41.52 17.14
C VAL C 228 33.34 42.35 15.87
N GLN C 229 33.14 41.68 14.74
CA GLN C 229 32.87 42.34 13.48
C GLN C 229 31.36 42.32 13.24
N GLY C 230 30.79 43.48 12.95
CA GLY C 230 29.37 43.57 12.68
C GLY C 230 29.04 44.08 11.29
N ASN C 231 28.52 43.21 10.44
CA ASN C 231 28.04 43.57 9.11
C ASN C 231 26.60 43.11 8.98
N PHE C 232 25.76 43.94 8.35
CA PHE C 232 24.35 43.63 8.22
C PHE C 232 24.11 42.47 7.25
N LYS C 233 25.01 42.27 6.29
CA LYS C 233 24.82 41.24 5.28
C LYS C 233 25.01 39.84 5.86
N LYS C 234 26.12 39.61 6.58
CA LYS C 234 26.36 38.30 7.18
C LYS C 234 25.39 38.02 8.32
N TYR C 235 25.01 39.05 9.08
CA TYR C 235 24.01 38.91 10.13
C TYR C 235 22.64 38.57 9.54
N ALA C 236 22.30 39.18 8.40
CA ALA C 236 21.01 38.90 7.76
C ALA C 236 20.98 37.51 7.14
N ARG C 237 22.10 37.04 6.58
CA ARG C 237 22.14 35.66 6.08
C ARG C 237 22.26 34.63 7.18
N GLN C 238 22.61 35.04 8.41
CA GLN C 238 22.55 34.12 9.54
C GLN C 238 21.12 33.71 9.88
N TYR C 239 20.15 34.62 9.70
CA TYR C 239 18.75 34.26 9.90
C TYR C 239 18.25 33.38 8.77
N ASP C 240 18.22 33.92 7.56
CA ASP C 240 17.88 33.16 6.37
C ASP C 240 18.85 33.56 5.27
N GLU C 241 19.36 32.58 4.54
CA GLU C 241 20.35 32.87 3.49
C GLU C 241 19.73 33.48 2.24
N HIS C 242 18.41 33.50 2.13
CA HIS C 242 17.71 34.20 1.06
C HIS C 242 16.98 35.45 1.56
N ALA C 243 17.47 36.07 2.62
CA ALA C 243 16.82 37.25 3.16
C ALA C 243 17.09 38.47 2.29
N ILE C 244 16.02 39.18 1.93
CA ILE C 244 16.12 40.41 1.14
C ILE C 244 16.43 41.55 2.10
N VAL C 245 17.51 42.29 1.80
CA VAL C 245 18.00 43.34 2.67
C VAL C 245 17.70 44.71 2.05
N GLN C 246 17.66 45.72 2.91
CA GLN C 246 17.45 47.10 2.50
C GLN C 246 17.98 48.00 3.60
N GLU C 247 19.04 48.75 3.31
CA GLU C 247 19.69 49.62 4.28
C GLU C 247 19.42 51.08 3.93
N GLN C 248 19.18 51.89 4.96
CA GLN C 248 18.91 53.31 4.82
C GLN C 248 19.90 54.09 5.69
N GLU C 249 19.65 55.39 5.82
CA GLU C 249 20.51 56.23 6.65
C GLU C 249 20.24 56.02 8.14
N ASN C 250 19.08 55.45 8.48
CA ASN C 250 18.71 55.20 9.86
C ASN C 250 18.08 53.83 10.06
N CYS C 251 17.65 53.17 8.99
CA CYS C 251 16.96 51.89 9.08
C CYS C 251 17.71 50.84 8.27
N SER C 252 17.53 49.58 8.68
CA SER C 252 18.18 48.46 8.00
C SER C 252 17.33 47.22 8.24
N ILE C 253 16.63 46.77 7.19
CA ILE C 253 15.60 45.74 7.33
C ILE C 253 15.97 44.53 6.47
N ALA C 254 15.76 43.34 7.03
CA ALA C 254 15.96 42.07 6.34
C ALA C 254 14.69 41.23 6.47
N VAL C 255 14.24 40.67 5.35
CA VAL C 255 13.03 39.86 5.28
C VAL C 255 13.42 38.44 4.89
N GLY C 256 12.99 37.47 5.71
CA GLY C 256 13.26 36.07 5.46
C GLY C 256 12.05 35.18 5.59
N ARG C 257 12.23 33.96 6.11
CA ARG C 257 11.15 32.98 6.21
C ARG C 257 10.94 32.53 7.65
N SER C 258 9.68 32.33 8.02
CA SER C 258 9.30 31.85 9.34
C SER C 258 8.36 30.65 9.18
N PRO C 259 8.87 29.42 9.27
CA PRO C 259 8.01 28.25 8.99
C PRO C 259 7.29 27.68 10.21
N ASP C 260 7.68 28.07 11.42
CA ASP C 260 7.17 27.45 12.64
C ASP C 260 6.72 28.53 13.64
N GLY C 261 5.91 29.47 13.17
CA GLY C 261 5.46 30.59 13.97
C GLY C 261 5.88 31.91 13.34
N PHE C 262 5.85 32.96 14.16
CA PHE C 262 6.31 34.27 13.74
C PHE C 262 7.58 34.65 14.48
N ARG C 263 8.53 35.24 13.75
CA ARG C 263 9.81 35.62 14.30
C ARG C 263 10.08 37.08 14.02
N GLN C 264 10.71 37.76 14.98
CA GLN C 264 11.04 39.16 14.83
C GLN C 264 12.27 39.49 15.66
N LEU C 265 12.95 40.57 15.27
CA LEU C 265 14.00 41.19 16.06
C LEU C 265 14.12 42.63 15.59
N THR C 266 14.06 43.57 16.52
CA THR C 266 14.14 44.99 16.19
C THR C 266 14.96 45.74 17.21
N TYR C 267 15.63 46.80 16.74
CA TYR C 267 16.52 47.62 17.57
C TYR C 267 16.18 49.08 17.34
N VAL C 268 15.78 49.78 18.39
CA VAL C 268 15.67 51.23 18.35
C VAL C 268 16.92 51.80 19.01
N ASN C 269 17.73 52.53 18.23
CA ASN C 269 19.08 53.01 18.57
C ASN C 269 19.97 51.86 19.04
N ASN C 270 20.07 51.69 20.36
CA ASN C 270 20.88 50.63 20.96
C ASN C 270 20.08 49.74 21.89
N ILE C 271 18.75 49.72 21.75
CA ILE C 271 17.86 49.04 22.69
C ILE C 271 17.21 47.84 22.00
N HIS C 272 17.27 46.69 22.66
CA HIS C 272 16.62 45.47 22.19
C HIS C 272 15.18 45.46 22.68
N THR C 273 14.26 45.93 21.83
CA THR C 273 12.84 45.97 22.16
C THR C 273 12.17 44.71 21.60
N LYS C 274 12.34 43.61 22.35
CA LYS C 274 11.92 42.29 21.92
C LYS C 274 10.41 42.09 21.90
N ASN C 275 9.65 42.91 22.61
CA ASN C 275 8.18 42.79 22.58
C ASN C 275 7.54 43.71 21.55
N GLY C 276 8.32 44.50 20.82
CA GLY C 276 7.78 45.23 19.70
C GLY C 276 7.74 46.74 19.85
N GLY C 277 6.66 47.34 19.38
CA GLY C 277 6.50 48.79 19.38
C GLY C 277 5.59 49.21 18.24
N HIS C 278 5.47 50.52 18.06
CA HIS C 278 4.68 51.06 16.96
C HIS C 278 5.41 50.96 15.64
N HIS C 279 6.74 50.83 15.69
CA HIS C 279 7.58 50.93 14.50
C HIS C 279 7.41 49.73 13.59
N ILE C 280 7.41 48.52 14.16
CA ILE C 280 7.25 47.32 13.34
C ILE C 280 5.82 47.21 12.80
N ASP C 281 4.85 47.72 13.55
CA ASP C 281 3.47 47.76 13.07
C ASP C 281 3.31 48.71 11.90
N CYS C 282 3.94 49.89 11.97
CA CYS C 282 3.87 50.85 10.87
C CYS C 282 4.64 50.37 9.65
N VAL C 283 5.77 49.70 9.85
CA VAL C 283 6.56 49.19 8.73
C VAL C 283 5.85 48.04 8.03
N MET C 284 5.26 47.12 8.80
CA MET C 284 4.49 46.03 8.18
C MET C 284 3.20 46.53 7.55
N ASP C 285 2.60 47.60 8.10
CA ASP C 285 1.44 48.21 7.46
C ASP C 285 1.80 48.85 6.12
N ASP C 286 2.94 49.56 6.07
CA ASP C 286 3.36 50.19 4.82
C ASP C 286 3.83 49.16 3.80
N ILE C 287 4.41 48.05 4.27
CA ILE C 287 4.81 46.98 3.36
C ILE C 287 3.61 46.24 2.80
N CYS C 288 2.63 45.92 3.66
CA CYS C 288 1.47 45.17 3.21
C CYS C 288 0.51 46.02 2.38
N GLU C 289 0.52 47.35 2.58
CA GLU C 289 -0.28 48.25 1.76
C GLU C 289 0.17 48.28 0.31
N ASP C 290 1.44 47.98 0.03
CA ASP C 290 1.90 47.80 -1.33
C ASP C 290 1.84 46.35 -1.78
N LEU C 291 2.07 45.39 -0.88
CA LEU C 291 2.18 43.99 -1.31
C LEU C 291 0.83 43.34 -1.55
N ILE C 292 -0.19 43.69 -0.74
CA ILE C 292 -1.49 43.02 -0.85
C ILE C 292 -2.23 43.30 -2.16
N PRO C 293 -2.31 44.55 -2.69
CA PRO C 293 -2.79 44.68 -4.08
C PRO C 293 -1.86 44.07 -5.11
N GLN C 294 -0.56 44.00 -4.84
CA GLN C 294 0.38 43.37 -5.77
C GLN C 294 0.20 41.85 -5.83
N ILE C 295 -0.03 41.19 -4.69
CA ILE C 295 -0.28 39.75 -4.75
C ILE C 295 -1.70 39.47 -5.24
N LYS C 296 -2.61 40.45 -5.06
CA LYS C 296 -3.95 40.35 -5.63
C LYS C 296 -3.92 40.39 -7.16
N ARG C 297 -3.08 41.26 -7.74
CA ARG C 297 -2.97 41.24 -9.19
C ARG C 297 -2.07 40.11 -9.70
N LYS C 298 -1.15 39.60 -8.88
CA LYS C 298 -0.24 38.57 -9.34
C LYS C 298 -0.89 37.18 -9.36
N PHE C 299 -1.43 36.73 -8.23
CA PHE C 299 -1.92 35.35 -8.14
C PHE C 299 -3.39 35.22 -7.77
N LYS C 300 -4.13 36.35 -7.70
CA LYS C 300 -5.59 36.40 -7.56
C LYS C 300 -6.10 35.70 -6.30
N ILE C 301 -5.30 35.73 -5.23
CA ILE C 301 -5.63 35.01 -4.00
C ILE C 301 -5.85 36.01 -2.87
N ASP C 302 -6.85 35.73 -2.03
CA ASP C 302 -7.18 36.59 -0.90
C ASP C 302 -6.43 36.09 0.33
N VAL C 303 -5.20 36.56 0.49
CA VAL C 303 -4.36 36.21 1.63
C VAL C 303 -4.19 37.47 2.48
N THR C 304 -4.48 37.36 3.77
CA THR C 304 -4.58 38.52 4.64
C THR C 304 -3.20 39.08 5.00
N LYS C 305 -3.23 40.20 5.74
CA LYS C 305 -2.01 40.84 6.21
C LYS C 305 -1.25 39.95 7.20
N ALA C 306 -1.98 39.32 8.11
CA ALA C 306 -1.34 38.51 9.14
C ALA C 306 -0.80 37.19 8.57
N ARG C 307 -1.46 36.66 7.54
CA ARG C 307 -1.01 35.40 6.93
C ARG C 307 0.26 35.60 6.11
N VAL C 308 0.40 36.78 5.48
CA VAL C 308 1.66 37.14 4.84
C VAL C 308 2.72 37.41 5.90
N LYS C 309 2.35 38.13 6.96
CA LYS C 309 3.31 38.63 7.94
C LYS C 309 3.91 37.51 8.80
N GLU C 310 3.09 36.49 9.13
CA GLU C 310 3.54 35.44 10.04
C GLU C 310 4.56 34.49 9.41
N CYS C 311 4.65 34.45 8.08
CA CYS C 311 5.66 33.64 7.42
C CYS C 311 6.98 34.40 7.27
N LEU C 312 7.00 35.69 7.58
CA LEU C 312 8.19 36.52 7.46
C LEU C 312 8.90 36.61 8.80
N THR C 313 10.23 36.57 8.76
CA THR C 313 11.06 37.02 9.87
C THR C 313 11.59 38.39 9.46
N ILE C 314 11.36 39.38 10.30
CA ILE C 314 11.75 40.76 10.02
C ILE C 314 12.82 41.18 10.99
N VAL C 315 14.00 41.52 10.47
CA VAL C 315 15.11 41.98 11.28
C VAL C 315 15.36 43.42 10.84
N MET C 316 14.74 44.36 11.54
CA MET C 316 14.80 45.77 11.21
C MET C 316 15.59 46.51 12.29
N PHE C 317 16.31 47.55 11.86
CA PHE C 317 17.21 48.28 12.72
C PHE C 317 16.93 49.77 12.57
N VAL C 318 16.66 50.43 13.69
CA VAL C 318 16.34 51.86 13.73
C VAL C 318 17.49 52.57 14.45
N ARG C 319 18.08 53.57 13.80
CA ARG C 319 19.13 54.36 14.40
C ARG C 319 18.69 55.82 14.50
N ASP C 320 19.21 56.50 15.52
CA ASP C 320 19.09 57.96 15.74
C ASP C 320 17.64 58.41 15.87
N MET C 321 16.86 57.65 16.65
CA MET C 321 15.49 58.00 16.96
C MET C 321 15.46 59.22 17.87
N LYS C 322 14.37 59.99 17.78
CA LYS C 322 14.15 61.14 18.66
C LYS C 322 12.86 60.96 19.44
N ASN C 323 12.91 61.35 20.71
CA ASN C 323 11.80 61.31 21.67
C ASN C 323 11.21 59.90 21.82
N MET C 324 12.11 58.94 22.09
CA MET C 324 11.70 57.55 22.29
C MET C 324 11.05 57.41 23.67
N ARG C 325 9.86 56.83 23.66
CA ARG C 325 9.13 56.56 24.90
C ARG C 325 8.89 55.06 25.03
N PHE C 326 9.00 54.56 26.26
CA PHE C 326 8.88 53.13 26.52
C PHE C 326 7.96 52.88 27.70
N ASP C 327 7.14 51.83 27.59
CA ASP C 327 6.13 51.52 28.58
C ASP C 327 6.70 50.90 29.85
N SER C 328 7.97 50.48 29.84
CA SER C 328 8.56 49.83 31.00
C SER C 328 9.97 50.36 31.20
N GLN C 329 10.56 49.98 32.34
CA GLN C 329 11.95 50.30 32.62
C GLN C 329 12.89 49.53 31.69
N THR C 330 12.50 48.29 31.35
CA THR C 330 13.33 47.43 30.51
C THR C 330 13.35 47.86 29.04
N LYS C 331 12.41 48.73 28.64
CA LYS C 331 12.31 49.33 27.30
C LYS C 331 12.18 48.28 26.20
N GLU C 332 11.07 47.54 26.26
CA GLU C 332 10.81 46.45 25.33
C GLU C 332 9.68 46.75 24.35
N ARG C 333 9.05 47.93 24.45
CA ARG C 333 7.98 48.31 23.53
C ARG C 333 8.07 49.80 23.30
N LEU C 334 8.42 50.20 22.08
CA LEU C 334 8.55 51.61 21.73
C LEU C 334 7.14 52.20 21.57
N THR C 335 6.69 52.94 22.59
CA THR C 335 5.37 53.53 22.60
C THR C 335 5.39 55.03 22.27
N SER C 336 6.31 55.43 21.41
CA SER C 336 6.29 56.76 20.81
C SER C 336 5.07 56.92 19.91
N PRO C 337 4.57 58.15 19.72
CA PRO C 337 3.44 58.38 18.80
C PRO C 337 3.78 58.00 17.36
N PHE C 338 2.75 57.55 16.64
CA PHE C 338 2.93 56.98 15.31
C PHE C 338 3.33 58.04 14.29
N GLY C 339 2.94 59.30 14.52
CA GLY C 339 3.41 60.38 13.67
C GLY C 339 4.91 60.63 13.80
N GLU C 340 5.45 60.48 15.02
CA GLU C 340 6.88 60.67 15.26
C GLU C 340 7.71 59.60 14.57
N ILE C 341 7.29 58.34 14.70
CA ILE C 341 8.01 57.23 14.09
C ILE C 341 7.82 57.23 12.57
N ARG C 342 6.62 57.61 12.10
CA ARG C 342 6.36 57.68 10.67
C ARG C 342 7.13 58.81 10.00
N SER C 343 7.36 59.91 10.74
CA SER C 343 8.19 60.98 10.20
C SER C 343 9.67 60.64 10.28
N HIS C 344 10.08 59.93 11.33
CA HIS C 344 11.51 59.62 11.50
C HIS C 344 11.97 58.52 10.55
N ILE C 345 11.16 57.48 10.38
CA ILE C 345 11.56 56.33 9.56
C ILE C 345 11.26 56.64 8.10
N GLN C 346 12.31 56.64 7.28
CA GLN C 346 12.19 56.91 5.85
C GLN C 346 12.34 55.62 5.02
N LEU C 347 11.79 54.52 5.52
CA LEU C 347 11.97 53.24 4.86
C LEU C 347 11.09 53.13 3.62
N ASP C 348 11.69 52.67 2.53
CA ASP C 348 11.00 52.47 1.25
C ASP C 348 10.33 51.10 1.19
N ALA C 349 9.05 51.05 1.51
CA ALA C 349 8.32 49.80 1.62
C ALA C 349 8.01 49.17 0.27
N LYS C 350 7.84 50.01 -0.78
CA LYS C 350 7.49 49.49 -2.10
C LYS C 350 8.66 48.74 -2.73
N LYS C 351 9.90 49.14 -2.42
CA LYS C 351 11.07 48.44 -2.94
C LYS C 351 11.20 47.06 -2.30
N ILE C 352 10.92 46.96 -1.00
CA ILE C 352 10.89 45.67 -0.31
C ILE C 352 9.76 44.80 -0.85
N SER C 353 8.62 45.43 -1.19
CA SER C 353 7.46 44.72 -1.73
C SER C 353 7.76 44.12 -3.11
N ARG C 354 8.37 44.91 -4.00
CA ARG C 354 8.73 44.36 -5.33
C ARG C 354 9.88 43.37 -5.23
N ALA C 355 10.78 43.55 -4.26
CA ALA C 355 11.91 42.62 -4.14
C ALA C 355 11.47 41.27 -3.57
N ILE C 356 10.43 41.25 -2.74
CA ILE C 356 9.93 39.94 -2.29
C ILE C 356 8.85 39.42 -3.25
N LEU C 357 8.33 40.27 -4.14
CA LEU C 357 7.50 39.76 -5.22
C LEU C 357 8.33 39.05 -6.28
N ASN C 358 9.47 39.64 -6.67
CA ASN C 358 10.32 39.06 -7.70
C ASN C 358 11.06 37.82 -7.21
N ASN C 359 11.20 37.65 -5.90
CA ASN C 359 11.79 36.44 -5.33
C ASN C 359 10.76 35.31 -5.38
N GLU C 360 11.24 34.12 -5.73
CA GLU C 360 10.42 32.91 -5.77
C GLU C 360 10.53 32.06 -4.51
N ALA C 361 11.32 32.48 -3.52
CA ALA C 361 11.63 31.63 -2.38
C ALA C 361 10.92 32.04 -1.10
N ILE C 362 10.15 33.13 -1.09
CA ILE C 362 9.46 33.57 0.11
C ILE C 362 7.96 33.69 -0.16
N LEU C 363 7.60 34.47 -1.18
CA LEU C 363 6.18 34.75 -1.46
C LEU C 363 5.48 33.56 -2.08
N MET C 364 6.13 32.90 -3.03
CA MET C 364 5.65 31.71 -3.73
C MET C 364 5.47 30.53 -2.76
N PRO C 365 6.32 30.33 -1.71
CA PRO C 365 5.90 29.39 -0.64
C PRO C 365 4.61 29.76 0.09
N ILE C 366 4.33 31.05 0.31
CA ILE C 366 3.06 31.44 0.91
C ILE C 366 1.90 31.13 -0.03
N ILE C 367 2.13 31.33 -1.34
CA ILE C 367 1.10 31.05 -2.36
C ILE C 367 0.80 29.56 -2.43
N GLU C 368 1.85 28.71 -2.47
CA GLU C 368 1.59 27.27 -2.56
C GLU C 368 1.05 26.70 -1.26
N ALA C 369 1.44 27.25 -0.11
CA ALA C 369 0.85 26.82 1.16
C ALA C 369 -0.62 27.22 1.25
N ALA C 370 -0.97 28.43 0.77
CA ALA C 370 -2.36 28.88 0.80
C ALA C 370 -3.23 28.07 -0.13
N LEU C 371 -2.75 27.72 -1.33
CA LEU C 371 -3.55 26.89 -2.21
C LEU C 371 -3.59 25.44 -1.72
N ALA C 372 -2.60 25.01 -0.94
CA ALA C 372 -2.69 23.71 -0.27
C ALA C 372 -3.79 23.70 0.78
N ARG C 373 -3.91 24.79 1.57
CA ARG C 373 -5.00 24.93 2.53
C ARG C 373 -6.36 24.96 1.82
N LYS C 374 -6.45 25.68 0.70
CA LYS C 374 -7.73 25.78 -0.01
C LYS C 374 -8.10 24.47 -0.71
N LEU C 375 -7.12 23.71 -1.22
CA LEU C 375 -7.42 22.41 -1.82
C LEU C 375 -7.80 21.38 -0.76
N ALA C 376 -7.18 21.45 0.41
CA ALA C 376 -7.59 20.58 1.52
C ALA C 376 -8.98 20.95 2.03
N ALA C 377 -9.34 22.23 1.95
CA ALA C 377 -10.71 22.63 2.29
C ALA C 377 -11.70 22.18 1.23
N GLU C 378 -11.31 22.21 -0.05
CA GLU C 378 -12.22 21.84 -1.12
C GLU C 378 -12.42 20.34 -1.21
N LYS C 379 -11.43 19.56 -0.78
CA LYS C 379 -11.55 18.10 -0.89
C LYS C 379 -12.48 17.51 0.16
N ALA C 380 -12.73 18.24 1.25
CA ALA C 380 -13.58 17.76 2.33
C ALA C 380 -15.04 18.12 2.02
N ALA C 381 -15.66 17.29 1.18
CA ALA C 381 -17.06 17.44 0.81
C ALA C 381 -17.80 16.15 1.13
N GLU C 382 -18.91 16.25 1.86
CA GLU C 382 -19.69 15.09 2.24
C GLU C 382 -21.16 15.46 2.33
N THR C 383 -22.01 14.45 2.24
CA THR C 383 -23.46 14.63 2.34
C THR C 383 -24.04 13.35 2.94
N LYS C 384 -25.37 13.21 2.88
CA LYS C 384 -26.06 12.06 3.44
C LYS C 384 -26.45 11.06 2.35
N ALA C 385 -26.93 9.91 2.80
CA ALA C 385 -27.42 8.87 1.89
C ALA C 385 -28.69 8.27 2.47
N ALA C 386 -29.52 7.71 1.60
CA ALA C 386 -30.81 7.15 1.99
C ALA C 386 -30.64 5.69 2.34
N LYS C 387 -30.87 5.36 3.63
CA LYS C 387 -30.66 4.08 4.31
C LYS C 387 -29.31 3.45 3.93
N LYS C 388 -28.22 3.96 4.51
CA LYS C 388 -26.87 3.42 4.20
C LYS C 388 -26.81 1.94 4.57
N ALA C 389 -26.16 1.11 3.75
CA ALA C 389 -26.10 -0.34 3.99
C ALA C 389 -24.82 -0.71 4.74
N SER C 390 -24.94 -1.31 5.93
CA SER C 390 -23.75 -1.75 6.70
C SER C 390 -22.72 -0.62 6.79
N LYS C 391 -23.17 0.60 7.08
CA LYS C 391 -22.25 1.77 7.15
C LYS C 391 -21.35 1.74 5.91
N ALA C 392 -20.04 1.61 6.10
CA ALA C 392 -19.12 1.50 4.95
C ALA C 392 -19.29 0.11 4.30
N LYS C 393 -20.06 0.00 3.22
CA LYS C 393 -20.35 -1.35 2.64
C LYS C 393 -19.24 -1.79 1.70
N VAL C 394 -19.33 -3.03 1.20
CA VAL C 394 -18.31 -3.57 0.25
C VAL C 394 -19.02 -4.00 -1.03
N HIS C 395 -18.30 -4.03 -2.16
CA HIS C 395 -18.90 -4.44 -3.46
C HIS C 395 -19.39 -5.88 -3.38
N LYS C 396 -18.61 -6.77 -2.74
CA LYS C 396 -18.98 -8.21 -2.69
C LYS C 396 -19.74 -8.51 -1.40
N HIS C 397 -20.08 -7.49 -0.61
CA HIS C 397 -20.75 -7.74 0.69
C HIS C 397 -22.28 -7.75 0.52
N ILE C 398 -22.88 -8.93 0.53
CA ILE C 398 -24.37 -9.03 0.50
C ILE C 398 -24.84 -8.69 1.91
N LYS C 399 -26.02 -8.09 2.07
CA LYS C 399 -26.37 -7.64 3.42
C LYS C 399 -27.69 -8.25 3.89
N ALA C 400 -27.73 -8.64 5.16
CA ALA C 400 -28.98 -8.97 5.85
C ALA C 400 -29.81 -7.70 6.03
N ASN C 401 -31.14 -7.83 5.86
CA ASN C 401 -31.98 -6.65 5.84
C ASN C 401 -32.37 -6.15 7.24
N LEU C 402 -32.13 -6.94 8.28
CA LEU C 402 -32.36 -6.53 9.66
C LEU C 402 -31.03 -6.37 10.41
N CYS C 403 -29.92 -6.30 9.67
CA CYS C 403 -28.61 -6.04 10.21
C CYS C 403 -28.53 -4.62 10.77
N GLY C 404 -27.82 -4.48 11.89
CA GLY C 404 -27.62 -3.20 12.56
C GLY C 404 -28.62 -2.81 13.61
N LYS C 405 -29.88 -3.19 13.42
CA LYS C 405 -30.89 -2.97 14.43
C LYS C 405 -30.81 -4.08 15.48
N ASP C 406 -31.76 -4.04 16.43
CA ASP C 406 -31.75 -4.98 17.55
C ASP C 406 -32.19 -6.36 17.06
N ALA C 407 -31.21 -7.21 16.76
CA ALA C 407 -31.48 -8.52 16.18
C ALA C 407 -30.29 -9.43 16.48
N ASP C 408 -30.43 -10.70 16.05
CA ASP C 408 -29.37 -11.68 16.17
C ASP C 408 -28.70 -11.98 14.82
N THR C 409 -28.41 -10.95 14.04
CA THR C 409 -27.91 -11.13 12.67
C THR C 409 -26.48 -11.63 12.67
N THR C 410 -26.19 -12.53 11.72
CA THR C 410 -24.91 -13.21 11.63
C THR C 410 -24.17 -12.77 10.36
N LEU C 411 -22.87 -12.55 10.50
CA LEU C 411 -22.01 -12.22 9.36
C LEU C 411 -21.25 -13.46 8.91
N PHE C 412 -21.12 -13.62 7.59
CA PHE C 412 -20.47 -14.79 7.00
C PHE C 412 -19.12 -14.43 6.42
N LEU C 413 -18.13 -15.28 6.69
CA LEU C 413 -16.75 -15.09 6.23
C LEU C 413 -16.33 -16.34 5.46
N THR C 414 -16.19 -16.20 4.13
CA THR C 414 -15.64 -17.24 3.29
C THR C 414 -14.53 -16.64 2.42
N GLU C 415 -13.87 -17.49 1.64
CA GLU C 415 -12.76 -17.05 0.81
C GLU C 415 -13.05 -17.16 -0.69
N GLY C 416 -14.22 -17.64 -1.06
CA GLY C 416 -14.51 -17.86 -2.47
C GLY C 416 -15.73 -17.13 -2.98
N ASP C 417 -15.60 -16.50 -4.16
CA ASP C 417 -16.74 -15.85 -4.78
C ASP C 417 -17.71 -16.86 -5.38
N SER C 418 -17.24 -18.07 -5.67
CA SER C 418 -18.13 -19.14 -6.10
C SER C 418 -19.00 -19.65 -4.96
N ALA C 419 -18.52 -19.51 -3.72
CA ALA C 419 -19.23 -19.99 -2.55
C ALA C 419 -20.19 -18.96 -1.95
N ILE C 420 -20.65 -17.98 -2.73
CA ILE C 420 -21.68 -17.07 -2.27
C ILE C 420 -22.79 -16.90 -3.32
N GLY C 421 -22.58 -17.34 -4.56
CA GLY C 421 -23.62 -17.25 -5.58
C GLY C 421 -24.79 -18.21 -5.34
N TYR C 422 -24.57 -19.24 -4.53
CA TYR C 422 -25.68 -20.08 -4.07
C TYR C 422 -26.33 -19.55 -2.79
N LEU C 423 -25.72 -18.57 -2.13
CA LEU C 423 -26.13 -18.19 -0.77
C LEU C 423 -27.42 -17.37 -0.76
N ILE C 424 -27.59 -16.48 -1.75
CA ILE C 424 -28.62 -15.45 -1.69
C ILE C 424 -30.04 -16.00 -1.80
N ASP C 425 -30.19 -17.23 -2.31
CA ASP C 425 -31.48 -17.90 -2.28
C ASP C 425 -31.69 -18.76 -1.04
N VAL C 426 -30.65 -19.45 -0.57
CA VAL C 426 -30.79 -20.43 0.50
C VAL C 426 -30.70 -19.83 1.89
N ARG C 427 -30.38 -18.55 2.01
CA ARG C 427 -30.27 -17.88 3.30
C ARG C 427 -31.55 -17.12 3.61
N ASP C 428 -31.67 -16.69 4.86
CA ASP C 428 -32.72 -15.75 5.24
C ASP C 428 -32.31 -14.35 4.82
N LYS C 429 -33.28 -13.57 4.35
CA LYS C 429 -33.01 -12.21 3.90
C LYS C 429 -32.81 -11.23 5.04
N GLU C 430 -33.17 -11.61 6.26
CA GLU C 430 -33.20 -10.68 7.38
C GLU C 430 -32.07 -10.91 8.37
N LEU C 431 -31.63 -12.17 8.53
CA LEU C 431 -30.66 -12.52 9.58
C LEU C 431 -29.30 -12.93 9.04
N HIS C 432 -29.16 -13.11 7.73
CA HIS C 432 -27.97 -13.72 7.15
C HIS C 432 -27.30 -12.74 6.20
N GLY C 433 -26.04 -12.41 6.47
CA GLY C 433 -25.29 -11.50 5.63
C GLY C 433 -23.96 -12.09 5.20
N GLY C 434 -23.76 -12.21 3.89
CA GLY C 434 -22.62 -12.93 3.34
C GLY C 434 -21.58 -11.99 2.76
N TYR C 435 -20.31 -12.40 2.85
CA TYR C 435 -19.16 -11.66 2.34
C TYR C 435 -17.96 -12.58 2.14
N PRO C 436 -17.40 -12.65 0.92
CA PRO C 436 -16.18 -13.41 0.71
C PRO C 436 -14.96 -12.54 1.01
N LEU C 437 -13.78 -13.16 0.96
CA LEU C 437 -12.55 -12.39 1.10
C LEU C 437 -11.54 -12.87 0.08
N ARG C 438 -10.56 -12.02 -0.21
CA ARG C 438 -9.60 -12.26 -1.28
C ARG C 438 -8.39 -12.99 -0.73
N GLY C 439 -8.23 -14.25 -1.14
CA GLY C 439 -7.00 -14.97 -0.81
C GLY C 439 -6.98 -15.47 0.62
N LYS C 440 -5.81 -15.37 1.25
CA LYS C 440 -5.62 -15.76 2.64
C LYS C 440 -5.60 -14.52 3.52
N VAL C 441 -5.30 -14.69 4.81
CA VAL C 441 -5.49 -13.67 5.83
C VAL C 441 -4.17 -13.40 6.54
N LEU C 442 -3.88 -12.11 6.74
CA LEU C 442 -2.64 -11.61 7.35
C LEU C 442 -2.39 -12.16 8.75
N ASN C 443 -1.15 -12.56 8.99
CA ASN C 443 -0.60 -12.78 10.33
C ASN C 443 -0.54 -11.41 11.03
N SER C 444 -1.37 -11.23 12.05
CA SER C 444 -1.57 -9.95 12.72
C SER C 444 -1.29 -10.03 14.21
N TRP C 445 -0.13 -10.58 14.59
CA TRP C 445 0.22 -10.75 15.99
C TRP C 445 1.16 -9.65 16.46
N GLY C 446 0.75 -8.91 17.50
CA GLY C 446 1.63 -8.01 18.24
C GLY C 446 2.06 -6.77 17.50
N MET C 447 1.52 -6.56 16.31
CA MET C 447 1.86 -5.53 15.36
C MET C 447 0.85 -4.38 15.43
N SER C 448 1.24 -3.25 14.84
CA SER C 448 0.62 -1.97 15.16
C SER C 448 -0.75 -1.82 14.51
N TYR C 449 -1.55 -0.90 15.08
CA TYR C 449 -2.89 -0.62 14.59
C TYR C 449 -2.86 0.01 13.21
N ALA C 450 -1.86 0.85 12.96
CA ALA C 450 -1.70 1.47 11.64
C ALA C 450 -1.36 0.43 10.58
N ASP C 451 -0.50 -0.51 10.92
CA ASP C 451 -0.08 -1.52 9.96
C ASP C 451 -1.18 -2.56 9.73
N MET C 452 -2.16 -2.66 10.64
CA MET C 452 -3.28 -3.54 10.35
C MET C 452 -4.40 -2.81 9.61
N LEU C 453 -4.55 -1.48 9.82
CA LEU C 453 -5.55 -0.80 9.01
C LEU C 453 -4.99 -0.34 7.66
N LYS C 454 -3.71 -0.58 7.38
CA LYS C 454 -3.21 -0.42 6.01
C LYS C 454 -3.80 -1.46 5.07
N ASN C 455 -4.22 -2.62 5.60
CA ASN C 455 -4.96 -3.58 4.80
C ASN C 455 -6.33 -3.02 4.43
N LYS C 456 -6.72 -3.20 3.17
CA LYS C 456 -8.07 -2.86 2.76
C LYS C 456 -9.08 -3.78 3.43
N GLU C 457 -8.75 -5.06 3.52
CA GLU C 457 -9.71 -6.06 4.01
C GLU C 457 -9.88 -6.00 5.52
N LEU C 458 -8.86 -5.59 6.27
CA LEU C 458 -8.97 -5.64 7.73
C LEU C 458 -9.76 -4.43 8.25
N PHE C 459 -9.46 -3.24 7.70
CA PHE C 459 -10.28 -2.07 7.97
C PHE C 459 -11.66 -2.22 7.33
N ASP C 460 -11.77 -3.05 6.29
CA ASP C 460 -13.07 -3.35 5.71
C ASP C 460 -13.94 -4.20 6.65
N ILE C 461 -13.33 -5.17 7.34
CA ILE C 461 -14.01 -5.91 8.41
C ILE C 461 -14.37 -4.98 9.55
N CYS C 462 -13.48 -4.05 9.90
CA CYS C 462 -13.79 -3.03 10.91
C CYS C 462 -14.88 -2.07 10.44
N ALA C 463 -15.04 -1.91 9.13
CA ALA C 463 -16.02 -0.97 8.58
C ALA C 463 -17.40 -1.60 8.45
N ILE C 464 -17.46 -2.92 8.21
CA ILE C 464 -18.75 -3.61 8.17
C ILE C 464 -19.38 -3.66 9.55
N THR C 465 -18.61 -4.07 10.56
CA THR C 465 -19.12 -4.19 11.92
C THR C 465 -18.84 -2.91 12.70
N GLY C 466 -19.10 -2.97 14.00
CA GLY C 466 -18.75 -1.92 14.93
C GLY C 466 -17.38 -2.06 15.55
N LEU C 467 -16.52 -2.89 14.96
CA LEU C 467 -15.21 -3.16 15.51
C LEU C 467 -14.27 -1.98 15.31
N VAL C 468 -13.85 -1.38 16.42
CA VAL C 468 -12.77 -0.40 16.43
C VAL C 468 -11.59 -1.07 17.12
N LEU C 469 -10.38 -0.78 16.63
CA LEU C 469 -9.17 -1.51 17.04
C LEU C 469 -8.84 -1.27 18.51
N GLY C 470 -9.03 -0.04 18.98
CA GLY C 470 -8.61 0.34 20.30
C GLY C 470 -9.63 0.25 21.40
N GLU C 471 -10.85 -0.24 21.15
CA GLU C 471 -11.87 -0.21 22.18
C GLU C 471 -12.80 -1.41 22.03
N LYS C 472 -13.74 -1.52 22.98
CA LYS C 472 -14.55 -2.71 23.25
C LYS C 472 -15.59 -2.87 22.14
N ALA C 473 -16.17 -4.06 21.99
CA ALA C 473 -17.23 -4.30 21.02
C ALA C 473 -18.57 -4.23 21.75
N GLU C 474 -19.29 -3.12 21.58
CA GLU C 474 -20.55 -2.92 22.27
C GLU C 474 -21.73 -2.95 21.31
N ASN C 475 -21.73 -2.09 20.30
CA ASN C 475 -22.80 -1.99 19.31
C ASN C 475 -22.28 -2.59 18.03
N LEU C 476 -22.83 -3.74 17.64
CA LEU C 476 -22.38 -4.46 16.47
C LEU C 476 -23.50 -4.55 15.45
N ASN C 477 -23.15 -4.39 14.17
CA ASN C 477 -24.15 -4.43 13.12
C ASN C 477 -24.68 -5.84 12.92
N TYR C 478 -23.80 -6.81 12.73
CA TYR C 478 -24.14 -8.22 12.82
C TYR C 478 -23.87 -8.68 14.24
N HIS C 479 -24.90 -9.23 14.90
CA HIS C 479 -24.75 -9.61 16.30
C HIS C 479 -23.84 -10.82 16.44
N ASN C 480 -24.07 -11.85 15.63
CA ASN C 480 -23.22 -13.03 15.65
C ASN C 480 -22.24 -13.02 14.49
N ILE C 481 -21.29 -13.94 14.56
CA ILE C 481 -20.27 -14.14 13.54
C ILE C 481 -20.13 -15.64 13.27
N ALA C 482 -20.24 -16.01 12.00
CA ALA C 482 -20.17 -17.39 11.54
C ALA C 482 -19.14 -17.47 10.43
N ILE C 483 -18.03 -18.16 10.69
CA ILE C 483 -16.90 -18.19 9.78
C ILE C 483 -16.88 -19.52 9.04
N MET C 484 -16.69 -19.46 7.71
CA MET C 484 -16.54 -20.64 6.87
C MET C 484 -15.18 -20.52 6.19
N THR C 485 -14.12 -20.96 6.86
CA THR C 485 -12.85 -21.12 6.17
C THR C 485 -12.88 -22.42 5.39
N ASP C 486 -11.93 -22.56 4.46
CA ASP C 486 -11.98 -23.64 3.48
C ASP C 486 -11.69 -24.99 4.11
N ALA C 487 -12.27 -26.05 3.52
CA ALA C 487 -12.29 -27.37 4.13
C ALA C 487 -10.96 -28.11 4.04
N ASP C 488 -10.03 -27.66 3.20
CA ASP C 488 -8.74 -28.34 3.09
C ASP C 488 -7.80 -27.94 4.23
N HIS C 489 -6.61 -28.54 4.22
CA HIS C 489 -5.65 -28.32 5.30
C HIS C 489 -5.06 -26.91 5.25
N ASP C 490 -4.81 -26.40 4.04
CA ASP C 490 -4.40 -25.00 3.89
C ASP C 490 -5.53 -24.05 4.29
N GLY C 491 -6.78 -24.47 4.06
CA GLY C 491 -7.93 -23.67 4.44
C GLY C 491 -8.28 -23.75 5.91
N LEU C 492 -7.67 -24.65 6.68
CA LEU C 492 -7.94 -24.70 8.11
C LEU C 492 -6.74 -24.39 8.97
N GLY C 493 -5.52 -24.52 8.46
CA GLY C 493 -4.34 -24.31 9.28
C GLY C 493 -3.54 -23.07 8.96
N SER C 494 -3.96 -22.31 7.96
CA SER C 494 -3.27 -21.08 7.60
C SER C 494 -4.15 -19.84 7.67
N ILE C 495 -5.38 -19.92 7.16
CA ILE C 495 -6.29 -18.77 7.16
C ILE C 495 -7.17 -18.74 8.41
N TYR C 496 -7.63 -19.92 8.86
CA TYR C 496 -8.45 -20.01 10.08
C TYR C 496 -7.72 -19.62 11.38
N PRO C 497 -6.49 -20.11 11.70
CA PRO C 497 -5.88 -19.62 12.96
C PRO C 497 -5.40 -18.18 12.88
N SER C 498 -5.04 -17.69 11.68
CA SER C 498 -4.70 -16.28 11.54
C SER C 498 -5.94 -15.40 11.72
N LEU C 499 -7.10 -15.88 11.25
CA LEU C 499 -8.36 -15.16 11.45
C LEU C 499 -8.75 -15.12 12.93
N LEU C 500 -8.68 -16.26 13.62
CA LEU C 500 -9.09 -16.24 15.03
C LEU C 500 -8.02 -15.58 15.92
N GLY C 501 -6.75 -15.57 15.49
CA GLY C 501 -5.76 -14.76 16.19
C GLY C 501 -5.92 -13.28 15.94
N PHE C 502 -6.47 -12.91 14.78
CA PHE C 502 -6.87 -11.52 14.57
C PHE C 502 -8.06 -11.15 15.44
N PHE C 503 -9.02 -12.09 15.60
CA PHE C 503 -10.16 -11.81 16.46
C PHE C 503 -9.80 -11.87 17.94
N SER C 504 -8.62 -12.39 18.27
CA SER C 504 -8.09 -12.30 19.63
C SER C 504 -7.70 -10.90 20.08
N ASN C 505 -7.67 -9.91 19.15
CA ASN C 505 -7.43 -8.52 19.54
C ASN C 505 -8.56 -7.94 20.37
N TRP C 506 -9.77 -8.48 20.25
CA TRP C 506 -10.90 -8.15 21.11
C TRP C 506 -11.33 -9.45 21.78
N PRO C 507 -10.81 -9.75 22.99
CA PRO C 507 -11.11 -11.03 23.64
C PRO C 507 -12.43 -11.05 24.41
N GLU C 508 -13.49 -10.54 23.82
CA GLU C 508 -14.85 -10.63 24.36
C GLU C 508 -15.83 -11.31 23.42
N LEU C 509 -15.50 -11.37 22.13
CA LEU C 509 -16.31 -12.05 21.12
C LEU C 509 -16.42 -13.55 21.44
N PHE C 510 -15.31 -14.16 21.85
CA PHE C 510 -15.30 -15.55 22.26
C PHE C 510 -16.00 -15.73 23.60
N GLU C 511 -15.88 -14.74 24.49
CA GLU C 511 -16.51 -14.77 25.81
C GLU C 511 -18.04 -14.69 25.72
N GLN C 512 -18.55 -13.90 24.76
CA GLN C 512 -19.99 -13.82 24.50
C GLN C 512 -20.55 -15.08 23.85
N GLY C 513 -19.69 -15.97 23.34
CA GLY C 513 -20.11 -17.20 22.72
C GLY C 513 -20.55 -17.06 21.28
N ARG C 514 -20.44 -15.87 20.70
CA ARG C 514 -20.95 -15.61 19.36
C ARG C 514 -20.00 -16.05 18.26
N ILE C 515 -18.75 -16.40 18.58
CA ILE C 515 -17.84 -16.97 17.59
C ILE C 515 -18.33 -18.35 17.21
N ARG C 516 -18.84 -18.49 15.98
CA ARG C 516 -19.28 -19.78 15.47
C ARG C 516 -18.44 -20.10 14.24
N PHE C 517 -17.85 -21.29 14.22
CA PHE C 517 -17.28 -21.84 13.01
C PHE C 517 -18.28 -22.81 12.40
N VAL C 518 -18.56 -22.65 11.12
CA VAL C 518 -19.48 -23.54 10.42
C VAL C 518 -18.67 -24.64 9.75
N LYS C 519 -19.01 -25.90 10.06
CA LYS C 519 -18.27 -27.03 9.54
C LYS C 519 -18.59 -27.24 8.06
N THR C 520 -17.59 -27.74 7.35
CA THR C 520 -17.68 -27.96 5.91
C THR C 520 -17.03 -29.29 5.58
N PRO C 521 -17.72 -30.20 4.89
CA PRO C 521 -17.11 -31.50 4.57
C PRO C 521 -16.03 -31.36 3.51
N VAL C 522 -14.95 -32.12 3.67
CA VAL C 522 -13.89 -32.12 2.67
C VAL C 522 -13.90 -33.42 1.88
N ILE C 523 -14.59 -34.45 2.37
CA ILE C 523 -14.81 -35.68 1.60
C ILE C 523 -16.30 -35.98 1.59
N ILE C 524 -16.89 -36.10 0.41
CA ILE C 524 -18.25 -36.61 0.27
C ILE C 524 -18.21 -37.82 -0.64
N ALA C 525 -18.65 -38.97 -0.11
CA ALA C 525 -18.53 -40.23 -0.82
C ALA C 525 -19.90 -40.85 -1.01
N HIS C 526 -20.19 -41.30 -2.23
CA HIS C 526 -21.41 -42.03 -2.53
C HIS C 526 -21.17 -43.50 -2.24
N VAL C 527 -21.81 -44.00 -1.17
CA VAL C 527 -21.81 -45.41 -0.82
C VAL C 527 -23.26 -45.86 -0.66
N GLY C 528 -23.56 -47.04 -1.18
CA GLY C 528 -24.92 -47.54 -1.23
C GLY C 528 -25.77 -46.71 -2.18
N LYS C 529 -26.67 -45.91 -1.60
CA LYS C 529 -27.42 -44.90 -2.33
C LYS C 529 -27.38 -43.56 -1.58
N LYS C 530 -26.34 -43.33 -0.78
CA LYS C 530 -26.29 -42.15 0.07
C LYS C 530 -24.89 -41.55 0.03
N GLN C 531 -24.81 -40.29 0.47
CA GLN C 531 -23.56 -39.54 0.50
C GLN C 531 -23.13 -39.34 1.96
N GLU C 532 -21.93 -39.80 2.28
CA GLU C 532 -21.36 -39.62 3.61
C GLU C 532 -20.36 -38.47 3.57
N TRP C 533 -20.36 -37.66 4.63
CA TRP C 533 -19.61 -36.42 4.71
C TRP C 533 -18.49 -36.55 5.74
N PHE C 534 -17.35 -35.93 5.45
CA PHE C 534 -16.17 -35.97 6.29
C PHE C 534 -15.60 -34.55 6.34
N TYR C 535 -15.67 -33.93 7.52
CA TYR C 535 -15.24 -32.54 7.70
C TYR C 535 -13.74 -32.39 7.57
N THR C 536 -12.98 -33.31 8.17
CA THR C 536 -11.53 -33.34 8.05
C THR C 536 -11.10 -34.54 7.24
N VAL C 537 -9.91 -34.44 6.65
CA VAL C 537 -9.33 -35.55 5.90
C VAL C 537 -9.00 -36.70 6.83
N ALA C 538 -8.54 -36.38 8.05
CA ALA C 538 -8.17 -37.39 9.04
C ALA C 538 -9.37 -38.17 9.56
N GLU C 539 -10.58 -37.60 9.45
CA GLU C 539 -11.81 -38.37 9.67
C GLU C 539 -11.93 -39.51 8.67
N TYR C 540 -11.60 -39.23 7.40
CA TYR C 540 -11.62 -40.29 6.40
C TYR C 540 -10.43 -41.24 6.61
N GLU C 541 -9.28 -40.72 7.04
CA GLU C 541 -8.10 -41.55 7.25
C GLU C 541 -8.29 -42.51 8.43
N SER C 542 -9.11 -42.12 9.41
CA SER C 542 -9.58 -43.07 10.40
C SER C 542 -10.64 -44.00 9.83
N ALA C 543 -11.57 -43.46 9.03
CA ALA C 543 -12.75 -44.22 8.61
C ALA C 543 -12.72 -44.66 7.15
N LYS C 544 -11.54 -44.86 6.56
CA LYS C 544 -11.48 -45.42 5.21
C LYS C 544 -11.73 -46.92 5.25
N ASP C 545 -11.34 -47.58 6.34
CA ASP C 545 -11.15 -49.03 6.33
C ASP C 545 -12.47 -49.78 6.41
N ALA C 546 -13.33 -49.41 7.35
CA ALA C 546 -14.56 -50.17 7.59
C ALA C 546 -15.75 -49.62 6.80
N LEU C 547 -15.57 -49.39 5.51
CA LEU C 547 -16.63 -49.01 4.59
C LEU C 547 -16.54 -49.86 3.33
N PRO C 548 -17.70 -50.18 2.70
CA PRO C 548 -17.70 -50.92 1.44
C PRO C 548 -17.33 -50.09 0.22
N LYS C 549 -17.53 -50.68 -0.97
CA LYS C 549 -17.25 -50.05 -2.25
C LYS C 549 -18.06 -48.76 -2.43
N HIS C 550 -17.38 -47.72 -2.91
CA HIS C 550 -17.92 -46.37 -2.92
C HIS C 550 -17.25 -45.57 -4.02
N SER C 551 -17.90 -44.48 -4.42
CA SER C 551 -17.33 -43.51 -5.36
C SER C 551 -17.06 -42.22 -4.58
N ILE C 552 -15.80 -41.84 -4.49
CA ILE C 552 -15.38 -40.73 -3.66
C ILE C 552 -15.64 -39.42 -4.38
N ARG C 553 -15.61 -38.32 -3.63
CA ARG C 553 -15.42 -36.99 -4.18
C ARG C 553 -14.73 -36.15 -3.12
N TYR C 554 -13.48 -35.77 -3.39
CA TYR C 554 -12.82 -34.79 -2.55
C TYR C 554 -13.48 -33.44 -2.76
N ILE C 555 -13.64 -32.69 -1.68
CA ILE C 555 -14.32 -31.40 -1.73
C ILE C 555 -13.22 -30.35 -1.63
N LYS C 556 -12.94 -29.68 -2.76
CA LYS C 556 -11.94 -28.62 -2.77
C LYS C 556 -12.41 -27.40 -2.00
N GLY C 557 -13.67 -27.02 -2.18
CA GLY C 557 -14.24 -25.89 -1.47
C GLY C 557 -15.74 -25.96 -1.51
N LEU C 558 -16.36 -24.95 -0.92
CA LEU C 558 -17.82 -24.86 -0.93
C LEU C 558 -18.33 -24.46 -2.32
N GLY C 559 -17.47 -23.84 -3.14
CA GLY C 559 -17.83 -23.61 -4.53
C GLY C 559 -17.76 -24.87 -5.38
N SER C 560 -17.08 -25.91 -4.88
CA SER C 560 -17.13 -27.20 -5.56
C SER C 560 -18.42 -27.95 -5.28
N LEU C 561 -19.21 -27.51 -4.30
CA LEU C 561 -20.46 -28.18 -3.99
C LEU C 561 -21.62 -27.60 -4.78
N GLU C 562 -22.78 -28.25 -4.63
CA GLU C 562 -24.00 -27.92 -5.34
C GLU C 562 -24.93 -27.16 -4.36
N LYS C 563 -25.92 -26.46 -4.94
CA LYS C 563 -26.84 -25.59 -4.20
C LYS C 563 -27.67 -26.33 -3.16
N SER C 564 -27.95 -27.62 -3.38
CA SER C 564 -28.72 -28.40 -2.41
C SER C 564 -27.91 -28.67 -1.13
N GLU C 565 -26.66 -29.12 -1.29
CA GLU C 565 -25.80 -29.33 -0.12
C GLU C 565 -25.41 -28.00 0.52
N TYR C 566 -25.34 -26.93 -0.27
CA TYR C 566 -25.19 -25.57 0.24
C TYR C 566 -26.35 -25.19 1.14
N ARG C 567 -27.58 -25.48 0.69
CA ARG C 567 -28.78 -25.17 1.46
C ARG C 567 -28.85 -26.00 2.73
N GLU C 568 -28.37 -27.25 2.65
CA GLU C 568 -28.26 -28.10 3.84
C GLU C 568 -27.27 -27.54 4.85
N MET C 569 -26.11 -27.08 4.39
CA MET C 569 -25.10 -26.64 5.36
C MET C 569 -25.35 -25.21 5.86
N ILE C 570 -26.15 -24.41 5.15
CA ILE C 570 -26.56 -23.12 5.69
C ILE C 570 -27.75 -23.28 6.64
N GLN C 571 -28.83 -23.90 6.17
CA GLN C 571 -30.04 -23.94 7.00
C GLN C 571 -29.98 -24.99 8.10
N ASN C 572 -29.02 -25.92 8.03
CA ASN C 572 -28.69 -26.81 9.16
C ASN C 572 -27.19 -26.81 9.34
N PRO C 573 -26.63 -25.79 9.98
CA PRO C 573 -25.18 -25.72 10.15
C PRO C 573 -24.71 -26.50 11.38
N VAL C 574 -23.40 -26.55 11.55
CA VAL C 574 -22.76 -27.08 12.74
C VAL C 574 -21.87 -25.98 13.30
N TYR C 575 -22.21 -25.48 14.48
CA TYR C 575 -21.55 -24.31 15.06
C TYR C 575 -20.53 -24.75 16.10
N ASP C 576 -19.26 -24.78 15.71
CA ASP C 576 -18.17 -24.89 16.68
C ASP C 576 -18.06 -23.58 17.43
N VAL C 577 -18.38 -23.61 18.73
CA VAL C 577 -18.26 -22.43 19.58
C VAL C 577 -16.81 -22.35 20.04
N VAL C 578 -16.04 -21.44 19.46
CA VAL C 578 -14.64 -21.26 19.84
C VAL C 578 -14.65 -20.37 21.08
N LYS C 579 -14.08 -20.88 22.17
CA LYS C 579 -13.97 -20.13 23.42
C LYS C 579 -12.50 -19.83 23.68
N LEU C 580 -12.20 -18.59 24.02
CA LEU C 580 -10.83 -18.27 24.40
C LEU C 580 -10.53 -18.78 25.80
N PRO C 581 -9.45 -19.51 25.99
CA PRO C 581 -9.03 -19.92 27.33
C PRO C 581 -8.27 -18.82 28.05
N GLU C 582 -7.65 -19.16 29.19
CA GLU C 582 -6.90 -18.17 29.96
C GLU C 582 -5.64 -17.71 29.23
N ASN C 583 -4.73 -18.64 28.95
CA ASN C 583 -3.43 -18.29 28.37
C ASN C 583 -3.42 -18.42 26.85
N TRP C 584 -4.27 -17.65 26.16
CA TRP C 584 -4.27 -17.68 24.70
C TRP C 584 -3.10 -16.90 24.14
N LYS C 585 -2.56 -15.96 24.92
CA LYS C 585 -1.58 -14.99 24.42
C LYS C 585 -0.25 -15.67 24.10
N GLU C 586 0.24 -16.51 25.01
CA GLU C 586 1.50 -17.22 24.77
C GLU C 586 1.33 -18.29 23.69
N LEU C 587 0.14 -18.88 23.59
CA LEU C 587 -0.14 -19.85 22.53
C LEU C 587 -0.13 -19.20 21.15
N PHE C 588 -0.69 -18.00 21.05
CA PHE C 588 -0.64 -17.26 19.79
C PHE C 588 0.78 -16.79 19.50
N GLU C 589 1.53 -16.43 20.53
CA GLU C 589 2.93 -16.01 20.33
C GLU C 589 3.79 -17.17 19.85
N MET C 590 3.55 -18.38 20.37
CA MET C 590 4.33 -19.53 19.92
C MET C 590 3.83 -20.07 18.58
N LEU C 591 2.60 -19.73 18.17
CA LEU C 591 2.19 -20.10 16.82
C LEU C 591 2.40 -19.00 15.80
N MET C 592 1.74 -17.86 15.98
CA MET C 592 1.79 -16.76 15.02
C MET C 592 2.76 -15.71 15.58
N GLY C 593 3.98 -15.71 15.04
CA GLY C 593 5.03 -14.88 15.60
C GLY C 593 6.36 -15.15 14.93
N ASP C 594 7.35 -14.35 15.34
CA ASP C 594 8.66 -14.41 14.70
C ASP C 594 9.47 -15.61 15.14
N ASN C 595 9.38 -16.01 16.41
CA ASN C 595 10.14 -17.15 16.91
C ASN C 595 9.46 -18.43 16.47
N ALA C 596 10.26 -19.41 16.04
CA ALA C 596 9.75 -20.72 15.66
C ALA C 596 10.58 -21.87 16.24
N ASP C 597 11.45 -21.60 17.21
CA ASP C 597 12.00 -22.68 18.01
C ASP C 597 10.93 -23.23 18.95
N LEU C 598 9.96 -22.39 19.32
CA LEU C 598 8.73 -22.87 19.93
C LEU C 598 7.97 -23.79 18.98
N ARG C 599 7.93 -23.43 17.68
CA ARG C 599 7.35 -24.32 16.68
C ARG C 599 8.21 -25.58 16.49
N LYS C 600 9.54 -25.48 16.71
CA LYS C 600 10.43 -26.63 16.64
C LYS C 600 10.14 -27.65 17.72
N GLU C 601 10.03 -27.19 18.97
CA GLU C 601 9.73 -28.13 20.06
C GLU C 601 8.28 -28.58 20.01
N TRP C 602 7.41 -27.76 19.43
CA TRP C 602 5.99 -28.08 19.39
C TRP C 602 5.67 -29.10 18.29
N MET C 603 6.40 -29.09 17.17
CA MET C 603 6.19 -30.14 16.17
C MET C 603 6.75 -31.48 16.63
N SER C 604 7.76 -31.45 17.51
CA SER C 604 8.49 -32.64 17.94
C SER C 604 7.67 -33.56 18.85
N GLN C 605 6.59 -33.09 19.45
CA GLN C 605 5.78 -33.97 20.30
C GLN C 605 4.75 -34.73 19.47
N MET D 1 28.23 69.00 20.85
CA MET D 1 28.41 68.19 22.04
C MET D 1 27.13 68.14 22.86
N ILE D 2 26.73 66.92 23.26
CA ILE D 2 25.49 66.76 24.01
C ILE D 2 25.74 67.13 25.47
N LYS D 3 24.88 68.00 26.00
CA LYS D 3 25.01 68.48 27.39
C LYS D 3 24.56 67.36 28.32
N ASN D 4 25.47 66.95 29.22
CA ASN D 4 25.21 65.87 30.16
C ASN D 4 25.50 66.38 31.56
N GLU D 5 24.47 66.95 32.20
CA GLU D 5 24.57 67.41 33.58
C GLU D 5 23.68 66.53 34.44
N ILE D 6 24.25 65.99 35.52
CA ILE D 6 23.53 65.06 36.37
C ILE D 6 22.56 65.84 37.26
N LYS D 7 21.26 65.70 36.97
CA LYS D 7 20.22 66.36 37.72
C LYS D 7 19.45 65.32 38.54
N ILE D 8 19.18 65.65 39.79
CA ILE D 8 18.50 64.76 40.72
C ILE D 8 17.10 65.28 40.95
N LEU D 9 16.11 64.41 40.80
CA LEU D 9 14.70 64.79 40.82
C LEU D 9 14.03 64.24 42.08
N SER D 10 12.85 64.79 42.37
CA SER D 10 11.98 64.29 43.42
C SER D 10 11.10 63.18 42.85
N ASP D 11 10.06 62.78 43.59
CA ASP D 11 9.16 61.73 43.09
C ASP D 11 8.27 62.26 41.97
N ILE D 12 7.69 63.45 42.16
CA ILE D 12 6.68 63.99 41.25
C ILE D 12 7.30 64.38 39.91
N GLU D 13 8.48 65.00 39.95
CA GLU D 13 9.16 65.42 38.74
C GLU D 13 9.70 64.23 37.95
N HIS D 14 10.15 63.18 38.65
CA HIS D 14 10.63 61.99 37.95
C HIS D 14 9.49 61.20 37.34
N ILE D 15 8.31 61.23 37.98
CA ILE D 15 7.14 60.60 37.37
C ILE D 15 6.68 61.40 36.16
N LYS D 16 6.63 62.73 36.29
CA LYS D 16 6.11 63.58 35.21
C LYS D 16 7.06 63.67 34.03
N LYS D 17 8.36 63.45 34.26
CA LYS D 17 9.30 63.47 33.14
C LYS D 17 9.44 62.11 32.49
N ARG D 18 9.17 61.03 33.23
CA ARG D 18 9.35 59.64 32.81
C ARG D 18 8.05 58.87 33.00
N SER D 19 6.97 59.40 32.40
CA SER D 19 5.63 58.85 32.59
C SER D 19 5.44 57.47 31.97
N GLY D 20 6.36 57.07 31.07
CA GLY D 20 6.21 55.83 30.33
C GLY D 20 6.26 54.58 31.19
N MET D 21 7.16 54.51 32.16
CA MET D 21 7.21 53.32 33.01
C MET D 21 6.10 53.31 34.05
N TYR D 22 5.42 54.44 34.27
CA TYR D 22 4.47 54.56 35.36
C TYR D 22 3.00 54.49 34.93
N ILE D 23 2.67 54.87 33.70
CA ILE D 23 1.29 54.66 33.24
C ILE D 23 1.28 53.82 31.97
N GLY D 24 2.43 53.25 31.62
CA GLY D 24 2.48 52.39 30.45
C GLY D 24 2.50 53.18 29.16
N SER D 25 1.69 52.76 28.21
CA SER D 25 1.60 53.44 26.92
C SER D 25 0.81 54.74 27.06
N SER D 26 1.40 55.82 26.57
CA SER D 26 0.77 57.14 26.61
C SER D 26 0.59 57.70 25.21
N ALA D 27 0.47 56.83 24.22
CA ALA D 27 0.25 57.22 22.83
C ALA D 27 -0.96 56.47 22.28
N ASN D 28 -1.64 57.09 21.32
CA ASN D 28 -2.83 56.49 20.72
C ASN D 28 -2.39 55.38 19.76
N GLU D 29 -2.78 54.15 20.05
CA GLU D 29 -2.33 52.99 19.30
C GLU D 29 -3.48 52.03 19.05
N MET D 30 -3.26 51.13 18.10
CA MET D 30 -4.24 50.15 17.66
C MET D 30 -3.84 48.77 18.17
N HIS D 31 -4.78 48.10 18.84
CA HIS D 31 -4.60 46.73 19.28
C HIS D 31 -5.84 45.93 18.88
N GLU D 32 -5.86 44.66 19.28
CA GLU D 32 -7.01 43.79 19.10
C GLU D 32 -7.48 43.34 20.47
N ARG D 33 -8.67 43.79 20.87
CA ARG D 33 -9.16 43.63 22.23
C ARG D 33 -10.50 42.91 22.20
N PHE D 34 -10.70 42.00 23.17
CA PHE D 34 -12.02 41.46 23.46
C PHE D 34 -12.86 42.52 24.15
N LEU D 35 -13.77 43.13 23.38
CA LEU D 35 -14.83 43.96 23.93
C LEU D 35 -16.15 43.23 23.73
N PHE D 36 -16.85 42.99 24.85
CA PHE D 36 -18.16 42.30 24.92
C PHE D 36 -18.10 40.90 24.32
N GLY D 37 -16.96 40.24 24.50
CA GLY D 37 -16.73 38.93 23.92
C GLY D 37 -16.26 38.93 22.48
N LYS D 38 -16.04 40.09 21.88
CA LYS D 38 -15.68 40.19 20.46
C LYS D 38 -14.24 40.65 20.31
N TRP D 39 -13.47 39.93 19.49
CA TRP D 39 -12.06 40.22 19.23
C TRP D 39 -12.00 41.29 18.14
N GLU D 40 -12.14 42.55 18.56
CA GLU D 40 -12.29 43.66 17.64
C GLU D 40 -11.05 44.55 17.70
N SER D 41 -10.68 45.11 16.56
CA SER D 41 -9.54 46.01 16.48
C SER D 41 -9.91 47.38 17.03
N VAL D 42 -9.33 47.73 18.18
CA VAL D 42 -9.61 49.00 18.83
C VAL D 42 -8.39 49.90 18.68
N GLN D 43 -8.60 51.20 18.90
CA GLN D 43 -7.52 52.18 18.85
C GLN D 43 -7.80 53.24 19.89
N TYR D 44 -6.88 53.38 20.85
CA TYR D 44 -7.11 54.17 22.06
C TYR D 44 -5.77 54.43 22.73
N VAL D 45 -5.82 55.12 23.86
CA VAL D 45 -4.65 55.38 24.69
C VAL D 45 -4.77 54.51 25.94
N PRO D 46 -3.84 53.57 26.18
CA PRO D 46 -3.94 52.72 27.38
C PRO D 46 -3.66 53.42 28.68
N GLY D 47 -3.09 54.64 28.65
CA GLY D 47 -2.80 55.36 29.87
C GLY D 47 -4.04 55.81 30.61
N LEU D 48 -5.06 56.27 29.88
CA LEU D 48 -6.30 56.70 30.51
C LEU D 48 -7.12 55.51 31.03
N VAL D 49 -7.10 54.40 30.28
CA VAL D 49 -7.76 53.17 30.71
C VAL D 49 -7.10 52.63 31.97
N LYS D 50 -5.76 52.63 32.01
CA LYS D 50 -5.02 52.26 33.21
C LYS D 50 -5.26 53.25 34.35
N LEU D 51 -5.46 54.52 34.02
CA LEU D 51 -5.71 55.56 35.02
C LEU D 51 -7.05 55.35 35.72
N ILE D 52 -8.07 54.92 34.97
CA ILE D 52 -9.35 54.53 35.57
C ILE D 52 -9.19 53.22 36.34
N ASP D 53 -8.42 52.27 35.78
CA ASP D 53 -8.31 50.94 36.37
C ASP D 53 -7.51 50.92 37.67
N GLU D 54 -6.67 51.93 37.92
CA GLU D 54 -6.00 52.04 39.22
C GLU D 54 -7.01 52.27 40.35
N ILE D 55 -7.96 53.19 40.12
CA ILE D 55 -9.01 53.47 41.09
C ILE D 55 -9.99 52.29 41.18
N ILE D 56 -10.27 51.66 40.03
CA ILE D 56 -11.17 50.51 39.99
C ILE D 56 -10.60 49.32 40.77
N ASP D 57 -9.31 49.03 40.55
CA ASP D 57 -8.65 47.95 41.28
C ASP D 57 -8.43 48.29 42.74
N ASN D 58 -8.27 49.58 43.08
CA ASN D 58 -8.22 49.99 44.48
C ASN D 58 -9.55 49.75 45.18
N SER D 59 -10.67 50.01 44.49
CA SER D 59 -11.98 49.76 45.09
C SER D 59 -12.27 48.27 45.22
N VAL D 60 -11.85 47.47 44.23
CA VAL D 60 -12.01 46.01 44.33
C VAL D 60 -11.11 45.44 45.41
N ASP D 61 -9.91 46.01 45.59
CA ASP D 61 -9.02 45.60 46.68
C ASP D 61 -9.59 45.96 48.04
N GLU D 62 -10.27 47.12 48.13
CA GLU D 62 -11.00 47.47 49.34
C GLU D 62 -12.15 46.51 49.61
N GLY D 63 -12.81 46.06 48.54
CA GLY D 63 -13.88 45.08 48.70
C GLY D 63 -13.39 43.70 49.13
N ILE D 64 -12.27 43.24 48.59
CA ILE D 64 -11.83 41.88 48.87
C ILE D 64 -10.91 41.80 50.08
N ARG D 65 -10.36 42.93 50.54
CA ARG D 65 -9.57 42.88 51.77
C ARG D 65 -10.45 42.82 53.00
N THR D 66 -11.74 43.15 52.88
CA THR D 66 -12.74 42.91 53.91
C THR D 66 -13.60 41.71 53.59
N LYS D 67 -13.28 40.98 52.51
CA LYS D 67 -13.98 39.78 52.02
C LYS D 67 -15.46 40.04 51.74
N PHE D 68 -15.72 40.99 50.82
CA PHE D 68 -16.97 41.23 50.09
C PHE D 68 -18.14 41.75 50.94
N LYS D 69 -17.99 41.87 52.26
CA LYS D 69 -19.08 42.46 53.04
C LYS D 69 -19.11 43.98 52.91
N PHE D 70 -17.95 44.60 52.68
CA PHE D 70 -17.82 46.04 52.53
C PHE D 70 -17.33 46.35 51.12
N ALA D 71 -17.57 47.60 50.71
CA ALA D 71 -17.40 48.10 49.33
C ALA D 71 -18.17 47.22 48.33
N ASN D 72 -19.40 46.89 48.70
CA ASN D 72 -20.23 45.96 47.94
C ASN D 72 -20.75 46.53 46.62
N LYS D 73 -21.05 47.83 46.56
CA LYS D 73 -21.40 48.46 45.29
C LYS D 73 -20.30 49.46 44.93
N ILE D 74 -19.58 49.16 43.85
CA ILE D 74 -18.54 50.04 43.34
C ILE D 74 -19.19 50.79 42.18
N ASN D 75 -19.56 52.03 42.44
CA ASN D 75 -20.29 52.85 41.48
C ASN D 75 -19.30 53.62 40.63
N VAL D 76 -19.26 53.32 39.34
CA VAL D 76 -18.39 53.99 38.39
C VAL D 76 -19.26 54.84 37.47
N THR D 77 -18.95 56.13 37.39
CA THR D 77 -19.68 57.06 36.54
C THR D 77 -18.66 57.84 35.72
N ILE D 78 -18.68 57.63 34.40
CA ILE D 78 -17.78 58.31 33.49
C ILE D 78 -18.66 59.16 32.57
N LYS D 79 -18.72 60.46 32.84
CA LYS D 79 -19.55 61.37 32.06
C LYS D 79 -18.80 62.68 31.86
N ASN D 80 -18.43 62.95 30.60
CA ASN D 80 -17.76 64.17 30.15
C ASN D 80 -16.44 64.41 30.87
N ASN D 81 -15.50 63.47 30.63
CA ASN D 81 -14.10 63.50 31.11
C ASN D 81 -14.02 63.56 32.63
N GLN D 82 -14.89 62.82 33.31
CA GLN D 82 -14.91 62.84 34.77
C GLN D 82 -15.28 61.46 35.28
N VAL D 83 -14.38 60.86 36.05
CA VAL D 83 -14.56 59.51 36.57
C VAL D 83 -14.88 59.61 38.05
N THR D 84 -16.02 59.04 38.46
CA THR D 84 -16.47 59.01 39.84
C THR D 84 -16.61 57.55 40.26
N VAL D 85 -15.82 57.13 41.24
CA VAL D 85 -15.89 55.77 41.79
C VAL D 85 -16.23 55.88 43.27
N GLU D 86 -17.36 55.30 43.66
CA GLU D 86 -17.88 55.40 45.01
C GLU D 86 -18.19 54.01 45.54
N ASP D 87 -17.54 53.63 46.64
CA ASP D 87 -17.79 52.33 47.26
C ASP D 87 -17.97 52.49 48.76
N ASN D 88 -18.52 51.45 49.38
CA ASN D 88 -18.96 51.48 50.77
C ASN D 88 -18.05 50.69 51.71
N GLY D 89 -16.74 50.80 51.55
CA GLY D 89 -15.81 50.05 52.37
C GLY D 89 -15.64 50.63 53.77
N ARG D 90 -14.55 50.20 54.43
CA ARG D 90 -14.21 50.75 55.73
C ARG D 90 -13.76 52.20 55.61
N GLY D 91 -13.16 52.56 54.50
CA GLY D 91 -12.53 53.85 54.40
C GLY D 91 -11.05 53.79 54.73
N ILE D 92 -10.29 54.66 54.09
CA ILE D 92 -8.86 54.80 54.37
C ILE D 92 -8.69 55.43 55.74
N PRO D 93 -7.86 54.86 56.63
CA PRO D 93 -7.85 55.28 58.04
C PRO D 93 -7.36 56.70 58.28
N GLN D 94 -7.98 57.34 59.27
CA GLN D 94 -7.71 58.70 59.71
C GLN D 94 -6.36 58.84 60.43
N ALA D 95 -5.81 57.73 60.95
CA ALA D 95 -4.65 57.77 61.83
C ALA D 95 -3.39 58.24 61.11
N MET D 96 -2.51 58.88 61.86
CA MET D 96 -1.36 59.59 61.30
C MET D 96 -0.32 58.59 60.79
N VAL D 97 0.25 58.91 59.63
CA VAL D 97 1.41 58.20 59.09
C VAL D 97 2.56 59.19 58.99
N LYS D 98 3.78 58.69 59.10
CA LYS D 98 4.97 59.53 59.20
C LYS D 98 5.83 59.36 57.95
N THR D 99 6.14 60.49 57.31
CA THR D 99 7.06 60.49 56.19
C THR D 99 8.49 60.28 56.69
N PRO D 100 9.37 59.76 55.83
CA PRO D 100 10.80 59.72 56.20
C PRO D 100 11.45 61.10 56.35
N THR D 101 10.89 62.13 55.70
CA THR D 101 11.37 63.49 55.90
C THR D 101 11.01 64.05 57.28
N GLY D 102 9.96 63.52 57.93
CA GLY D 102 9.57 63.93 59.25
C GLY D 102 8.22 64.62 59.33
N GLU D 103 7.62 64.95 58.19
CA GLU D 103 6.34 65.64 58.21
C GLU D 103 5.20 64.67 58.49
N GLU D 104 4.33 65.04 59.42
CA GLU D 104 3.16 64.23 59.77
C GLU D 104 2.01 64.57 58.83
N ILE D 105 1.68 63.63 57.95
CA ILE D 105 0.63 63.81 56.96
C ILE D 105 -0.47 62.80 57.30
N PRO D 106 -1.75 63.17 57.24
CA PRO D 106 -2.82 62.18 57.48
C PRO D 106 -2.91 61.14 56.38
N GLY D 107 -3.76 60.14 56.62
CA GLY D 107 -3.80 58.90 55.87
C GLY D 107 -4.14 58.97 54.38
N PRO D 108 -5.38 59.35 54.03
CA PRO D 108 -5.75 59.45 52.61
C PRO D 108 -4.98 60.50 51.82
N VAL D 109 -4.61 61.61 52.48
CA VAL D 109 -3.87 62.65 51.76
C VAL D 109 -2.42 62.24 51.54
N ALA D 110 -1.83 61.44 52.45
CA ALA D 110 -0.51 60.87 52.13
C ALA D 110 -0.62 59.73 51.13
N ALA D 111 -1.78 59.08 51.04
CA ALA D 111 -1.96 58.08 50.00
C ALA D 111 -2.24 58.72 48.64
N TRP D 112 -2.64 59.99 48.63
CA TRP D 112 -3.08 60.64 47.41
C TRP D 112 -2.17 61.78 46.94
N THR D 113 -1.20 62.22 47.75
CA THR D 113 -0.39 63.38 47.38
C THR D 113 1.10 63.09 47.29
N ILE D 114 1.58 61.97 47.78
CA ILE D 114 2.97 61.55 47.59
C ILE D 114 2.96 60.09 47.14
N PRO D 115 3.89 59.68 46.27
CA PRO D 115 3.94 58.28 45.86
C PRO D 115 4.70 57.41 46.85
N LYS D 116 4.85 56.12 46.50
CA LYS D 116 5.59 55.10 47.27
C LYS D 116 5.06 54.96 48.70
N ALA D 117 3.73 54.99 48.85
CA ALA D 117 3.08 54.84 50.13
C ALA D 117 1.75 54.14 49.95
N GLY D 118 1.55 53.04 50.66
CA GLY D 118 0.31 52.30 50.52
C GLY D 118 0.20 51.23 51.58
N GLY D 119 -0.95 50.56 51.58
CA GLY D 119 -1.25 49.56 52.60
C GLY D 119 -1.06 48.13 52.14
N ASN D 120 -0.35 47.94 51.03
CA ASN D 120 -0.04 46.61 50.52
C ASN D 120 1.47 46.36 50.47
N PHE D 121 2.21 46.98 51.38
CA PHE D 121 3.64 46.75 51.51
C PHE D 121 3.98 45.68 52.54
N GLY D 122 2.98 44.97 53.06
CA GLY D 122 3.22 43.97 54.08
C GLY D 122 3.66 42.64 53.53
N ASP D 123 3.03 41.56 54.00
CA ASP D 123 3.39 40.22 53.56
C ASP D 123 2.87 39.96 52.15
N ASP D 124 3.70 39.28 51.36
CA ASP D 124 3.35 38.93 49.99
C ASP D 124 2.73 37.55 49.85
N LYS D 125 3.04 36.62 50.75
CA LYS D 125 2.59 35.24 50.58
C LYS D 125 1.13 35.05 50.98
N GLU D 126 0.55 36.01 51.69
CA GLU D 126 -0.85 35.93 52.07
C GLU D 126 -1.72 36.99 51.42
N ARG D 127 -1.13 37.89 50.64
CA ARG D 127 -1.88 39.00 50.06
C ARG D 127 -2.58 38.57 48.79
N VAL D 128 -3.90 38.74 48.76
CA VAL D 128 -4.71 38.45 47.58
C VAL D 128 -5.19 39.71 46.87
N THR D 129 -4.93 40.89 47.43
CA THR D 129 -5.28 42.14 46.77
C THR D 129 -4.35 42.38 45.58
N GLY D 130 -4.88 43.08 44.56
CA GLY D 130 -4.17 43.25 43.31
C GLY D 130 -3.07 44.29 43.33
N GLY D 131 -2.88 45.01 44.43
CA GLY D 131 -1.88 46.06 44.50
C GLY D 131 -0.60 45.60 45.16
N MET D 132 0.52 46.02 44.61
CA MET D 132 1.83 45.82 45.22
C MET D 132 2.64 47.10 45.32
N ASN D 133 2.56 47.98 44.32
CA ASN D 133 3.54 49.06 44.17
C ASN D 133 3.29 50.25 45.08
N GLY D 134 2.04 50.51 45.46
CA GLY D 134 1.76 51.60 46.38
C GLY D 134 1.78 52.97 45.75
N VAL D 135 1.63 53.08 44.43
CA VAL D 135 1.80 54.35 43.74
C VAL D 135 0.57 54.71 42.91
N GLY D 136 -0.46 53.86 42.93
CA GLY D 136 -1.54 53.93 41.97
C GLY D 136 -2.49 55.11 42.01
N SER D 137 -3.07 55.41 43.17
CA SER D 137 -3.99 56.54 43.24
C SER D 137 -3.24 57.87 43.28
N SER D 138 -1.99 57.87 43.72
CA SER D 138 -1.13 59.03 43.51
C SER D 138 -0.84 59.24 42.04
N LEU D 139 -0.71 58.15 41.27
CA LEU D 139 -0.58 58.26 39.82
C LEU D 139 -1.87 58.75 39.18
N THR D 140 -3.02 58.45 39.79
CA THR D 140 -4.27 59.07 39.36
C THR D 140 -4.26 60.58 39.64
N ASN D 141 -3.71 60.97 40.79
CA ASN D 141 -3.69 62.38 41.16
C ASN D 141 -2.70 63.20 40.33
N ILE D 142 -1.61 62.58 39.86
CA ILE D 142 -0.60 63.31 39.06
C ILE D 142 -1.17 63.69 37.69
N PHE D 143 -1.84 62.75 37.02
CA PHE D 143 -2.31 62.96 35.66
C PHE D 143 -3.75 63.42 35.60
N SER D 144 -4.18 64.24 36.57
CA SER D 144 -5.52 64.78 36.62
C SER D 144 -5.46 66.26 36.96
N VAL D 145 -6.32 67.05 36.32
CA VAL D 145 -6.36 68.49 36.60
C VAL D 145 -7.25 68.79 37.81
N MET D 146 -8.16 67.88 38.14
CA MET D 146 -8.89 67.98 39.40
C MET D 146 -9.02 66.56 39.94
N PHE D 147 -8.84 66.42 41.25
CA PHE D 147 -8.90 65.12 41.90
C PHE D 147 -9.42 65.35 43.31
N VAL D 148 -10.64 64.91 43.59
CA VAL D 148 -11.22 65.02 44.92
C VAL D 148 -11.43 63.61 45.46
N GLY D 149 -11.06 63.42 46.73
CA GLY D 149 -11.28 62.17 47.41
C GLY D 149 -11.99 62.36 48.73
N GLU D 150 -13.20 61.82 48.84
CA GLU D 150 -14.00 61.90 50.05
C GLU D 150 -13.93 60.54 50.75
N THR D 151 -13.33 60.52 51.94
CA THR D 151 -13.08 59.31 52.69
C THR D 151 -13.88 59.33 53.98
N GLY D 152 -14.70 58.31 54.22
CA GLY D 152 -15.42 58.23 55.46
C GLY D 152 -15.13 56.93 56.20
N ASP D 153 -14.60 57.05 57.41
CA ASP D 153 -14.42 55.90 58.30
C ASP D 153 -15.60 55.70 59.24
N GLY D 154 -16.65 56.51 59.10
CA GLY D 154 -17.79 56.49 59.99
C GLY D 154 -17.81 57.59 61.02
N GLN D 155 -16.69 58.29 61.22
CA GLN D 155 -16.63 59.34 62.24
C GLN D 155 -16.25 60.68 61.64
N ASN D 156 -15.39 60.68 60.62
CA ASN D 156 -14.90 61.92 60.03
C ASN D 156 -14.81 61.78 58.52
N ASN D 157 -15.29 62.80 57.81
CA ASN D 157 -15.15 62.86 56.36
C ASN D 157 -13.87 63.62 56.01
N ILE D 158 -12.98 62.95 55.28
CA ILE D 158 -11.68 63.48 54.88
C ILE D 158 -11.83 63.86 53.41
N VAL D 159 -11.80 65.14 53.12
CA VAL D 159 -11.89 65.62 51.74
C VAL D 159 -10.49 66.07 51.35
N VAL D 160 -9.90 65.34 50.40
CA VAL D 160 -8.58 65.67 49.85
C VAL D 160 -8.82 66.22 48.45
N ARG D 161 -8.63 67.53 48.30
CA ARG D 161 -8.85 68.23 47.05
C ARG D 161 -7.51 68.64 46.47
N CYS D 162 -7.21 68.15 45.27
CA CYS D 162 -5.95 68.44 44.61
C CYS D 162 -6.21 68.87 43.18
N SER D 163 -5.33 69.73 42.68
CA SER D 163 -5.51 70.33 41.36
C SER D 163 -4.15 70.69 40.79
N ASN D 164 -4.17 70.99 39.47
CA ASN D 164 -3.02 71.41 38.66
C ASN D 164 -1.91 70.36 38.63
N GLY D 165 -2.28 69.08 38.71
CA GLY D 165 -1.33 67.99 38.64
C GLY D 165 -0.38 67.93 39.82
N MET D 166 -0.93 67.73 41.03
CA MET D 166 -0.29 67.76 42.34
C MET D 166 0.40 69.07 42.68
N GLU D 167 0.10 70.17 41.99
CA GLU D 167 0.64 71.46 42.39
C GLU D 167 -0.11 72.01 43.60
N ASN D 168 -1.42 71.84 43.62
CA ASN D 168 -2.25 72.29 44.74
C ASN D 168 -2.84 71.07 45.45
N LYS D 169 -2.61 70.99 46.75
CA LYS D 169 -3.18 69.92 47.57
C LYS D 169 -3.72 70.51 48.86
N SER D 170 -4.91 70.06 49.27
CA SER D 170 -5.51 70.56 50.50
C SER D 170 -6.40 69.48 51.08
N TRP D 171 -6.13 69.09 52.33
CA TRP D 171 -6.93 68.11 53.03
C TRP D 171 -7.72 68.80 54.13
N GLU D 172 -8.98 68.41 54.28
CA GLU D 172 -9.83 68.93 55.34
C GLU D 172 -10.60 67.80 55.99
N THR D 173 -10.92 67.99 57.28
CA THR D 173 -11.63 67.01 58.08
C THR D 173 -12.93 67.64 58.57
N ILE D 174 -14.05 67.05 58.18
CA ILE D 174 -15.37 67.53 58.54
C ILE D 174 -16.01 66.45 59.41
N PRO D 175 -16.77 66.81 60.44
CA PRO D 175 -17.58 65.79 61.13
C PRO D 175 -18.66 65.24 60.20
N GLY D 176 -18.82 63.92 60.21
CA GLY D 176 -19.76 63.27 59.32
C GLY D 176 -19.93 61.82 59.71
N LYS D 177 -20.89 61.17 59.04
CA LYS D 177 -21.24 59.79 59.35
C LYS D 177 -21.18 58.86 58.15
N TRP D 178 -20.56 59.27 57.05
CA TRP D 178 -20.44 58.40 55.89
C TRP D 178 -19.34 57.38 56.11
N LYS D 179 -19.47 56.23 55.45
CA LYS D 179 -18.48 55.16 55.50
C LYS D 179 -18.24 54.64 54.09
N GLY D 180 -17.10 55.01 53.51
CA GLY D 180 -16.76 54.57 52.16
C GLY D 180 -15.71 55.48 51.55
N THR D 181 -15.60 55.39 50.23
CA THR D 181 -14.64 56.19 49.47
C THR D 181 -15.29 56.69 48.19
N ARG D 182 -15.08 57.97 47.89
CA ARG D 182 -15.54 58.58 46.64
C ARG D 182 -14.34 59.27 45.99
N VAL D 183 -13.88 58.72 44.87
CA VAL D 183 -12.76 59.28 44.11
C VAL D 183 -13.33 59.85 42.81
N THR D 184 -13.20 61.16 42.63
CA THR D 184 -13.73 61.81 41.44
C THR D 184 -12.62 62.66 40.82
N PHE D 185 -12.26 62.36 39.57
CA PHE D 185 -11.15 63.05 38.94
C PHE D 185 -11.45 63.36 37.48
N ILE D 186 -10.90 64.48 37.02
CA ILE D 186 -10.92 64.89 35.62
C ILE D 186 -9.47 64.79 35.12
N PRO D 187 -9.18 63.92 34.16
CA PRO D 187 -7.78 63.69 33.78
C PRO D 187 -7.15 64.84 33.00
N ASP D 188 -5.82 64.92 33.08
CA ASP D 188 -5.03 65.93 32.38
C ASP D 188 -4.65 65.38 31.01
N PHE D 189 -5.04 66.11 29.96
CA PHE D 189 -4.82 65.65 28.59
C PHE D 189 -3.53 66.18 27.98
N MET D 190 -2.68 66.85 28.76
CA MET D 190 -1.46 67.42 28.21
C MET D 190 -0.43 66.33 27.89
N SER D 191 -0.23 65.39 28.82
CA SER D 191 0.78 64.35 28.63
C SER D 191 0.33 63.28 27.65
N PHE D 192 -0.98 63.02 27.58
CA PHE D 192 -1.47 61.98 26.68
C PHE D 192 -1.63 62.52 25.26
N GLU D 193 -1.77 61.60 24.31
CA GLU D 193 -2.01 61.95 22.91
C GLU D 193 -3.51 61.89 22.60
N THR D 194 -4.27 62.61 23.43
CA THR D 194 -5.73 62.66 23.32
C THR D 194 -6.21 63.93 24.02
N ASN D 195 -7.49 64.24 23.83
CA ASN D 195 -8.14 65.36 24.50
C ASN D 195 -9.49 65.02 25.12
N GLU D 196 -10.16 63.95 24.68
CA GLU D 196 -11.47 63.60 25.18
C GLU D 196 -11.51 62.11 25.47
N LEU D 197 -12.38 61.72 26.41
CA LEU D 197 -12.68 60.32 26.66
C LEU D 197 -13.79 59.90 25.70
N SER D 198 -13.44 59.15 24.66
CA SER D 198 -14.43 58.72 23.69
C SER D 198 -15.19 57.49 24.20
N GLN D 199 -16.12 57.01 23.38
CA GLN D 199 -17.03 55.95 23.80
C GLN D 199 -16.35 54.59 23.86
N VAL D 200 -15.21 54.42 23.17
CA VAL D 200 -14.47 53.16 23.24
C VAL D 200 -13.84 52.98 24.62
N TYR D 201 -13.50 54.08 25.30
CA TYR D 201 -12.96 54.01 26.66
C TYR D 201 -14.04 53.61 27.65
N LEU D 202 -15.25 54.13 27.47
CA LEU D 202 -16.38 53.73 28.30
C LEU D 202 -16.80 52.30 28.03
N ASP D 203 -16.64 51.84 26.78
CA ASP D 203 -16.93 50.44 26.47
C ASP D 203 -15.88 49.50 27.05
N ILE D 204 -14.62 49.95 27.09
CA ILE D 204 -13.55 49.19 27.74
C ILE D 204 -13.81 49.08 29.24
N THR D 205 -14.22 50.20 29.85
CA THR D 205 -14.55 50.21 31.28
C THR D 205 -15.78 49.36 31.59
N LEU D 206 -16.79 49.39 30.71
CA LEU D 206 -18.00 48.59 30.89
C LEU D 206 -17.71 47.10 30.73
N ASP D 207 -16.86 46.74 29.76
CA ASP D 207 -16.47 45.34 29.58
C ASP D 207 -15.62 44.86 30.75
N ARG D 208 -14.79 45.74 31.31
CA ARG D 208 -14.00 45.35 32.48
C ARG D 208 -14.86 45.21 33.73
N LEU D 209 -15.89 46.06 33.87
CA LEU D 209 -16.82 45.91 34.99
C LEU D 209 -17.67 44.66 34.84
N GLN D 210 -18.04 44.31 33.60
CA GLN D 210 -18.71 43.03 33.33
C GLN D 210 -17.82 41.85 33.68
N THR D 211 -16.53 41.94 33.33
CA THR D 211 -15.58 40.87 33.62
C THR D 211 -15.32 40.72 35.12
N LEU D 212 -15.26 41.85 35.84
CA LEU D 212 -15.07 41.80 37.28
C LEU D 212 -16.33 41.30 38.00
N ALA D 213 -17.51 41.59 37.43
CA ALA D 213 -18.74 41.03 37.99
C ALA D 213 -18.85 39.54 37.71
N VAL D 214 -18.27 39.08 36.60
CA VAL D 214 -18.17 37.64 36.35
C VAL D 214 -17.20 37.00 37.34
N VAL D 215 -16.07 37.67 37.61
CA VAL D 215 -15.11 37.18 38.62
C VAL D 215 -15.71 37.25 40.02
N TYR D 216 -16.29 38.39 40.38
CA TYR D 216 -16.84 38.60 41.71
C TYR D 216 -18.32 38.94 41.58
N PRO D 217 -19.21 37.94 41.68
CA PRO D 217 -20.65 38.23 41.57
C PRO D 217 -21.25 38.87 42.82
N ASP D 218 -20.53 38.83 43.94
CA ASP D 218 -21.04 39.48 45.16
C ASP D 218 -20.98 40.99 45.04
N ILE D 219 -19.91 41.52 44.43
CA ILE D 219 -19.78 42.95 44.22
C ILE D 219 -20.62 43.35 43.02
N GLN D 220 -21.55 44.29 43.23
CA GLN D 220 -22.37 44.80 42.15
C GLN D 220 -21.70 46.05 41.57
N PHE D 221 -21.25 45.93 40.32
CA PHE D 221 -20.62 47.04 39.65
C PHE D 221 -21.67 47.79 38.83
N THR D 222 -21.79 49.10 39.06
CA THR D 222 -22.73 49.91 38.31
C THR D 222 -21.98 50.92 37.47
N PHE D 223 -22.21 50.88 36.16
CA PHE D 223 -21.61 51.81 35.21
C PHE D 223 -22.65 52.85 34.84
N ASN D 224 -22.41 54.10 35.26
CA ASN D 224 -23.30 55.26 35.08
C ASN D 224 -24.69 55.00 35.68
N GLY D 225 -24.73 54.31 36.81
CA GLY D 225 -25.99 53.99 37.45
C GLY D 225 -26.74 52.82 36.84
N LYS D 226 -26.15 52.10 35.90
CA LYS D 226 -26.76 50.94 35.28
C LYS D 226 -26.11 49.68 35.83
N LYS D 227 -26.94 48.76 36.34
CA LYS D 227 -26.43 47.56 37.00
C LYS D 227 -25.86 46.58 35.99
N VAL D 228 -24.88 45.79 36.45
CA VAL D 228 -24.22 44.78 35.65
C VAL D 228 -24.43 43.43 36.32
N GLN D 229 -25.01 42.48 35.59
CA GLN D 229 -25.22 41.13 36.07
C GLN D 229 -24.03 40.27 35.66
N GLY D 230 -23.35 39.71 36.65
CA GLY D 230 -22.14 38.95 36.38
C GLY D 230 -22.26 37.45 36.58
N ASN D 231 -22.28 36.71 35.48
CA ASN D 231 -22.22 35.26 35.53
C ASN D 231 -21.34 34.77 34.39
N PHE D 232 -20.65 33.65 34.62
CA PHE D 232 -19.64 33.16 33.70
C PHE D 232 -20.25 32.57 32.44
N LYS D 233 -21.53 32.18 32.48
CA LYS D 233 -22.12 31.35 31.44
C LYS D 233 -22.38 32.16 30.16
N LYS D 234 -23.15 33.26 30.28
CA LYS D 234 -23.42 34.10 29.13
C LYS D 234 -22.19 34.88 28.68
N TYR D 235 -21.28 35.18 29.61
CA TYR D 235 -20.02 35.83 29.26
C TYR D 235 -19.14 34.90 28.43
N ALA D 236 -19.15 33.61 28.73
CA ALA D 236 -18.41 32.64 27.91
C ALA D 236 -19.12 32.37 26.59
N ARG D 237 -20.46 32.45 26.59
CA ARG D 237 -21.19 32.36 25.32
C ARG D 237 -21.00 33.59 24.44
N GLN D 238 -20.60 34.73 25.01
CA GLN D 238 -20.33 35.91 24.22
C GLN D 238 -19.09 35.75 23.34
N TYR D 239 -18.09 35.02 23.83
CA TYR D 239 -16.91 34.74 23.01
C TYR D 239 -17.25 33.77 21.89
N ASP D 240 -17.65 32.55 22.26
CA ASP D 240 -18.17 31.57 21.32
C ASP D 240 -19.33 30.84 21.98
N GLU D 241 -20.33 30.49 21.18
CA GLU D 241 -21.46 29.71 21.69
C GLU D 241 -21.12 28.23 21.84
N HIS D 242 -19.95 27.80 21.38
CA HIS D 242 -19.52 26.41 21.44
C HIS D 242 -18.35 26.26 22.41
N ALA D 243 -18.43 26.93 23.56
CA ALA D 243 -17.33 26.94 24.51
C ALA D 243 -17.49 25.84 25.56
N ILE D 244 -16.39 25.17 25.86
CA ILE D 244 -16.31 24.21 26.96
C ILE D 244 -15.90 24.97 28.21
N VAL D 245 -16.73 24.90 29.25
CA VAL D 245 -16.64 25.80 30.39
C VAL D 245 -16.47 25.01 31.69
N GLN D 246 -15.86 25.68 32.67
CA GLN D 246 -15.68 25.14 34.01
C GLN D 246 -15.48 26.29 34.99
N GLU D 247 -16.16 26.21 36.14
CA GLU D 247 -15.90 27.09 37.27
C GLU D 247 -15.40 26.25 38.44
N GLN D 248 -14.40 26.78 39.16
CA GLN D 248 -13.87 26.12 40.33
C GLN D 248 -13.85 27.08 41.52
N GLU D 249 -13.17 26.69 42.60
CA GLU D 249 -13.12 27.55 43.78
C GLU D 249 -12.19 28.75 43.55
N ASN D 250 -11.25 28.63 42.60
CA ASN D 250 -10.34 29.73 42.30
C ASN D 250 -10.07 29.89 40.82
N CYS D 251 -10.63 29.04 39.96
CA CYS D 251 -10.30 29.05 38.54
C CYS D 251 -11.58 28.92 37.71
N SER D 252 -11.56 29.50 36.52
CA SER D 252 -12.66 29.37 35.57
C SER D 252 -12.10 29.42 34.16
N ILE D 253 -12.46 28.42 33.34
CA ILE D 253 -11.92 28.27 32.00
C ILE D 253 -13.06 28.17 30.99
N ALA D 254 -12.97 28.95 29.92
CA ALA D 254 -13.80 28.80 28.73
C ALA D 254 -12.90 28.54 27.52
N VAL D 255 -13.20 27.48 26.77
CA VAL D 255 -12.45 27.08 25.59
C VAL D 255 -13.34 27.24 24.38
N GLY D 256 -12.89 28.02 23.39
CA GLY D 256 -13.63 28.21 22.17
C GLY D 256 -12.80 28.07 20.90
N ARG D 257 -13.15 28.83 19.86
CA ARG D 257 -12.51 28.71 18.55
C ARG D 257 -11.88 30.03 18.13
N SER D 258 -10.67 29.96 17.58
CA SER D 258 -9.93 31.13 17.12
C SER D 258 -9.46 30.92 15.68
N PRO D 259 -10.24 31.39 14.69
CA PRO D 259 -9.88 31.11 13.29
C PRO D 259 -8.93 32.10 12.62
N ASP D 260 -8.56 33.19 13.29
CA ASP D 260 -7.77 34.25 12.68
C ASP D 260 -6.60 34.65 13.58
N GLY D 261 -5.83 33.65 14.01
CA GLY D 261 -4.76 33.85 14.96
C GLY D 261 -5.12 33.30 16.33
N PHE D 262 -4.32 33.68 17.32
CA PHE D 262 -4.56 33.25 18.69
C PHE D 262 -5.27 34.36 19.47
N ARG D 263 -6.24 33.95 20.27
CA ARG D 263 -6.98 34.86 21.14
C ARG D 263 -6.98 34.30 22.55
N GLN D 264 -6.94 35.20 23.53
CA GLN D 264 -7.10 34.84 24.93
C GLN D 264 -7.53 36.06 25.73
N LEU D 265 -8.07 35.79 26.92
CA LEU D 265 -8.32 36.83 27.92
C LEU D 265 -8.19 36.19 29.29
N THR D 266 -7.17 36.62 30.04
CA THR D 266 -6.90 36.06 31.35
C THR D 266 -6.96 37.14 32.42
N TYR D 267 -7.48 36.75 33.59
CA TYR D 267 -7.67 37.65 34.71
C TYR D 267 -7.10 37.01 35.97
N VAL D 268 -6.14 37.69 36.59
CA VAL D 268 -5.56 37.26 37.86
C VAL D 268 -6.10 38.20 38.94
N ASN D 269 -6.84 37.64 39.90
CA ASN D 269 -7.64 38.35 40.91
C ASN D 269 -8.56 39.37 40.26
N ASN D 270 -8.13 40.63 40.23
CA ASN D 270 -8.88 41.72 39.62
C ASN D 270 -8.10 42.41 38.51
N ILE D 271 -7.05 41.76 37.99
CA ILE D 271 -6.09 42.39 37.09
C ILE D 271 -6.21 41.74 35.72
N HIS D 272 -6.39 42.56 34.69
CA HIS D 272 -6.35 42.08 33.31
C HIS D 272 -4.89 41.99 32.88
N THR D 273 -4.31 40.80 32.99
CA THR D 273 -2.92 40.58 32.60
C THR D 273 -2.89 40.17 31.12
N LYS D 274 -3.13 41.15 30.27
CA LYS D 274 -3.36 40.93 28.84
C LYS D 274 -2.13 40.47 28.07
N ASN D 275 -0.93 40.62 28.63
CA ASN D 275 0.27 40.05 28.04
C ASN D 275 0.55 38.64 28.55
N GLY D 276 -0.24 38.15 29.52
CA GLY D 276 -0.16 36.77 29.92
C GLY D 276 0.46 36.51 31.28
N GLY D 277 1.17 35.39 31.39
CA GLY D 277 1.79 34.99 32.64
C GLY D 277 2.17 33.52 32.59
N HIS D 278 2.65 33.03 33.74
CA HIS D 278 2.99 31.61 33.85
C HIS D 278 1.77 30.72 34.00
N HIS D 279 0.62 31.29 34.38
CA HIS D 279 -0.58 30.50 34.65
C HIS D 279 -1.16 29.90 33.37
N ILE D 280 -1.22 30.71 32.29
CA ILE D 280 -1.76 30.22 31.02
C ILE D 280 -0.79 29.22 30.40
N ASP D 281 0.51 29.39 30.62
CA ASP D 281 1.50 28.46 30.08
C ASP D 281 1.46 27.11 30.80
N CYS D 282 1.29 27.15 32.12
CA CYS D 282 1.19 25.91 32.90
C CYS D 282 -0.11 25.16 32.58
N VAL D 283 -1.22 25.91 32.48
CA VAL D 283 -2.52 25.30 32.14
C VAL D 283 -2.49 24.76 30.72
N MET D 284 -1.86 25.48 29.80
CA MET D 284 -1.78 25.04 28.41
C MET D 284 -0.86 23.84 28.22
N ASP D 285 0.22 23.76 29.00
CA ASP D 285 1.09 22.59 28.94
C ASP D 285 0.42 21.37 29.56
N ASP D 286 -0.37 21.57 30.63
CA ASP D 286 -1.14 20.47 31.19
C ASP D 286 -2.27 20.04 30.26
N ILE D 287 -2.78 20.97 29.44
CA ILE D 287 -3.72 20.61 28.38
C ILE D 287 -3.03 19.79 27.30
N CYS D 288 -1.86 20.25 26.84
CA CYS D 288 -1.24 19.71 25.64
C CYS D 288 -0.63 18.33 25.90
N GLU D 289 -0.02 18.13 27.08
CA GLU D 289 0.61 16.84 27.39
C GLU D 289 -0.40 15.72 27.59
N ASP D 290 -1.68 16.04 27.78
CA ASP D 290 -2.76 15.07 27.73
C ASP D 290 -3.40 14.98 26.35
N LEU D 291 -3.56 16.12 25.66
CA LEU D 291 -4.34 16.14 24.42
C LEU D 291 -3.57 15.55 23.25
N ILE D 292 -2.26 15.83 23.15
CA ILE D 292 -1.47 15.40 21.99
C ILE D 292 -1.34 13.88 21.87
N PRO D 293 -1.06 13.10 22.96
CA PRO D 293 -1.22 11.64 22.82
C PRO D 293 -2.64 11.17 22.55
N GLN D 294 -3.66 11.90 23.01
CA GLN D 294 -5.04 11.49 22.75
C GLN D 294 -5.43 11.71 21.29
N ILE D 295 -5.04 12.84 20.70
CA ILE D 295 -5.35 13.07 19.29
C ILE D 295 -4.46 12.20 18.39
N LYS D 296 -3.26 11.85 18.88
CA LYS D 296 -2.42 10.91 18.14
C LYS D 296 -2.98 9.50 18.20
N ARG D 297 -3.60 9.12 19.32
CA ARG D 297 -4.21 7.80 19.42
C ARG D 297 -5.54 7.72 18.68
N LYS D 298 -6.25 8.84 18.51
CA LYS D 298 -7.51 8.72 17.79
C LYS D 298 -7.34 8.91 16.28
N PHE D 299 -6.53 9.87 15.83
CA PHE D 299 -6.56 10.33 14.44
C PHE D 299 -5.20 10.30 13.77
N LYS D 300 -4.16 9.83 14.48
CA LYS D 300 -2.85 9.43 13.93
C LYS D 300 -2.13 10.61 13.28
N ILE D 301 -1.88 11.64 14.09
CA ILE D 301 -1.24 12.88 13.65
C ILE D 301 -0.14 13.24 14.66
N ASP D 302 0.95 13.80 14.14
CA ASP D 302 2.05 14.28 14.97
C ASP D 302 2.18 15.77 14.69
N VAL D 303 1.37 16.57 15.38
CA VAL D 303 1.29 18.01 15.17
C VAL D 303 1.92 18.69 16.38
N THR D 304 2.62 19.81 16.14
CA THR D 304 3.26 20.57 17.20
C THR D 304 2.22 21.24 18.10
N LYS D 305 2.70 21.72 19.26
CA LYS D 305 1.82 22.26 20.29
C LYS D 305 1.16 23.57 19.86
N ALA D 306 1.94 24.46 19.24
CA ALA D 306 1.44 25.78 18.86
C ALA D 306 0.42 25.72 17.74
N ARG D 307 0.58 24.76 16.82
CA ARG D 307 -0.37 24.57 15.73
C ARG D 307 -1.73 24.09 16.25
N VAL D 308 -1.73 23.29 17.31
CA VAL D 308 -2.99 22.88 17.92
C VAL D 308 -3.59 24.03 18.73
N LYS D 309 -2.77 24.72 19.52
CA LYS D 309 -3.32 25.68 20.46
C LYS D 309 -3.55 27.06 19.86
N GLU D 310 -3.21 27.27 18.59
CA GLU D 310 -3.48 28.57 17.99
C GLU D 310 -4.91 28.74 17.50
N CYS D 311 -5.74 27.68 17.58
CA CYS D 311 -7.11 27.75 17.11
C CYS D 311 -8.11 27.88 18.26
N LEU D 312 -7.62 28.21 19.46
CA LEU D 312 -8.45 28.26 20.65
C LEU D 312 -8.49 29.68 21.21
N THR D 313 -9.68 30.12 21.64
CA THR D 313 -9.80 31.29 22.48
C THR D 313 -10.01 30.81 23.91
N ILE D 314 -9.10 31.20 24.79
CA ILE D 314 -9.02 30.65 26.14
C ILE D 314 -9.31 31.77 27.13
N VAL D 315 -10.33 31.57 27.95
CA VAL D 315 -10.73 32.53 28.98
C VAL D 315 -10.38 31.94 30.34
N MET D 316 -9.40 32.55 30.99
CA MET D 316 -8.95 32.22 32.34
C MET D 316 -9.42 33.25 33.34
N PHE D 317 -9.95 32.76 34.46
CA PHE D 317 -10.30 33.59 35.60
C PHE D 317 -9.65 32.97 36.83
N VAL D 318 -8.74 33.72 37.45
CA VAL D 318 -7.93 33.25 38.57
C VAL D 318 -8.29 34.08 39.79
N ARG D 319 -8.67 33.41 40.88
CA ARG D 319 -9.10 34.08 42.10
C ARG D 319 -8.18 33.69 43.25
N ASP D 320 -7.97 34.64 44.18
CA ASP D 320 -7.28 34.46 45.47
C ASP D 320 -5.84 33.96 45.31
N MET D 321 -5.15 34.56 44.35
CA MET D 321 -3.78 34.22 44.00
C MET D 321 -2.83 34.81 45.05
N LYS D 322 -1.70 34.14 45.28
CA LYS D 322 -0.78 34.57 46.33
C LYS D 322 0.60 34.88 45.77
N ASN D 323 1.14 36.05 46.16
CA ASN D 323 2.41 36.63 45.69
C ASN D 323 2.40 36.83 44.18
N MET D 324 1.53 37.74 43.73
CA MET D 324 1.35 38.01 42.30
C MET D 324 2.42 39.02 41.82
N ARG D 325 3.57 38.47 41.45
CA ARG D 325 4.66 39.31 41.00
C ARG D 325 4.47 39.71 39.53
N PHE D 326 4.76 40.97 39.22
CA PHE D 326 4.57 41.50 37.89
C PHE D 326 5.83 42.23 37.43
N ASP D 327 6.09 42.17 36.12
CA ASP D 327 7.23 42.83 35.51
C ASP D 327 7.04 44.34 35.38
N SER D 328 5.81 44.84 35.40
CA SER D 328 5.54 46.23 35.08
C SER D 328 4.58 46.82 36.09
N GLN D 329 4.48 48.15 36.05
CA GLN D 329 3.48 48.86 36.85
C GLN D 329 2.07 48.56 36.35
N THR D 330 1.93 48.37 35.03
CA THR D 330 0.64 48.04 34.43
C THR D 330 0.16 46.64 34.77
N LYS D 331 1.07 45.76 35.22
CA LYS D 331 0.78 44.40 35.71
C LYS D 331 0.10 43.54 34.65
N GLU D 332 0.66 43.55 33.45
CA GLU D 332 0.12 42.80 32.33
C GLU D 332 0.74 41.42 32.17
N ARG D 333 1.80 41.09 32.93
CA ARG D 333 2.46 39.80 32.78
C ARG D 333 2.83 39.28 34.16
N LEU D 334 2.22 38.16 34.54
CA LEU D 334 2.42 37.56 35.86
C LEU D 334 3.72 36.76 35.83
N THR D 335 4.77 37.32 36.41
CA THR D 335 6.09 36.69 36.46
C THR D 335 6.34 35.94 37.76
N SER D 336 5.28 35.57 38.48
CA SER D 336 5.41 34.71 39.65
C SER D 336 5.90 33.32 39.23
N PRO D 337 6.68 32.64 40.08
CA PRO D 337 7.24 31.34 39.69
C PRO D 337 6.18 30.26 39.52
N PHE D 338 6.51 29.28 38.67
CA PHE D 338 5.52 28.30 38.23
C PHE D 338 5.18 27.29 39.32
N GLY D 339 6.04 27.14 40.32
CA GLY D 339 5.71 26.28 41.45
C GLY D 339 4.57 26.81 42.29
N GLU D 340 4.59 28.12 42.59
CA GLU D 340 3.54 28.75 43.37
C GLU D 340 2.21 28.77 42.63
N ILE D 341 2.25 29.03 41.33
CA ILE D 341 1.04 29.08 40.53
C ILE D 341 0.50 27.67 40.29
N ARG D 342 1.40 26.69 40.10
CA ARG D 342 0.99 25.30 39.93
C ARG D 342 0.40 24.73 41.23
N SER D 343 0.88 25.21 42.38
CA SER D 343 0.24 24.86 43.64
C SER D 343 -1.11 25.57 43.78
N HIS D 344 -1.17 26.84 43.37
CA HIS D 344 -2.40 27.62 43.56
C HIS D 344 -3.49 27.22 42.59
N ILE D 345 -3.16 27.06 41.31
CA ILE D 345 -4.16 26.70 40.31
C ILE D 345 -4.44 25.20 40.42
N GLN D 346 -5.68 24.86 40.75
CA GLN D 346 -6.10 23.47 40.88
C GLN D 346 -6.96 23.06 39.71
N LEU D 347 -6.66 23.58 38.52
CA LEU D 347 -7.47 23.28 37.35
C LEU D 347 -7.13 21.92 36.80
N ASP D 348 -8.15 21.07 36.66
CA ASP D 348 -8.01 19.74 36.08
C ASP D 348 -8.09 19.79 34.54
N ALA D 349 -6.92 19.93 33.91
CA ALA D 349 -6.84 20.09 32.47
C ALA D 349 -7.09 18.78 31.72
N LYS D 350 -7.01 17.64 32.42
CA LYS D 350 -7.28 16.34 31.80
C LYS D 350 -8.75 16.21 31.38
N LYS D 351 -9.68 16.69 32.21
CA LYS D 351 -11.09 16.59 31.85
C LYS D 351 -11.46 17.59 30.77
N ILE D 352 -10.75 18.74 30.72
CA ILE D 352 -10.96 19.70 29.64
C ILE D 352 -10.43 19.13 28.31
N SER D 353 -9.31 18.39 28.38
CA SER D 353 -8.82 17.66 27.20
C SER D 353 -9.80 16.58 26.78
N ARG D 354 -10.43 15.90 27.75
CA ARG D 354 -11.45 14.90 27.43
C ARG D 354 -12.72 15.53 26.87
N ALA D 355 -13.04 16.75 27.31
CA ALA D 355 -14.24 17.41 26.84
C ALA D 355 -14.06 17.97 25.44
N ILE D 356 -12.86 18.45 25.11
CA ILE D 356 -12.60 18.84 23.72
C ILE D 356 -12.27 17.63 22.86
N LEU D 357 -11.92 16.49 23.48
CA LEU D 357 -11.86 15.22 22.79
C LEU D 357 -13.24 14.79 22.32
N ASN D 358 -14.22 14.85 23.22
CA ASN D 358 -15.60 14.51 22.88
C ASN D 358 -16.26 15.54 21.98
N ASN D 359 -15.75 16.77 21.93
CA ASN D 359 -16.32 17.81 21.09
C ASN D 359 -15.79 17.67 19.67
N GLU D 360 -16.63 18.03 18.70
CA GLU D 360 -16.33 17.73 17.29
C GLU D 360 -16.01 18.95 16.45
N ALA D 361 -16.69 20.09 16.63
CA ALA D 361 -16.49 21.21 15.71
C ALA D 361 -15.33 22.10 16.11
N ILE D 362 -14.62 21.78 17.19
CA ILE D 362 -13.29 22.31 17.45
C ILE D 362 -12.21 21.41 16.88
N LEU D 363 -12.42 20.09 16.97
CA LEU D 363 -11.41 19.12 16.53
C LEU D 363 -11.30 19.06 15.01
N MET D 364 -12.40 19.23 14.29
CA MET D 364 -12.35 19.15 12.82
C MET D 364 -11.57 20.29 12.15
N PRO D 365 -11.63 21.57 12.59
CA PRO D 365 -10.62 22.54 12.08
C PRO D 365 -9.18 22.18 12.41
N ILE D 366 -8.94 21.55 13.57
CA ILE D 366 -7.60 21.09 13.93
C ILE D 366 -7.12 20.00 12.96
N ILE D 367 -8.02 19.07 12.62
CA ILE D 367 -7.66 17.98 11.69
C ILE D 367 -7.44 18.50 10.27
N GLU D 368 -8.31 19.40 9.80
CA GLU D 368 -8.17 19.92 8.43
C GLU D 368 -6.93 20.81 8.28
N ALA D 369 -6.68 21.69 9.27
CA ALA D 369 -5.49 22.52 9.23
C ALA D 369 -4.23 21.70 9.44
N ALA D 370 -4.33 20.60 10.21
CA ALA D 370 -3.18 19.73 10.43
C ALA D 370 -2.82 18.94 9.18
N LEU D 371 -3.84 18.43 8.46
CA LEU D 371 -3.56 17.67 7.25
C LEU D 371 -3.06 18.58 6.12
N ALA D 372 -3.57 19.83 6.06
CA ALA D 372 -3.03 20.79 5.12
C ALA D 372 -1.61 21.21 5.50
N ARG D 373 -1.31 21.25 6.81
CA ARG D 373 0.03 21.54 7.28
C ARG D 373 1.01 20.42 6.92
N LYS D 374 0.56 19.16 7.00
CA LYS D 374 1.42 18.05 6.59
C LYS D 374 1.60 18.01 5.07
N LEU D 375 0.57 18.44 4.32
CA LEU D 375 0.74 18.58 2.87
C LEU D 375 1.77 19.67 2.54
N ALA D 376 1.74 20.79 3.27
CA ALA D 376 2.75 21.82 3.06
C ALA D 376 4.11 21.43 3.61
N ALA D 377 4.14 20.49 4.56
CA ALA D 377 5.40 20.06 5.16
C ALA D 377 6.14 19.09 4.26
N GLU D 378 5.51 17.96 3.92
CA GLU D 378 6.17 16.99 3.05
C GLU D 378 5.96 17.26 1.57
N LYS D 379 5.32 18.37 1.19
CA LYS D 379 5.31 18.75 -0.23
C LYS D 379 6.62 19.43 -0.60
N ALA D 380 7.07 20.40 0.21
CA ALA D 380 8.28 21.16 -0.07
C ALA D 380 9.42 20.57 0.75
N ALA D 381 10.14 19.63 0.15
CA ALA D 381 11.26 18.96 0.79
C ALA D 381 12.18 18.44 -0.30
N GLU D 382 13.13 17.56 0.09
CA GLU D 382 14.03 16.76 -0.74
C GLU D 382 15.03 17.57 -1.56
N THR D 383 16.00 16.86 -2.16
CA THR D 383 17.05 17.45 -2.97
C THR D 383 17.04 16.75 -4.33
N LYS D 384 18.12 17.01 -5.10
CA LYS D 384 18.44 16.45 -6.44
C LYS D 384 17.25 16.50 -7.40
N ALA D 385 16.58 17.66 -7.42
CA ALA D 385 15.43 17.88 -8.31
C ALA D 385 15.91 18.13 -9.74
N ALA D 386 16.24 17.01 -10.42
CA ALA D 386 16.73 17.05 -11.79
C ALA D 386 15.91 16.10 -12.65
N LYS D 387 14.58 16.24 -12.57
CA LYS D 387 13.65 15.26 -13.13
C LYS D 387 13.64 15.31 -14.67
N LYS D 388 14.40 14.40 -15.27
CA LYS D 388 14.40 14.23 -16.72
C LYS D 388 14.31 12.73 -17.03
N ALA D 389 14.70 11.91 -16.07
CA ALA D 389 14.58 10.45 -16.12
C ALA D 389 14.53 9.97 -14.67
N SER D 390 13.30 9.73 -14.17
CA SER D 390 13.15 9.17 -12.83
C SER D 390 13.67 7.74 -12.77
N LYS D 391 13.42 6.96 -13.82
CA LYS D 391 14.00 5.64 -13.98
C LYS D 391 14.76 5.66 -15.29
N ALA D 392 16.01 5.18 -15.26
CA ALA D 392 16.80 5.09 -16.48
C ALA D 392 16.25 3.97 -17.35
N LYS D 393 15.78 4.35 -18.55
CA LYS D 393 15.00 3.53 -19.48
C LYS D 393 13.80 2.92 -18.79
N VAL D 394 13.63 1.60 -18.90
CA VAL D 394 12.58 0.84 -18.23
C VAL D 394 13.35 -0.24 -17.46
N HIS D 395 12.72 -0.76 -16.38
CA HIS D 395 13.21 -1.97 -15.71
C HIS D 395 13.40 -3.12 -16.68
N LYS D 396 12.45 -3.31 -17.59
CA LYS D 396 12.47 -4.39 -18.57
C LYS D 396 13.39 -4.09 -19.75
N HIS D 397 13.86 -2.86 -19.87
CA HIS D 397 14.63 -2.42 -21.03
C HIS D 397 16.07 -2.87 -20.90
N ILE D 398 16.67 -3.26 -22.03
CA ILE D 398 18.08 -3.63 -22.08
C ILE D 398 18.83 -2.44 -22.66
N LYS D 399 19.53 -1.70 -21.81
CA LYS D 399 20.20 -0.48 -22.23
C LYS D 399 21.55 -0.83 -22.86
N ALA D 400 21.75 -0.42 -24.11
CA ALA D 400 23.00 -0.70 -24.81
C ALA D 400 24.13 0.16 -24.27
N ASN D 401 25.37 -0.30 -24.45
CA ASN D 401 26.51 0.40 -23.89
C ASN D 401 26.87 1.65 -24.67
N LEU D 402 26.62 1.65 -25.98
CA LEU D 402 26.81 2.83 -26.81
C LEU D 402 25.47 3.49 -27.15
N CYS D 403 24.47 3.32 -26.29
CA CYS D 403 23.20 3.99 -26.45
C CYS D 403 23.34 5.47 -26.11
N GLY D 404 22.69 6.31 -26.91
CA GLY D 404 22.72 7.74 -26.72
C GLY D 404 23.75 8.47 -27.57
N LYS D 405 24.75 7.77 -28.08
CA LYS D 405 25.78 8.36 -28.92
C LYS D 405 25.71 7.79 -30.33
N ASP D 406 26.53 8.36 -31.21
CA ASP D 406 26.48 8.05 -32.63
C ASP D 406 27.17 6.71 -32.91
N ALA D 407 26.37 5.69 -33.20
CA ALA D 407 26.83 4.37 -33.60
C ALA D 407 25.69 3.71 -34.38
N ASP D 408 25.82 2.41 -34.62
CA ASP D 408 24.70 1.62 -35.16
C ASP D 408 23.99 0.90 -34.02
N THR D 409 23.40 1.71 -33.14
CA THR D 409 22.85 1.22 -31.88
C THR D 409 21.39 0.82 -32.09
N THR D 410 21.09 -0.46 -31.95
CA THR D 410 19.83 -1.04 -32.43
C THR D 410 18.97 -1.50 -31.26
N LEU D 411 17.70 -1.08 -31.27
CA LEU D 411 16.74 -1.42 -30.22
C LEU D 411 15.85 -2.57 -30.68
N PHE D 412 15.56 -3.50 -29.77
CA PHE D 412 14.74 -4.67 -30.06
C PHE D 412 13.40 -4.51 -29.36
N LEU D 413 12.32 -4.41 -30.14
CA LEU D 413 10.98 -4.32 -29.57
C LEU D 413 10.28 -5.68 -29.63
N THR D 414 10.68 -6.59 -28.73
CA THR D 414 10.06 -7.90 -28.69
C THR D 414 8.68 -7.81 -28.03
N GLU D 415 7.94 -8.91 -28.08
CA GLU D 415 6.62 -9.00 -27.47
C GLU D 415 6.64 -10.05 -26.37
N GLY D 416 6.21 -9.64 -25.18
CA GLY D 416 6.18 -10.53 -24.03
C GLY D 416 7.47 -10.52 -23.22
N ASP D 417 7.35 -10.42 -21.89
CA ASP D 417 8.54 -10.39 -21.06
C ASP D 417 9.14 -11.78 -20.89
N SER D 418 8.38 -12.84 -21.17
CA SER D 418 8.91 -14.20 -21.10
C SER D 418 9.90 -14.48 -22.22
N ALA D 419 9.93 -13.63 -23.24
CA ALA D 419 10.98 -13.67 -24.24
C ALA D 419 12.30 -13.07 -23.75
N ILE D 420 12.36 -12.52 -22.52
CA ILE D 420 13.55 -11.76 -22.05
C ILE D 420 14.74 -12.72 -21.85
N GLY D 421 14.45 -14.02 -21.69
CA GLY D 421 15.46 -15.05 -21.67
C GLY D 421 16.23 -15.10 -22.98
N TYR D 422 17.55 -15.10 -22.84
CA TYR D 422 18.60 -15.21 -23.87
C TYR D 422 18.77 -13.94 -24.70
N LEU D 423 17.95 -12.90 -24.46
CA LEU D 423 18.10 -11.64 -25.19
C LEU D 423 19.40 -10.94 -24.82
N ILE D 424 19.73 -10.94 -23.53
CA ILE D 424 20.92 -10.25 -23.03
C ILE D 424 22.18 -11.03 -23.43
N ASP D 425 22.06 -12.35 -23.57
CA ASP D 425 23.23 -13.23 -23.57
C ASP D 425 24.03 -13.14 -24.88
N VAL D 426 23.36 -13.19 -26.03
CA VAL D 426 24.07 -13.23 -27.31
C VAL D 426 23.69 -12.05 -28.21
N ARG D 427 23.27 -10.95 -27.61
CA ARG D 427 23.17 -9.69 -28.32
C ARG D 427 24.55 -9.03 -28.42
N ASP D 428 24.61 -7.94 -29.16
CA ASP D 428 25.76 -7.06 -29.07
C ASP D 428 25.57 -6.21 -27.82
N LYS D 429 26.56 -6.21 -26.92
CA LYS D 429 26.39 -5.49 -25.67
C LYS D 429 26.52 -3.98 -25.89
N GLU D 430 27.30 -3.58 -26.89
CA GLU D 430 27.51 -2.17 -27.20
C GLU D 430 26.45 -1.63 -28.15
N LEU D 431 26.03 -2.41 -29.15
CA LEU D 431 25.13 -1.93 -30.19
C LEU D 431 23.70 -2.40 -30.01
N HIS D 432 23.48 -3.69 -29.76
CA HIS D 432 22.11 -4.18 -29.62
C HIS D 432 21.53 -3.80 -28.26
N GLY D 433 20.25 -3.45 -28.25
CA GLY D 433 19.52 -3.24 -27.02
C GLY D 433 18.10 -3.74 -27.21
N GLY D 434 17.37 -3.89 -26.11
CA GLY D 434 16.07 -4.50 -26.17
C GLY D 434 15.09 -3.92 -25.18
N TYR D 435 13.80 -4.14 -25.49
CA TYR D 435 12.66 -3.89 -24.61
C TYR D 435 11.47 -4.74 -25.04
N PRO D 436 10.90 -5.53 -24.13
CA PRO D 436 9.68 -6.29 -24.48
C PRO D 436 8.40 -5.47 -24.35
N LEU D 437 7.57 -5.57 -25.38
CA LEU D 437 6.26 -4.95 -25.38
C LEU D 437 5.26 -5.82 -24.63
N ARG D 438 4.02 -5.32 -24.50
CA ARG D 438 3.00 -5.98 -23.70
C ARG D 438 1.74 -6.11 -24.53
N GLY D 439 1.34 -7.35 -24.80
CA GLY D 439 0.02 -7.66 -25.33
C GLY D 439 -0.20 -7.18 -26.75
N LYS D 440 -1.26 -6.39 -26.93
CA LYS D 440 -1.63 -5.80 -28.20
C LYS D 440 -1.60 -4.28 -28.10
N VAL D 441 -1.74 -3.61 -29.25
CA VAL D 441 -1.45 -2.19 -29.39
C VAL D 441 -2.77 -1.46 -29.61
N LEU D 442 -2.83 -0.21 -29.12
CA LEU D 442 -3.97 0.69 -29.23
C LEU D 442 -4.27 1.06 -30.67
N ASN D 443 -5.39 1.77 -30.86
CA ASN D 443 -5.68 2.42 -32.14
C ASN D 443 -5.01 3.79 -32.11
N SER D 444 -3.78 3.84 -32.61
CA SER D 444 -2.98 5.06 -32.62
C SER D 444 -3.23 5.94 -33.85
N TRP D 445 -4.07 5.49 -34.78
CA TRP D 445 -4.25 6.20 -36.04
C TRP D 445 -5.14 7.43 -35.87
N GLY D 446 -4.60 8.60 -36.20
CA GLY D 446 -5.34 9.85 -36.23
C GLY D 446 -5.87 10.31 -34.89
N MET D 447 -5.10 10.04 -33.83
CA MET D 447 -5.55 10.25 -32.47
C MET D 447 -4.89 11.54 -31.98
N SER D 448 -5.48 12.20 -30.99
CA SER D 448 -4.83 13.36 -30.39
C SER D 448 -3.59 12.94 -29.60
N TYR D 449 -2.63 13.86 -29.51
CA TYR D 449 -1.35 13.56 -28.84
C TYR D 449 -1.54 13.43 -27.33
N ALA D 450 -2.46 14.20 -26.75
CA ALA D 450 -2.66 14.20 -25.30
C ALA D 450 -3.29 12.90 -24.83
N ASP D 451 -4.11 12.29 -25.68
CA ASP D 451 -4.77 11.04 -25.29
C ASP D 451 -3.89 9.82 -25.58
N MET D 452 -3.01 9.90 -26.58
CA MET D 452 -2.06 8.80 -26.73
C MET D 452 -0.90 8.92 -25.73
N LEU D 453 -0.68 10.10 -25.15
CA LEU D 453 0.40 10.25 -24.19
C LEU D 453 0.05 9.66 -22.83
N LYS D 454 -1.24 9.43 -22.56
CA LYS D 454 -1.63 9.04 -21.20
C LYS D 454 -1.42 7.54 -20.94
N ASN D 455 -1.15 6.74 -21.97
CA ASN D 455 -0.79 5.35 -21.77
C ASN D 455 0.73 5.23 -21.65
N LYS D 456 1.17 4.38 -20.72
CA LYS D 456 2.58 4.33 -20.36
C LYS D 456 3.40 3.59 -21.42
N GLU D 457 2.82 2.54 -22.01
CA GLU D 457 3.60 1.60 -22.80
C GLU D 457 3.95 2.14 -24.18
N LEU D 458 3.24 3.18 -24.61
CA LEU D 458 3.59 3.83 -25.90
C LEU D 458 4.44 5.07 -25.57
N PHE D 459 4.21 5.67 -24.40
CA PHE D 459 4.98 6.87 -23.98
C PHE D 459 6.43 6.49 -23.72
N ASP D 460 6.67 5.36 -23.05
CA ASP D 460 8.06 4.97 -22.69
C ASP D 460 8.89 4.82 -23.97
N ILE D 461 8.27 4.35 -25.05
CA ILE D 461 8.98 4.24 -26.37
C ILE D 461 9.45 5.65 -26.76
N CYS D 462 8.60 6.66 -26.56
CA CYS D 462 8.96 8.07 -26.91
C CYS D 462 9.71 8.70 -25.73
N ALA D 463 9.98 7.91 -24.68
CA ALA D 463 10.76 8.43 -23.52
C ALA D 463 12.17 7.84 -23.55
N ILE D 464 12.29 6.51 -23.59
CA ILE D 464 13.63 5.85 -23.67
C ILE D 464 14.39 6.45 -24.84
N THR D 465 13.68 7.00 -25.83
CA THR D 465 14.33 7.63 -26.97
C THR D 465 13.75 9.04 -27.07
N GLY D 466 14.60 10.02 -27.42
CA GLY D 466 14.19 11.43 -27.44
C GLY D 466 13.18 11.90 -28.47
N LEU D 467 12.53 10.96 -29.16
CA LEU D 467 11.43 11.26 -30.07
C LEU D 467 10.25 11.90 -29.33
N VAL D 468 9.75 12.99 -29.89
CA VAL D 468 8.57 13.69 -29.40
C VAL D 468 7.57 13.69 -30.55
N LEU D 469 6.27 13.55 -30.23
CA LEU D 469 5.21 13.39 -31.23
C LEU D 469 5.09 14.62 -32.13
N GLY D 470 5.33 15.81 -31.59
CA GLY D 470 5.14 17.04 -32.31
C GLY D 470 6.21 17.44 -33.32
N GLU D 471 7.41 16.86 -33.25
CA GLU D 471 8.48 17.23 -34.17
C GLU D 471 9.20 15.98 -34.66
N LYS D 472 10.25 16.22 -35.45
CA LYS D 472 10.98 15.16 -36.13
C LYS D 472 11.96 14.49 -35.17
N ALA D 473 12.68 13.48 -35.68
CA ALA D 473 13.61 12.69 -34.87
C ALA D 473 15.04 13.13 -35.19
N GLU D 474 15.74 13.67 -34.19
CA GLU D 474 17.13 14.08 -34.37
C GLU D 474 18.03 13.47 -33.31
N ASN D 475 17.51 13.37 -32.08
CA ASN D 475 18.23 12.84 -30.93
C ASN D 475 17.80 11.41 -30.58
N LEU D 476 18.24 10.47 -31.41
CA LEU D 476 17.90 9.06 -31.27
C LEU D 476 18.92 8.40 -30.33
N ASN D 477 18.44 7.93 -29.18
CA ASN D 477 19.31 7.18 -28.28
C ASN D 477 19.65 5.81 -28.86
N TYR D 478 18.71 5.22 -29.59
CA TYR D 478 18.94 4.02 -30.38
C TYR D 478 18.86 4.41 -31.84
N HIS D 479 19.91 4.09 -32.61
CA HIS D 479 19.99 4.53 -34.00
C HIS D 479 18.99 3.79 -34.87
N ASN D 480 19.14 2.48 -35.00
CA ASN D 480 18.18 1.65 -35.72
C ASN D 480 17.11 1.15 -34.75
N ILE D 481 15.92 0.95 -35.29
CA ILE D 481 14.81 0.35 -34.55
C ILE D 481 14.50 -0.98 -35.23
N ALA D 482 14.92 -2.07 -34.60
CA ALA D 482 14.56 -3.40 -35.06
C ALA D 482 13.28 -3.83 -34.37
N ILE D 483 12.23 -4.04 -35.14
CA ILE D 483 10.98 -4.52 -34.60
C ILE D 483 10.85 -5.99 -34.99
N MET D 484 10.70 -6.83 -33.98
CA MET D 484 10.40 -8.24 -34.17
C MET D 484 9.07 -8.54 -33.49
N THR D 485 8.19 -9.20 -34.22
CA THR D 485 6.87 -9.57 -33.74
C THR D 485 6.79 -11.09 -33.66
N ASP D 486 5.68 -11.56 -33.10
CA ASP D 486 5.47 -12.99 -32.99
C ASP D 486 5.15 -13.59 -34.35
N ALA D 487 5.70 -14.77 -34.62
CA ALA D 487 5.69 -15.40 -35.94
C ALA D 487 4.35 -15.97 -36.34
N ASP D 488 3.38 -16.01 -35.43
CA ASP D 488 2.05 -16.55 -35.70
C ASP D 488 1.20 -15.52 -36.44
N HIS D 489 -0.12 -15.72 -36.39
CA HIS D 489 -1.07 -14.68 -36.77
C HIS D 489 -0.89 -13.42 -35.92
N ASP D 490 -0.60 -13.60 -34.61
CA ASP D 490 -0.80 -12.57 -33.58
C ASP D 490 0.10 -11.36 -33.78
N GLY D 491 1.42 -11.58 -33.72
CA GLY D 491 2.40 -10.52 -33.78
C GLY D 491 2.37 -9.76 -35.09
N LEU D 492 2.73 -10.47 -36.17
CA LEU D 492 2.82 -9.86 -37.49
C LEU D 492 1.46 -9.49 -38.10
N GLY D 493 0.34 -9.88 -37.48
CA GLY D 493 -0.93 -9.37 -37.93
C GLY D 493 -1.60 -8.32 -37.06
N SER D 494 -1.20 -8.17 -35.79
CA SER D 494 -1.84 -7.19 -34.92
C SER D 494 -0.88 -6.15 -34.35
N ILE D 495 0.25 -6.57 -33.77
CA ILE D 495 1.12 -5.55 -33.18
C ILE D 495 1.99 -4.94 -34.26
N TYR D 496 2.12 -5.63 -35.40
CA TYR D 496 2.84 -5.05 -36.54
C TYR D 496 2.06 -3.89 -37.18
N PRO D 497 0.82 -4.03 -37.70
CA PRO D 497 0.26 -2.88 -38.45
C PRO D 497 -0.24 -1.77 -37.55
N SER D 498 -0.54 -2.08 -36.29
CA SER D 498 -0.92 -1.04 -35.33
C SER D 498 0.28 -0.18 -34.95
N LEU D 499 1.45 -0.79 -34.74
CA LEU D 499 2.63 0.01 -34.45
C LEU D 499 3.18 0.70 -35.69
N LEU D 500 2.94 0.15 -36.89
CA LEU D 500 3.21 0.91 -38.11
C LEU D 500 2.29 2.12 -38.27
N GLY D 501 1.02 2.00 -37.88
CA GLY D 501 0.16 3.17 -37.84
C GLY D 501 0.56 4.16 -36.76
N PHE D 502 1.15 3.67 -35.67
CA PHE D 502 1.76 4.54 -34.67
C PHE D 502 2.98 5.26 -35.24
N PHE D 503 3.82 4.53 -36.00
CA PHE D 503 5.04 5.09 -36.57
C PHE D 503 4.78 5.99 -37.77
N SER D 504 3.55 5.96 -38.31
CA SER D 504 3.21 6.74 -39.50
C SER D 504 3.24 8.25 -39.30
N ASN D 505 3.29 8.73 -38.05
CA ASN D 505 3.50 10.15 -37.81
C ASN D 505 4.88 10.63 -38.20
N TRP D 506 5.88 9.73 -38.22
CA TRP D 506 7.26 10.09 -38.54
C TRP D 506 7.77 9.20 -39.66
N PRO D 507 7.67 9.67 -40.91
CA PRO D 507 8.19 8.87 -42.03
C PRO D 507 9.70 8.98 -42.23
N GLU D 508 10.36 9.90 -41.52
CA GLU D 508 11.77 10.20 -41.79
C GLU D 508 12.68 9.04 -41.39
N LEU D 509 12.25 8.23 -40.43
CA LEU D 509 13.04 7.06 -40.06
C LEU D 509 12.79 5.92 -41.05
N PHE D 510 11.66 5.96 -41.77
CA PHE D 510 11.42 5.00 -42.84
C PHE D 510 12.31 5.28 -44.05
N GLU D 511 12.36 6.55 -44.50
CA GLU D 511 13.36 6.82 -45.56
C GLU D 511 14.78 6.93 -45.03
N GLN D 512 15.00 6.92 -43.71
CA GLN D 512 16.34 6.64 -43.20
C GLN D 512 16.67 5.15 -43.17
N GLY D 513 15.66 4.29 -43.32
CA GLY D 513 15.90 2.86 -43.33
C GLY D 513 16.25 2.26 -41.99
N ARG D 514 15.93 2.95 -40.90
CA ARG D 514 16.33 2.52 -39.57
C ARG D 514 15.30 1.60 -38.91
N ILE D 515 14.15 1.39 -39.53
CA ILE D 515 13.17 0.42 -39.05
C ILE D 515 13.39 -0.89 -39.80
N ARG D 516 13.56 -1.97 -39.04
CA ARG D 516 13.93 -3.26 -39.60
C ARG D 516 13.09 -4.34 -38.93
N PHE D 517 12.16 -4.94 -39.67
CA PHE D 517 11.42 -6.06 -39.14
C PHE D 517 12.28 -7.31 -39.17
N VAL D 518 12.21 -8.11 -38.12
CA VAL D 518 12.96 -9.35 -38.05
C VAL D 518 12.00 -10.50 -38.35
N LYS D 519 12.25 -11.20 -39.45
CA LYS D 519 11.39 -12.31 -39.85
C LYS D 519 11.70 -13.53 -38.98
N THR D 520 10.67 -14.07 -38.34
CA THR D 520 10.84 -15.07 -37.30
C THR D 520 10.14 -16.37 -37.71
N PRO D 521 10.70 -17.52 -37.37
CA PRO D 521 10.11 -18.79 -37.82
C PRO D 521 8.92 -19.21 -36.98
N VAL D 522 7.92 -19.80 -37.64
CA VAL D 522 6.75 -20.30 -36.95
C VAL D 522 6.75 -21.83 -36.91
N ILE D 523 7.50 -22.50 -37.77
CA ILE D 523 7.64 -23.96 -37.69
C ILE D 523 9.12 -24.34 -37.82
N ILE D 524 9.61 -25.10 -36.85
CA ILE D 524 10.93 -25.75 -36.92
C ILE D 524 10.68 -27.25 -37.08
N ALA D 525 11.08 -27.81 -38.21
CA ALA D 525 10.76 -29.19 -38.54
C ALA D 525 12.03 -30.02 -38.62
N HIS D 526 12.06 -31.15 -37.92
CA HIS D 526 13.13 -32.13 -38.04
C HIS D 526 12.85 -33.02 -39.25
N VAL D 527 13.75 -32.96 -40.23
CA VAL D 527 13.76 -33.88 -41.36
C VAL D 527 15.12 -34.58 -41.40
N GLY D 528 15.09 -35.92 -41.40
CA GLY D 528 16.30 -36.72 -41.33
C GLY D 528 17.05 -36.50 -40.02
N LYS D 529 18.16 -35.78 -40.12
CA LYS D 529 18.83 -35.19 -38.96
C LYS D 529 18.65 -33.68 -38.88
N LYS D 530 18.59 -32.99 -40.02
CA LYS D 530 18.64 -31.54 -40.05
C LYS D 530 17.27 -30.93 -39.72
N GLN D 531 17.26 -29.60 -39.62
CA GLN D 531 16.05 -28.84 -39.34
C GLN D 531 15.75 -27.90 -40.50
N GLU D 532 14.48 -27.57 -40.64
CA GLU D 532 14.02 -26.58 -41.62
C GLU D 532 13.14 -25.55 -40.92
N TRP D 533 13.27 -24.30 -41.36
CA TRP D 533 12.61 -23.16 -40.73
C TRP D 533 11.54 -22.64 -41.67
N PHE D 534 10.37 -22.33 -41.13
CA PHE D 534 9.28 -21.73 -41.91
C PHE D 534 8.76 -20.52 -41.15
N TYR D 535 8.78 -19.36 -41.83
CA TYR D 535 8.48 -18.08 -41.19
C TYR D 535 6.98 -17.87 -40.98
N THR D 536 6.18 -18.18 -42.00
CA THR D 536 4.73 -18.00 -41.93
C THR D 536 4.06 -19.33 -42.25
N VAL D 537 2.75 -19.37 -42.00
CA VAL D 537 1.99 -20.60 -42.16
C VAL D 537 1.84 -20.96 -43.64
N ALA D 538 1.76 -19.95 -44.50
CA ALA D 538 1.62 -20.21 -45.93
C ALA D 538 2.91 -20.73 -46.55
N GLU D 539 4.06 -20.34 -45.98
CA GLU D 539 5.34 -20.89 -46.40
C GLU D 539 5.44 -22.38 -46.10
N TYR D 540 4.92 -22.80 -44.93
CA TYR D 540 4.83 -24.22 -44.63
C TYR D 540 3.82 -24.92 -45.53
N GLU D 541 2.65 -24.32 -45.74
CA GLU D 541 1.56 -25.01 -46.43
C GLU D 541 1.83 -25.13 -47.92
N SER D 542 2.64 -24.23 -48.49
CA SER D 542 3.07 -24.40 -49.87
C SER D 542 4.06 -25.53 -50.00
N ALA D 543 4.92 -25.71 -49.00
CA ALA D 543 5.97 -26.72 -49.02
C ALA D 543 5.68 -27.91 -48.12
N LYS D 544 4.43 -28.08 -47.66
CA LYS D 544 4.08 -29.22 -46.83
C LYS D 544 4.08 -30.52 -47.64
N ASP D 545 3.53 -30.47 -48.85
CA ASP D 545 3.35 -31.69 -49.64
C ASP D 545 4.67 -32.14 -50.27
N ALA D 546 5.56 -31.20 -50.58
CA ALA D 546 6.82 -31.57 -51.24
C ALA D 546 7.81 -32.16 -50.27
N LEU D 547 7.80 -31.70 -49.02
CA LEU D 547 8.75 -32.19 -48.02
C LEU D 547 8.34 -33.58 -47.55
N PRO D 548 9.31 -34.47 -47.26
CA PRO D 548 8.97 -35.83 -46.79
C PRO D 548 8.49 -35.90 -45.35
N LYS D 549 8.40 -37.13 -44.82
CA LYS D 549 7.97 -37.38 -43.45
C LYS D 549 8.96 -36.77 -42.47
N HIS D 550 8.42 -36.28 -41.35
CA HIS D 550 9.11 -35.28 -40.53
C HIS D 550 8.65 -35.44 -39.09
N SER D 551 9.20 -34.58 -38.23
CA SER D 551 8.59 -34.30 -36.93
C SER D 551 8.67 -32.80 -36.73
N ILE D 552 7.53 -32.13 -36.84
CA ILE D 552 7.49 -30.68 -36.76
C ILE D 552 7.39 -30.24 -35.31
N ARG D 553 7.70 -28.96 -35.09
CA ARG D 553 7.33 -28.26 -33.87
C ARG D 553 6.88 -26.87 -34.28
N TYR D 554 5.63 -26.55 -33.97
CA TYR D 554 5.11 -25.22 -34.18
C TYR D 554 5.80 -24.26 -33.21
N ILE D 555 6.02 -23.03 -33.66
CA ILE D 555 6.63 -21.99 -32.83
C ILE D 555 5.59 -20.91 -32.57
N LYS D 556 5.18 -20.79 -31.30
CA LYS D 556 4.29 -19.72 -30.87
C LYS D 556 5.06 -18.44 -30.60
N GLY D 557 6.35 -18.53 -30.34
CA GLY D 557 7.15 -17.35 -30.09
C GLY D 557 8.51 -17.74 -29.55
N LEU D 558 9.16 -16.75 -28.92
CA LEU D 558 10.52 -16.95 -28.45
C LEU D 558 10.57 -17.83 -27.19
N GLY D 559 9.43 -17.97 -26.50
CA GLY D 559 9.37 -18.86 -25.35
C GLY D 559 9.47 -20.33 -25.71
N SER D 560 9.14 -20.67 -26.96
CA SER D 560 9.36 -22.02 -27.45
C SER D 560 10.69 -22.17 -28.18
N LEU D 561 11.37 -21.07 -28.49
CA LEU D 561 12.64 -21.14 -29.21
C LEU D 561 13.78 -21.41 -28.24
N GLU D 562 14.76 -22.20 -28.69
CA GLU D 562 15.87 -22.60 -27.86
C GLU D 562 17.01 -21.58 -27.88
N LYS D 563 18.09 -21.94 -27.21
CA LYS D 563 19.24 -21.06 -27.05
C LYS D 563 20.00 -20.88 -28.36
N SER D 564 20.31 -22.00 -29.02
CA SER D 564 21.11 -21.96 -30.24
C SER D 564 20.30 -21.40 -31.41
N GLU D 565 18.98 -21.64 -31.41
CA GLU D 565 18.11 -21.06 -32.42
C GLU D 565 18.08 -19.54 -32.33
N TYR D 566 17.99 -19.00 -31.10
CA TYR D 566 18.02 -17.56 -30.91
C TYR D 566 19.39 -16.98 -31.27
N ARG D 567 20.47 -17.67 -30.91
CA ARG D 567 21.80 -17.14 -31.21
C ARG D 567 22.09 -17.19 -32.71
N GLU D 568 21.47 -18.12 -33.43
CA GLU D 568 21.63 -18.16 -34.88
C GLU D 568 20.80 -17.05 -35.53
N MET D 569 19.57 -16.82 -35.04
CA MET D 569 18.77 -15.78 -35.69
C MET D 569 19.12 -14.38 -35.21
N ILE D 570 19.99 -14.24 -34.21
CA ILE D 570 20.47 -12.89 -33.87
C ILE D 570 21.88 -12.65 -34.43
N GLN D 571 22.71 -13.69 -34.56
CA GLN D 571 24.04 -13.47 -35.14
C GLN D 571 24.03 -13.61 -36.65
N ASN D 572 23.00 -14.22 -37.21
CA ASN D 572 22.71 -14.17 -38.64
C ASN D 572 21.25 -13.78 -38.85
N PRO D 573 20.91 -12.50 -38.65
CA PRO D 573 19.50 -12.11 -38.68
C PRO D 573 18.98 -11.88 -40.10
N VAL D 574 17.66 -11.82 -40.20
CA VAL D 574 16.95 -11.57 -41.45
C VAL D 574 16.02 -10.38 -41.22
N TYR D 575 16.20 -9.32 -42.01
CA TYR D 575 15.41 -8.10 -41.87
C TYR D 575 14.60 -7.83 -43.13
N ASP D 576 13.34 -7.45 -42.93
CA ASP D 576 12.55 -6.76 -43.94
C ASP D 576 12.70 -5.26 -43.69
N VAL D 577 13.12 -4.53 -44.72
CA VAL D 577 13.21 -3.08 -44.64
C VAL D 577 11.83 -2.51 -44.91
N VAL D 578 11.28 -1.78 -43.94
CA VAL D 578 9.91 -1.29 -44.02
C VAL D 578 9.91 0.06 -44.74
N LYS D 579 9.32 0.08 -45.92
CA LYS D 579 9.21 1.29 -46.74
C LYS D 579 7.75 1.72 -46.79
N LEU D 580 7.48 2.96 -46.39
CA LEU D 580 6.14 3.51 -46.55
C LEU D 580 5.89 3.86 -48.01
N PRO D 581 4.71 3.60 -48.55
CA PRO D 581 4.39 4.09 -49.89
C PRO D 581 3.97 5.56 -49.86
N GLU D 582 3.67 6.08 -51.05
CA GLU D 582 3.15 7.44 -51.14
C GLU D 582 1.70 7.54 -50.68
N ASN D 583 0.98 6.42 -50.67
CA ASN D 583 -0.42 6.36 -50.29
C ASN D 583 -0.59 5.63 -48.95
N TRP D 584 0.29 5.94 -48.00
CA TRP D 584 0.24 5.29 -46.68
C TRP D 584 -0.96 5.74 -45.87
N LYS D 585 -1.43 6.97 -46.09
CA LYS D 585 -2.50 7.53 -45.28
C LYS D 585 -3.83 6.85 -45.59
N GLU D 586 -4.10 6.62 -46.88
CA GLU D 586 -5.36 5.96 -47.25
C GLU D 586 -5.34 4.49 -46.89
N LEU D 587 -4.16 3.86 -46.92
CA LEU D 587 -4.04 2.47 -46.48
C LEU D 587 -4.24 2.35 -44.97
N PHE D 588 -3.68 3.29 -44.20
CA PHE D 588 -3.83 3.23 -42.74
C PHE D 588 -5.23 3.63 -42.31
N GLU D 589 -5.91 4.48 -43.09
CA GLU D 589 -7.31 4.77 -42.82
C GLU D 589 -8.21 3.61 -43.24
N MET D 590 -7.82 2.93 -44.32
CA MET D 590 -8.58 1.80 -44.85
C MET D 590 -8.45 0.58 -43.92
N LEU D 591 -7.34 0.49 -43.20
CA LEU D 591 -7.06 -0.69 -42.39
C LEU D 591 -7.07 -0.44 -40.90
N MET D 592 -7.16 0.82 -40.47
CA MET D 592 -7.13 1.16 -39.06
C MET D 592 -8.25 2.12 -38.67
N GLY D 593 -9.04 2.60 -39.63
CA GLY D 593 -10.20 3.40 -39.28
C GLY D 593 -11.28 2.56 -38.63
N ASP D 594 -12.13 3.24 -37.86
CA ASP D 594 -13.13 2.54 -37.06
C ASP D 594 -14.33 2.05 -37.87
N ASN D 595 -14.43 2.43 -39.14
CA ASN D 595 -15.49 1.90 -40.00
C ASN D 595 -15.22 0.43 -40.32
N ALA D 596 -16.22 -0.41 -40.08
CA ALA D 596 -16.09 -1.83 -40.36
C ALA D 596 -16.29 -2.17 -41.84
N ASP D 597 -16.85 -1.23 -42.62
CA ASP D 597 -17.17 -1.53 -44.01
C ASP D 597 -15.91 -1.59 -44.86
N LEU D 598 -14.85 -0.87 -44.43
CA LEU D 598 -13.54 -0.95 -45.05
C LEU D 598 -12.99 -2.36 -44.91
N ARG D 599 -13.19 -2.95 -43.73
CA ARG D 599 -12.83 -4.34 -43.52
C ARG D 599 -13.84 -5.28 -44.18
N LYS D 600 -15.03 -4.78 -44.56
CA LYS D 600 -15.99 -5.64 -45.25
C LYS D 600 -15.62 -5.86 -46.71
N GLU D 601 -15.60 -4.79 -47.54
CA GLU D 601 -15.19 -5.07 -48.93
C GLU D 601 -13.68 -5.08 -49.11
N TRP D 602 -12.89 -4.86 -48.06
CA TRP D 602 -11.45 -5.12 -48.20
C TRP D 602 -11.16 -6.61 -48.26
N MET D 603 -11.89 -7.44 -47.52
CA MET D 603 -11.65 -8.88 -47.57
C MET D 603 -12.40 -9.58 -48.71
N SER D 604 -13.22 -8.85 -49.47
CA SER D 604 -14.09 -9.46 -50.46
C SER D 604 -13.48 -9.46 -51.87
N GLN D 605 -12.17 -9.54 -51.96
CA GLN D 605 -11.49 -9.49 -53.26
C GLN D 605 -10.39 -10.54 -53.35
#